data_1GCS
# 
_entry.id   1GCS 
# 
_audit_conform.dict_name       mmcif_pdbx.dic 
_audit_conform.dict_version    5.385 
_audit_conform.dict_location   http://mmcif.pdb.org/dictionaries/ascii/mmcif_pdbx.dic 
# 
loop_
_database_2.database_id 
_database_2.database_code 
_database_2.pdbx_database_accession 
_database_2.pdbx_DOI 
PDB   1GCS         pdb_00001gcs 10.2210/pdb1gcs/pdb 
WWPDB D_1000173524 ?            ?                   
# 
loop_
_pdbx_audit_revision_history.ordinal 
_pdbx_audit_revision_history.data_content_type 
_pdbx_audit_revision_history.major_revision 
_pdbx_audit_revision_history.minor_revision 
_pdbx_audit_revision_history.revision_date 
1 'Structure model' 1 0 1994-04-30 
2 'Structure model' 1 1 2008-03-03 
3 'Structure model' 1 2 2011-07-13 
4 'Structure model' 1 3 2024-02-07 
# 
_pdbx_audit_revision_details.ordinal             1 
_pdbx_audit_revision_details.revision_ordinal    1 
_pdbx_audit_revision_details.data_content_type   'Structure model' 
_pdbx_audit_revision_details.provider            repository 
_pdbx_audit_revision_details.type                'Initial release' 
_pdbx_audit_revision_details.description         ? 
_pdbx_audit_revision_details.details             ? 
# 
loop_
_pdbx_audit_revision_group.ordinal 
_pdbx_audit_revision_group.revision_ordinal 
_pdbx_audit_revision_group.data_content_type 
_pdbx_audit_revision_group.group 
1 2 'Structure model' 'Version format compliance' 
2 3 'Structure model' 'Version format compliance' 
3 4 'Structure model' 'Data collection'           
4 4 'Structure model' 'Database references'       
5 4 'Structure model' Other                       
# 
loop_
_pdbx_audit_revision_category.ordinal 
_pdbx_audit_revision_category.revision_ordinal 
_pdbx_audit_revision_category.data_content_type 
_pdbx_audit_revision_category.category 
1 4 'Structure model' chem_comp_atom       
2 4 'Structure model' chem_comp_bond       
3 4 'Structure model' database_2           
4 4 'Structure model' pdbx_database_status 
# 
loop_
_pdbx_audit_revision_item.ordinal 
_pdbx_audit_revision_item.revision_ordinal 
_pdbx_audit_revision_item.data_content_type 
_pdbx_audit_revision_item.item 
1 4 'Structure model' '_database_2.pdbx_DOI'                
2 4 'Structure model' '_database_2.pdbx_database_accession' 
3 4 'Structure model' '_pdbx_database_status.process_site'  
# 
_pdbx_database_status.status_code                     REL 
_pdbx_database_status.entry_id                        1GCS 
_pdbx_database_status.recvd_initial_deposition_date   1994-01-27 
_pdbx_database_status.deposit_site                    ? 
_pdbx_database_status.process_site                    BNL 
_pdbx_database_status.status_code_sf                  REL 
_pdbx_database_status.status_code_mr                  ? 
_pdbx_database_status.SG_entry                        ? 
_pdbx_database_status.pdb_format_compatible           Y 
_pdbx_database_status.status_code_cs                  ? 
_pdbx_database_status.status_code_nmr_data            ? 
_pdbx_database_status.methods_development_category    ? 
# 
loop_
_audit_author.name 
_audit_author.pdbx_ordinal 
'Najmudin, S.'    1 
'Lindley, P.'     2 
'Slingsby, C.'    3 
'Bateman, O.'     4 
'Myles, D.'       5 
'Kumaraswamy, S.' 6 
'Glover, I.'      7 
# 
loop_
_citation.id 
_citation.title 
_citation.journal_abbrev 
_citation.journal_volume 
_citation.page_first 
_citation.page_last 
_citation.year 
_citation.journal_id_ASTM 
_citation.country 
_citation.journal_id_ISSN 
_citation.journal_id_CSD 
_citation.book_publisher 
_citation.pdbx_database_id_PubMed 
_citation.pdbx_database_id_DOI 
primary 'Structure of the Bovine Gamma-B Crystallin at 150K'                                           
'J.CHEM.SOC.,FARADAY TRANS.' 89  2677 ? 1993 JACSAT US 0002-7863 0004 ? -1 ? 
1       'Lindley Structure of Bovine Gamma-B (Gamma-II) Crystallin at 1.47 Angstroms Resolution'       'Acta Crystallogr.,Sect.D' 
49  223  ? 1993 ABCRE6 DK 0907-4449 0766 ? ?  ? 
2       'X-Ray Studies of the Lens Specific Proteins, the Crystallins'                                 'Pept.Protein Rev.' 3   147 
? 1984 PPRVDF US 0731-1753 0882 ? ?  ? 
3       'X-Ray Analysis of the Eye Lens Protein Gamma-II Crystallin at 1.9 Angstroms Resolution'       J.Mol.Biol. 170 175  ? 1983 
JMOBAK UK 0022-2836 0070 ? ?  ? 
4       'The Molecular Structure and Stability of the Eye Lens: X-Ray Analysis of Gamma Crystallin II' Nature 289 771  ? 1981 
NATUAS UK 0028-0836 0006 ? ?  ? 
# 
loop_
_citation_author.citation_id 
_citation_author.name 
_citation_author.ordinal 
_citation_author.identifier_ORCID 
primary 'Lindley, P.F.'    1  ? 
primary 'Najmudin, S.'     2  ? 
primary 'Bateman, O.'      3  ? 
primary 'Slingsby, C.'     4  ? 
primary 'Myles, D.'        5  ? 
primary 'Kumaraswamy, S.'  6  ? 
primary 'Glover, I.'       7  ? 
1       'Najmudin, S.'     8  ? 
1       'Nalini, V.'       9  ? 
1       'Driessen, H.P.C.' 10 ? 
1       'Slingsby, C.'     11 ? 
1       'Blundell, T.L.'   12 ? 
1       'Moss, D.S.'       13 ? 
1       'Lindley, P.F.'    14 ? 
2       'Summers, L.'      15 ? 
2       'Wistow, G.'       16 ? 
2       'Narebor, M.'      17 ? 
2       'Moss, D.'         18 ? 
2       'Lindley, P.'      19 ? 
2       'Slingsby, C.'     20 ? 
2       'Blundell, T.'     21 ? 
2       'Bartunik, H.'     22 ? 
2       'Bartels, K.'      23 ? 
3       'Wistow, G.'       24 ? 
3       'Turnell, B.'      25 ? 
3       'Summers, L.'      26 ? 
3       'Slingsby, C.'     27 ? 
3       'Moss, D.'         28 ? 
3       'Miller, L.'       29 ? 
3       'Lindley, P.'      30 ? 
3       'Blundell, T.'     31 ? 
4       'Blundell, T.'     32 ? 
4       'Lindley, P.'      33 ? 
4       'Miller, L.'       34 ? 
4       'Moss, D.'         35 ? 
4       'Slingsby, C.'     36 ? 
4       'Tickle, I.'       37 ? 
4       'Turnell, B.'      38 ? 
4       'Wistow, G.'       39 ? 
# 
loop_
_entity.id 
_entity.type 
_entity.src_method 
_entity.pdbx_description 
_entity.formula_weight 
_entity.pdbx_number_of_molecules 
_entity.pdbx_ec 
_entity.pdbx_mutation 
_entity.pdbx_fragment 
_entity.details 
1 polymer man 'GAMMA-B CRYSTALLIN' 20992.559 1   ? ? ? ? 
2 water   nat water                18.015    255 ? ? ? ? 
# 
_entity_poly.entity_id                      1 
_entity_poly.type                           'polypeptide(L)' 
_entity_poly.nstd_linkage                   no 
_entity_poly.nstd_monomer                   no 
_entity_poly.pdbx_seq_one_letter_code       
;GKITFYEDRGFQGHCYECSSDCPNLQPYFSRCNSIRVDSGCWMLYERPNYQGHQYFLRRGDYPDYQQWMGFNDSIRSCRL
IPQHTGTFRMRIYERDDFRGQMSEITDDCPSLQDRFHLTEVHSLNVLEGSWVLYEMPSYRGRQYLLRPGEYRRYLDWGAM
NAKVGSLRRVMDFY
;
_entity_poly.pdbx_seq_one_letter_code_can   
;GKITFYEDRGFQGHCYECSSDCPNLQPYFSRCNSIRVDSGCWMLYERPNYQGHQYFLRRGDYPDYQQWMGFNDSIRSCRL
IPQHTGTFRMRIYERDDFRGQMSEITDDCPSLQDRFHLTEVHSLNVLEGSWVLYEMPSYRGRQYLLRPGEYRRYLDWGAM
NAKVGSLRRVMDFY
;
_entity_poly.pdbx_strand_id                 A 
_entity_poly.pdbx_target_identifier         ? 
# 
_pdbx_entity_nonpoly.entity_id   2 
_pdbx_entity_nonpoly.name        water 
_pdbx_entity_nonpoly.comp_id     HOH 
# 
loop_
_entity_poly_seq.entity_id 
_entity_poly_seq.num 
_entity_poly_seq.mon_id 
_entity_poly_seq.hetero 
1 1   GLY n 
1 2   LYS n 
1 3   ILE n 
1 4   THR n 
1 5   PHE n 
1 6   TYR n 
1 7   GLU n 
1 8   ASP n 
1 9   ARG n 
1 10  GLY n 
1 11  PHE n 
1 12  GLN n 
1 13  GLY n 
1 14  HIS n 
1 15  CYS n 
1 16  TYR n 
1 17  GLU n 
1 18  CYS n 
1 19  SER n 
1 20  SER n 
1 21  ASP n 
1 22  CYS n 
1 23  PRO n 
1 24  ASN n 
1 25  LEU n 
1 26  GLN n 
1 27  PRO n 
1 28  TYR n 
1 29  PHE n 
1 30  SER n 
1 31  ARG n 
1 32  CYS n 
1 33  ASN n 
1 34  SER n 
1 35  ILE n 
1 36  ARG n 
1 37  VAL n 
1 38  ASP n 
1 39  SER n 
1 40  GLY n 
1 41  CYS n 
1 42  TRP n 
1 43  MET n 
1 44  LEU n 
1 45  TYR n 
1 46  GLU n 
1 47  ARG n 
1 48  PRO n 
1 49  ASN n 
1 50  TYR n 
1 51  GLN n 
1 52  GLY n 
1 53  HIS n 
1 54  GLN n 
1 55  TYR n 
1 56  PHE n 
1 57  LEU n 
1 58  ARG n 
1 59  ARG n 
1 60  GLY n 
1 61  ASP n 
1 62  TYR n 
1 63  PRO n 
1 64  ASP n 
1 65  TYR n 
1 66  GLN n 
1 67  GLN n 
1 68  TRP n 
1 69  MET n 
1 70  GLY n 
1 71  PHE n 
1 72  ASN n 
1 73  ASP n 
1 74  SER n 
1 75  ILE n 
1 76  ARG n 
1 77  SER n 
1 78  CYS n 
1 79  ARG n 
1 80  LEU n 
1 81  ILE n 
1 82  PRO n 
1 83  GLN n 
1 84  HIS n 
1 85  THR n 
1 86  GLY n 
1 87  THR n 
1 88  PHE n 
1 89  ARG n 
1 90  MET n 
1 91  ARG n 
1 92  ILE n 
1 93  TYR n 
1 94  GLU n 
1 95  ARG n 
1 96  ASP n 
1 97  ASP n 
1 98  PHE n 
1 99  ARG n 
1 100 GLY n 
1 101 GLN n 
1 102 MET n 
1 103 SER n 
1 104 GLU n 
1 105 ILE n 
1 106 THR n 
1 107 ASP n 
1 108 ASP n 
1 109 CYS n 
1 110 PRO n 
1 111 SER n 
1 112 LEU n 
1 113 GLN n 
1 114 ASP n 
1 115 ARG n 
1 116 PHE n 
1 117 HIS n 
1 118 LEU n 
1 119 THR n 
1 120 GLU n 
1 121 VAL n 
1 122 HIS n 
1 123 SER n 
1 124 LEU n 
1 125 ASN n 
1 126 VAL n 
1 127 LEU n 
1 128 GLU n 
1 129 GLY n 
1 130 SER n 
1 131 TRP n 
1 132 VAL n 
1 133 LEU n 
1 134 TYR n 
1 135 GLU n 
1 136 MET n 
1 137 PRO n 
1 138 SER n 
1 139 TYR n 
1 140 ARG n 
1 141 GLY n 
1 142 ARG n 
1 143 GLN n 
1 144 TYR n 
1 145 LEU n 
1 146 LEU n 
1 147 ARG n 
1 148 PRO n 
1 149 GLY n 
1 150 GLU n 
1 151 TYR n 
1 152 ARG n 
1 153 ARG n 
1 154 TYR n 
1 155 LEU n 
1 156 ASP n 
1 157 TRP n 
1 158 GLY n 
1 159 ALA n 
1 160 MET n 
1 161 ASN n 
1 162 ALA n 
1 163 LYS n 
1 164 VAL n 
1 165 GLY n 
1 166 SER n 
1 167 LEU n 
1 168 ARG n 
1 169 ARG n 
1 170 VAL n 
1 171 MET n 
1 172 ASP n 
1 173 PHE n 
1 174 TYR n 
# 
_entity_src_gen.entity_id                          1 
_entity_src_gen.pdbx_src_id                        1 
_entity_src_gen.pdbx_alt_source_flag               sample 
_entity_src_gen.pdbx_seq_type                      ? 
_entity_src_gen.pdbx_beg_seq_num                   ? 
_entity_src_gen.pdbx_end_seq_num                   ? 
_entity_src_gen.gene_src_common_name               cattle 
_entity_src_gen.gene_src_genus                     Bos 
_entity_src_gen.pdbx_gene_src_gene                 ? 
_entity_src_gen.gene_src_species                   ? 
_entity_src_gen.gene_src_strain                    ? 
_entity_src_gen.gene_src_tissue                    ? 
_entity_src_gen.gene_src_tissue_fraction           ? 
_entity_src_gen.gene_src_details                   ? 
_entity_src_gen.pdbx_gene_src_fragment             ? 
_entity_src_gen.pdbx_gene_src_scientific_name      'Bos taurus' 
_entity_src_gen.pdbx_gene_src_ncbi_taxonomy_id     9913 
_entity_src_gen.pdbx_gene_src_variant              ? 
_entity_src_gen.pdbx_gene_src_cell_line            ? 
_entity_src_gen.pdbx_gene_src_atcc                 ? 
_entity_src_gen.pdbx_gene_src_organ                ? 
_entity_src_gen.pdbx_gene_src_organelle            ? 
_entity_src_gen.pdbx_gene_src_cell                 ? 
_entity_src_gen.pdbx_gene_src_cellular_location    ? 
_entity_src_gen.host_org_common_name               ? 
_entity_src_gen.pdbx_host_org_scientific_name      ? 
_entity_src_gen.pdbx_host_org_ncbi_taxonomy_id     ? 
_entity_src_gen.host_org_genus                     ? 
_entity_src_gen.pdbx_host_org_gene                 ? 
_entity_src_gen.pdbx_host_org_organ                ? 
_entity_src_gen.host_org_species                   ? 
_entity_src_gen.pdbx_host_org_tissue               ? 
_entity_src_gen.pdbx_host_org_tissue_fraction      ? 
_entity_src_gen.pdbx_host_org_strain               ? 
_entity_src_gen.pdbx_host_org_variant              ? 
_entity_src_gen.pdbx_host_org_cell_line            ? 
_entity_src_gen.pdbx_host_org_atcc                 ? 
_entity_src_gen.pdbx_host_org_culture_collection   ? 
_entity_src_gen.pdbx_host_org_cell                 ? 
_entity_src_gen.pdbx_host_org_organelle            ? 
_entity_src_gen.pdbx_host_org_cellular_location    ? 
_entity_src_gen.pdbx_host_org_vector_type          ? 
_entity_src_gen.pdbx_host_org_vector               ? 
_entity_src_gen.host_org_details                   ? 
_entity_src_gen.expression_system_id               ? 
_entity_src_gen.plasmid_name                       ? 
_entity_src_gen.plasmid_details                    ? 
_entity_src_gen.pdbx_description                   ? 
# 
loop_
_chem_comp.id 
_chem_comp.type 
_chem_comp.mon_nstd_flag 
_chem_comp.name 
_chem_comp.pdbx_synonyms 
_chem_comp.formula 
_chem_comp.formula_weight 
ALA 'L-peptide linking' y ALANINE         ? 'C3 H7 N O2'     89.093  
ARG 'L-peptide linking' y ARGININE        ? 'C6 H15 N4 O2 1' 175.209 
ASN 'L-peptide linking' y ASPARAGINE      ? 'C4 H8 N2 O3'    132.118 
ASP 'L-peptide linking' y 'ASPARTIC ACID' ? 'C4 H7 N O4'     133.103 
CYS 'L-peptide linking' y CYSTEINE        ? 'C3 H7 N O2 S'   121.158 
GLN 'L-peptide linking' y GLUTAMINE       ? 'C5 H10 N2 O3'   146.144 
GLU 'L-peptide linking' y 'GLUTAMIC ACID' ? 'C5 H9 N O4'     147.129 
GLY 'peptide linking'   y GLYCINE         ? 'C2 H5 N O2'     75.067  
HIS 'L-peptide linking' y HISTIDINE       ? 'C6 H10 N3 O2 1' 156.162 
HOH non-polymer         . WATER           ? 'H2 O'           18.015  
ILE 'L-peptide linking' y ISOLEUCINE      ? 'C6 H13 N O2'    131.173 
LEU 'L-peptide linking' y LEUCINE         ? 'C6 H13 N O2'    131.173 
LYS 'L-peptide linking' y LYSINE          ? 'C6 H15 N2 O2 1' 147.195 
MET 'L-peptide linking' y METHIONINE      ? 'C5 H11 N O2 S'  149.211 
PHE 'L-peptide linking' y PHENYLALANINE   ? 'C9 H11 N O2'    165.189 
PRO 'L-peptide linking' y PROLINE         ? 'C5 H9 N O2'     115.130 
SER 'L-peptide linking' y SERINE          ? 'C3 H7 N O3'     105.093 
THR 'L-peptide linking' y THREONINE       ? 'C4 H9 N O3'     119.119 
TRP 'L-peptide linking' y TRYPTOPHAN      ? 'C11 H12 N2 O2'  204.225 
TYR 'L-peptide linking' y TYROSINE        ? 'C9 H11 N O3'    181.189 
VAL 'L-peptide linking' y VALINE          ? 'C5 H11 N O2'    117.146 
# 
loop_
_pdbx_poly_seq_scheme.asym_id 
_pdbx_poly_seq_scheme.entity_id 
_pdbx_poly_seq_scheme.seq_id 
_pdbx_poly_seq_scheme.mon_id 
_pdbx_poly_seq_scheme.ndb_seq_num 
_pdbx_poly_seq_scheme.pdb_seq_num 
_pdbx_poly_seq_scheme.auth_seq_num 
_pdbx_poly_seq_scheme.pdb_mon_id 
_pdbx_poly_seq_scheme.auth_mon_id 
_pdbx_poly_seq_scheme.pdb_strand_id 
_pdbx_poly_seq_scheme.pdb_ins_code 
_pdbx_poly_seq_scheme.hetero 
A 1 1   GLY 1   1   1   GLY GLY A . n 
A 1 2   LYS 2   2   2   LYS LYS A . n 
A 1 3   ILE 3   3   3   ILE ILE A . n 
A 1 4   THR 4   4   4   THR THR A . n 
A 1 5   PHE 5   5   5   PHE PHE A . n 
A 1 6   TYR 6   6   6   TYR TYR A . n 
A 1 7   GLU 7   7   7   GLU GLU A . n 
A 1 8   ASP 8   8   8   ASP ASP A . n 
A 1 9   ARG 9   9   9   ARG ARG A . n 
A 1 10  GLY 10  10  10  GLY GLY A . n 
A 1 11  PHE 11  11  11  PHE PHE A . n 
A 1 12  GLN 12  12  12  GLN GLN A . n 
A 1 13  GLY 13  13  13  GLY GLY A . n 
A 1 14  HIS 14  14  14  HIS HIS A . n 
A 1 15  CYS 15  15  15  CYS CYS A . n 
A 1 16  TYR 16  16  16  TYR TYR A . n 
A 1 17  GLU 17  17  17  GLU GLU A . n 
A 1 18  CYS 18  18  18  CYS CYS A . n 
A 1 19  SER 19  19  19  SER SER A . n 
A 1 20  SER 20  20  20  SER SER A . n 
A 1 21  ASP 21  21  21  ASP ASP A . n 
A 1 22  CYS 22  22  22  CYS CYS A . n 
A 1 23  PRO 23  23  23  PRO PRO A . n 
A 1 24  ASN 24  24  24  ASN ASN A . n 
A 1 25  LEU 25  25  25  LEU LEU A . n 
A 1 26  GLN 26  26  26  GLN GLN A . n 
A 1 27  PRO 27  27  27  PRO PRO A . n 
A 1 28  TYR 28  28  28  TYR TYR A . n 
A 1 29  PHE 29  29  29  PHE PHE A . n 
A 1 30  SER 30  30  30  SER SER A . n 
A 1 31  ARG 31  31  31  ARG ARG A . n 
A 1 32  CYS 32  32  32  CYS CYS A . n 
A 1 33  ASN 33  33  33  ASN ASN A . n 
A 1 34  SER 34  34  34  SER SER A . n 
A 1 35  ILE 35  35  35  ILE ILE A . n 
A 1 36  ARG 36  36  36  ARG ARG A . n 
A 1 37  VAL 37  37  37  VAL VAL A . n 
A 1 38  ASP 38  38  38  ASP ASP A . n 
A 1 39  SER 39  39  39  SER SER A . n 
A 1 40  GLY 40  40  40  GLY GLY A . n 
A 1 41  CYS 41  41  41  CYS CYS A . n 
A 1 42  TRP 42  42  42  TRP TRP A . n 
A 1 43  MET 43  43  43  MET MET A . n 
A 1 44  LEU 44  44  44  LEU LEU A . n 
A 1 45  TYR 45  45  45  TYR TYR A . n 
A 1 46  GLU 46  46  46  GLU GLU A . n 
A 1 47  ARG 47  47  47  ARG ARG A . n 
A 1 48  PRO 48  48  48  PRO PRO A . n 
A 1 49  ASN 49  49  49  ASN ASN A . n 
A 1 50  TYR 50  50  50  TYR TYR A . n 
A 1 51  GLN 51  51  51  GLN GLN A . n 
A 1 52  GLY 52  52  52  GLY GLY A . n 
A 1 53  HIS 53  53  53  HIS HIS A . n 
A 1 54  GLN 54  54  54  GLN GLN A . n 
A 1 55  TYR 55  55  55  TYR TYR A . n 
A 1 56  PHE 56  56  56  PHE PHE A . n 
A 1 57  LEU 57  57  57  LEU LEU A . n 
A 1 58  ARG 58  58  58  ARG ARG A . n 
A 1 59  ARG 59  59  59  ARG ARG A . n 
A 1 60  GLY 60  60  60  GLY GLY A . n 
A 1 61  ASP 61  61  61  ASP ASP A . n 
A 1 62  TYR 62  62  62  TYR TYR A . n 
A 1 63  PRO 63  63  63  PRO PRO A . n 
A 1 64  ASP 64  64  64  ASP ASP A . n 
A 1 65  TYR 65  65  65  TYR TYR A . n 
A 1 66  GLN 66  66  66  GLN GLN A . n 
A 1 67  GLN 67  67  67  GLN GLN A . n 
A 1 68  TRP 68  68  68  TRP TRP A . n 
A 1 69  MET 69  69  69  MET MET A . n 
A 1 70  GLY 70  70  70  GLY GLY A . n 
A 1 71  PHE 71  71  71  PHE PHE A . n 
A 1 72  ASN 72  72  72  ASN ASN A . n 
A 1 73  ASP 73  73  73  ASP ASP A . n 
A 1 74  SER 74  74  74  SER SER A . n 
A 1 75  ILE 75  75  75  ILE ILE A . n 
A 1 76  ARG 76  76  76  ARG ARG A . n 
A 1 77  SER 77  77  77  SER SER A . n 
A 1 78  CYS 78  78  78  CYS CYS A . n 
A 1 79  ARG 79  79  79  ARG ARG A . n 
A 1 80  LEU 80  80  80  LEU LEU A . n 
A 1 81  ILE 81  81  81  ILE ILE A . n 
A 1 82  PRO 82  82  82  PRO PRO A . n 
A 1 83  GLN 83  83  83  GLN GLN A . n 
A 1 84  HIS 84  84  84  HIS HIS A . n 
A 1 85  THR 85  85  85  THR THR A . n 
A 1 86  GLY 86  86  86  GLY GLY A . n 
A 1 87  THR 87  87  87  THR THR A . n 
A 1 88  PHE 88  88  88  PHE PHE A . n 
A 1 89  ARG 89  89  89  ARG ARG A . n 
A 1 90  MET 90  90  90  MET MET A . n 
A 1 91  ARG 91  91  91  ARG ARG A . n 
A 1 92  ILE 92  92  92  ILE ILE A . n 
A 1 93  TYR 93  93  93  TYR TYR A . n 
A 1 94  GLU 94  94  94  GLU GLU A . n 
A 1 95  ARG 95  95  95  ARG ARG A . n 
A 1 96  ASP 96  96  96  ASP ASP A . n 
A 1 97  ASP 97  97  97  ASP ASP A . n 
A 1 98  PHE 98  98  98  PHE PHE A . n 
A 1 99  ARG 99  99  99  ARG ARG A . n 
A 1 100 GLY 100 100 100 GLY GLY A . n 
A 1 101 GLN 101 101 101 GLN GLN A . n 
A 1 102 MET 102 102 102 MET MET A . n 
A 1 103 SER 103 103 103 SER SER A . n 
A 1 104 GLU 104 104 104 GLU GLU A . n 
A 1 105 ILE 105 105 105 ILE ILE A . n 
A 1 106 THR 106 106 106 THR THR A . n 
A 1 107 ASP 107 107 107 ASP ASP A . n 
A 1 108 ASP 108 108 108 ASP ASP A . n 
A 1 109 CYS 109 109 109 CYS CYS A . n 
A 1 110 PRO 110 110 110 PRO PRO A . n 
A 1 111 SER 111 111 111 SER SER A . n 
A 1 112 LEU 112 112 112 LEU LEU A . n 
A 1 113 GLN 113 113 113 GLN GLN A . n 
A 1 114 ASP 114 114 114 ASP ASP A . n 
A 1 115 ARG 115 115 115 ARG ARG A . n 
A 1 116 PHE 116 116 116 PHE PHE A . n 
A 1 117 HIS 117 117 117 HIS HIS A . n 
A 1 118 LEU 118 118 118 LEU LEU A . n 
A 1 119 THR 119 119 119 THR THR A . n 
A 1 120 GLU 120 120 120 GLU GLU A . n 
A 1 121 VAL 121 121 121 VAL VAL A . n 
A 1 122 HIS 122 122 122 HIS HIS A . n 
A 1 123 SER 123 123 123 SER SER A . n 
A 1 124 LEU 124 124 124 LEU LEU A . n 
A 1 125 ASN 125 125 125 ASN ASN A . n 
A 1 126 VAL 126 126 126 VAL VAL A . n 
A 1 127 LEU 127 127 127 LEU LEU A . n 
A 1 128 GLU 128 128 128 GLU GLU A . n 
A 1 129 GLY 129 129 129 GLY GLY A . n 
A 1 130 SER 130 130 130 SER SER A . n 
A 1 131 TRP 131 131 131 TRP TRP A . n 
A 1 132 VAL 132 132 132 VAL VAL A . n 
A 1 133 LEU 133 133 133 LEU LEU A . n 
A 1 134 TYR 134 134 134 TYR TYR A . n 
A 1 135 GLU 135 135 135 GLU GLU A . n 
A 1 136 MET 136 136 136 MET MET A . n 
A 1 137 PRO 137 137 137 PRO PRO A . n 
A 1 138 SER 138 138 138 SER SER A . n 
A 1 139 TYR 139 139 139 TYR TYR A . n 
A 1 140 ARG 140 140 140 ARG ARG A . n 
A 1 141 GLY 141 141 141 GLY GLY A . n 
A 1 142 ARG 142 142 142 ARG ARG A . n 
A 1 143 GLN 143 143 143 GLN GLN A . n 
A 1 144 TYR 144 144 144 TYR TYR A . n 
A 1 145 LEU 145 145 145 LEU LEU A . n 
A 1 146 LEU 146 146 146 LEU LEU A . n 
A 1 147 ARG 147 147 147 ARG ARG A . n 
A 1 148 PRO 148 148 148 PRO PRO A . n 
A 1 149 GLY 149 149 149 GLY GLY A . n 
A 1 150 GLU 150 150 150 GLU GLU A . n 
A 1 151 TYR 151 151 151 TYR TYR A . n 
A 1 152 ARG 152 152 152 ARG ARG A . n 
A 1 153 ARG 153 153 153 ARG ARG A . n 
A 1 154 TYR 154 154 154 TYR TYR A . n 
A 1 155 LEU 155 155 155 LEU LEU A . n 
A 1 156 ASP 156 156 156 ASP ASP A . n 
A 1 157 TRP 157 157 157 TRP TRP A . n 
A 1 158 GLY 158 158 158 GLY GLY A . n 
A 1 159 ALA 159 159 159 ALA ALA A . n 
A 1 160 MET 160 160 160 MET MET A . n 
A 1 161 ASN 161 161 161 ASN ASN A . n 
A 1 162 ALA 162 162 162 ALA ALA A . n 
A 1 163 LYS 163 163 163 LYS LYS A . n 
A 1 164 VAL 164 164 164 VAL VAL A . n 
A 1 165 GLY 165 165 165 GLY GLY A . n 
A 1 166 SER 166 166 166 SER SER A . n 
A 1 167 LEU 167 167 167 LEU LEU A . n 
A 1 168 ARG 168 168 168 ARG ARG A . n 
A 1 169 ARG 169 169 169 ARG ARG A . n 
A 1 170 VAL 170 170 170 VAL VAL A . n 
A 1 171 MET 171 171 171 MET MET A . n 
A 1 172 ASP 172 172 172 ASP ASP A . n 
A 1 173 PHE 173 173 173 PHE PHE A . n 
A 1 174 TYR 174 174 174 TYR TYR A . n 
# 
loop_
_pdbx_nonpoly_scheme.asym_id 
_pdbx_nonpoly_scheme.entity_id 
_pdbx_nonpoly_scheme.mon_id 
_pdbx_nonpoly_scheme.ndb_seq_num 
_pdbx_nonpoly_scheme.pdb_seq_num 
_pdbx_nonpoly_scheme.auth_seq_num 
_pdbx_nonpoly_scheme.pdb_mon_id 
_pdbx_nonpoly_scheme.auth_mon_id 
_pdbx_nonpoly_scheme.pdb_strand_id 
_pdbx_nonpoly_scheme.pdb_ins_code 
B 2 HOH 1   201 201 HOH HOH A . 
B 2 HOH 2   202 202 HOH HOH A . 
B 2 HOH 3   203 203 HOH HOH A . 
B 2 HOH 4   204 204 HOH HOH A . 
B 2 HOH 5   205 205 HOH HOH A . 
B 2 HOH 6   206 206 HOH HOH A . 
B 2 HOH 7   207 207 HOH HOH A . 
B 2 HOH 8   208 208 HOH HOH A . 
B 2 HOH 9   209 209 HOH HOH A . 
B 2 HOH 10  210 210 HOH HOH A . 
B 2 HOH 11  211 211 HOH HOH A . 
B 2 HOH 12  212 212 HOH HOH A . 
B 2 HOH 13  213 213 HOH HOH A . 
B 2 HOH 14  214 214 HOH HOH A . 
B 2 HOH 15  215 215 HOH HOH A . 
B 2 HOH 16  216 216 HOH HOH A . 
B 2 HOH 17  217 217 HOH HOH A . 
B 2 HOH 18  218 218 HOH HOH A . 
B 2 HOH 19  219 219 HOH HOH A . 
B 2 HOH 20  220 220 HOH HOH A . 
B 2 HOH 21  221 221 HOH HOH A . 
B 2 HOH 22  222 222 HOH HOH A . 
B 2 HOH 23  223 223 HOH HOH A . 
B 2 HOH 24  224 224 HOH HOH A . 
B 2 HOH 25  225 225 HOH HOH A . 
B 2 HOH 26  226 226 HOH HOH A . 
B 2 HOH 27  227 227 HOH HOH A . 
B 2 HOH 28  228 228 HOH HOH A . 
B 2 HOH 29  229 229 HOH HOH A . 
B 2 HOH 30  230 230 HOH HOH A . 
B 2 HOH 31  231 231 HOH HOH A . 
B 2 HOH 32  232 232 HOH HOH A . 
B 2 HOH 33  233 233 HOH HOH A . 
B 2 HOH 34  234 234 HOH HOH A . 
B 2 HOH 35  235 235 HOH HOH A . 
B 2 HOH 36  236 236 HOH HOH A . 
B 2 HOH 37  237 237 HOH HOH A . 
B 2 HOH 38  238 238 HOH HOH A . 
B 2 HOH 39  239 239 HOH HOH A . 
B 2 HOH 40  240 240 HOH HOH A . 
B 2 HOH 41  241 241 HOH HOH A . 
B 2 HOH 42  242 242 HOH HOH A . 
B 2 HOH 43  243 243 HOH HOH A . 
B 2 HOH 44  244 244 HOH HOH A . 
B 2 HOH 45  245 245 HOH HOH A . 
B 2 HOH 46  246 246 HOH HOH A . 
B 2 HOH 47  247 247 HOH HOH A . 
B 2 HOH 48  248 248 HOH HOH A . 
B 2 HOH 49  249 249 HOH HOH A . 
B 2 HOH 50  250 250 HOH HOH A . 
B 2 HOH 51  251 251 HOH HOH A . 
B 2 HOH 52  252 252 HOH HOH A . 
B 2 HOH 53  253 253 HOH HOH A . 
B 2 HOH 54  254 254 HOH HOH A . 
B 2 HOH 55  255 255 HOH HOH A . 
B 2 HOH 56  256 256 HOH HOH A . 
B 2 HOH 57  257 257 HOH HOH A . 
B 2 HOH 58  258 258 HOH HOH A . 
B 2 HOH 59  259 259 HOH HOH A . 
B 2 HOH 60  260 260 HOH HOH A . 
B 2 HOH 61  261 261 HOH HOH A . 
B 2 HOH 62  262 262 HOH HOH A . 
B 2 HOH 63  263 263 HOH HOH A . 
B 2 HOH 64  264 264 HOH HOH A . 
B 2 HOH 65  265 265 HOH HOH A . 
B 2 HOH 66  266 266 HOH HOH A . 
B 2 HOH 67  267 267 HOH HOH A . 
B 2 HOH 68  268 268 HOH HOH A . 
B 2 HOH 69  269 269 HOH HOH A . 
B 2 HOH 70  270 270 HOH HOH A . 
B 2 HOH 71  271 271 HOH HOH A . 
B 2 HOH 72  272 272 HOH HOH A . 
B 2 HOH 73  273 273 HOH HOH A . 
B 2 HOH 74  274 274 HOH HOH A . 
B 2 HOH 75  275 275 HOH HOH A . 
B 2 HOH 76  276 276 HOH HOH A . 
B 2 HOH 77  277 277 HOH HOH A . 
B 2 HOH 78  278 278 HOH HOH A . 
B 2 HOH 79  279 279 HOH HOH A . 
B 2 HOH 80  280 280 HOH HOH A . 
B 2 HOH 81  281 281 HOH HOH A . 
B 2 HOH 82  282 282 HOH HOH A . 
B 2 HOH 83  283 283 HOH HOH A . 
B 2 HOH 84  284 284 HOH HOH A . 
B 2 HOH 85  285 285 HOH HOH A . 
B 2 HOH 86  286 286 HOH HOH A . 
B 2 HOH 87  287 287 HOH HOH A . 
B 2 HOH 88  288 288 HOH HOH A . 
B 2 HOH 89  289 289 HOH HOH A . 
B 2 HOH 90  290 290 HOH HOH A . 
B 2 HOH 91  291 291 HOH HOH A . 
B 2 HOH 92  292 292 HOH HOH A . 
B 2 HOH 93  293 293 HOH HOH A . 
B 2 HOH 94  294 294 HOH HOH A . 
B 2 HOH 95  295 295 HOH HOH A . 
B 2 HOH 96  296 296 HOH HOH A . 
B 2 HOH 97  297 297 HOH HOH A . 
B 2 HOH 98  298 298 HOH HOH A . 
B 2 HOH 99  299 299 HOH HOH A . 
B 2 HOH 100 300 300 HOH HOH A . 
B 2 HOH 101 301 301 HOH HOH A . 
B 2 HOH 102 302 302 HOH HOH A . 
B 2 HOH 103 303 303 HOH HOH A . 
B 2 HOH 104 304 304 HOH HOH A . 
B 2 HOH 105 305 305 HOH HOH A . 
B 2 HOH 106 306 306 HOH HOH A . 
B 2 HOH 107 307 307 HOH HOH A . 
B 2 HOH 108 308 308 HOH HOH A . 
B 2 HOH 109 309 309 HOH HOH A . 
B 2 HOH 110 310 310 HOH HOH A . 
B 2 HOH 111 311 311 HOH HOH A . 
B 2 HOH 112 312 312 HOH HOH A . 
B 2 HOH 113 313 313 HOH HOH A . 
B 2 HOH 114 314 314 HOH HOH A . 
B 2 HOH 115 315 315 HOH HOH A . 
B 2 HOH 116 316 316 HOH HOH A . 
B 2 HOH 117 317 317 HOH HOH A . 
B 2 HOH 118 318 318 HOH HOH A . 
B 2 HOH 119 319 319 HOH HOH A . 
B 2 HOH 120 320 320 HOH HOH A . 
B 2 HOH 121 321 321 HOH HOH A . 
B 2 HOH 122 322 322 HOH HOH A . 
B 2 HOH 123 323 323 HOH HOH A . 
B 2 HOH 124 324 324 HOH HOH A . 
B 2 HOH 125 325 325 HOH HOH A . 
B 2 HOH 126 326 326 HOH HOH A . 
B 2 HOH 127 327 327 HOH HOH A . 
B 2 HOH 128 328 328 HOH HOH A . 
B 2 HOH 129 329 329 HOH HOH A . 
B 2 HOH 130 330 330 HOH HOH A . 
B 2 HOH 131 331 331 HOH HOH A . 
B 2 HOH 132 332 332 HOH HOH A . 
B 2 HOH 133 333 333 HOH HOH A . 
B 2 HOH 134 334 334 HOH HOH A . 
B 2 HOH 135 335 335 HOH HOH A . 
B 2 HOH 136 336 336 HOH HOH A . 
B 2 HOH 137 337 337 HOH HOH A . 
B 2 HOH 138 338 338 HOH HOH A . 
B 2 HOH 139 339 339 HOH HOH A . 
B 2 HOH 140 340 340 HOH HOH A . 
B 2 HOH 141 341 341 HOH HOH A . 
B 2 HOH 142 342 342 HOH HOH A . 
B 2 HOH 143 343 343 HOH HOH A . 
B 2 HOH 144 344 344 HOH HOH A . 
B 2 HOH 145 345 345 HOH HOH A . 
B 2 HOH 146 346 346 HOH HOH A . 
B 2 HOH 147 347 347 HOH HOH A . 
B 2 HOH 148 348 348 HOH HOH A . 
B 2 HOH 149 349 349 HOH HOH A . 
B 2 HOH 150 350 350 HOH HOH A . 
B 2 HOH 151 351 351 HOH HOH A . 
B 2 HOH 152 352 352 HOH HOH A . 
B 2 HOH 153 353 353 HOH HOH A . 
B 2 HOH 154 354 354 HOH HOH A . 
B 2 HOH 155 355 355 HOH HOH A . 
B 2 HOH 156 356 356 HOH HOH A . 
B 2 HOH 157 357 357 HOH HOH A . 
B 2 HOH 158 358 358 HOH HOH A . 
B 2 HOH 159 359 359 HOH HOH A . 
B 2 HOH 160 360 360 HOH HOH A . 
B 2 HOH 161 361 361 HOH HOH A . 
B 2 HOH 162 362 362 HOH HOH A . 
B 2 HOH 163 363 363 HOH HOH A . 
B 2 HOH 164 364 364 HOH HOH A . 
B 2 HOH 165 365 365 HOH HOH A . 
B 2 HOH 166 366 366 HOH HOH A . 
B 2 HOH 167 367 367 HOH HOH A . 
B 2 HOH 168 368 368 HOH HOH A . 
B 2 HOH 169 369 369 HOH HOH A . 
B 2 HOH 170 370 370 HOH HOH A . 
B 2 HOH 171 371 371 HOH HOH A . 
B 2 HOH 172 372 372 HOH HOH A . 
B 2 HOH 173 373 373 HOH HOH A . 
B 2 HOH 174 374 374 HOH HOH A . 
B 2 HOH 175 375 375 HOH HOH A . 
B 2 HOH 176 376 376 HOH HOH A . 
B 2 HOH 177 377 377 HOH HOH A . 
B 2 HOH 178 378 378 HOH HOH A . 
B 2 HOH 179 379 379 HOH HOH A . 
B 2 HOH 180 380 380 HOH HOH A . 
B 2 HOH 181 381 381 HOH HOH A . 
B 2 HOH 182 382 382 HOH HOH A . 
B 2 HOH 183 383 383 HOH HOH A . 
B 2 HOH 184 384 384 HOH HOH A . 
B 2 HOH 185 385 385 HOH HOH A . 
B 2 HOH 186 386 386 HOH HOH A . 
B 2 HOH 187 387 387 HOH HOH A . 
B 2 HOH 188 388 388 HOH HOH A . 
B 2 HOH 189 389 389 HOH HOH A . 
B 2 HOH 190 390 390 HOH HOH A . 
B 2 HOH 191 391 391 HOH HOH A . 
B 2 HOH 192 392 392 HOH HOH A . 
B 2 HOH 193 393 393 HOH HOH A . 
B 2 HOH 194 394 394 HOH HOH A . 
B 2 HOH 195 395 395 HOH HOH A . 
B 2 HOH 196 396 396 HOH HOH A . 
B 2 HOH 197 397 397 HOH HOH A . 
B 2 HOH 198 398 398 HOH HOH A . 
B 2 HOH 199 399 399 HOH HOH A . 
B 2 HOH 200 400 400 HOH HOH A . 
B 2 HOH 201 401 401 HOH HOH A . 
B 2 HOH 202 402 402 HOH HOH A . 
B 2 HOH 203 403 403 HOH HOH A . 
B 2 HOH 204 404 404 HOH HOH A . 
B 2 HOH 205 405 405 HOH HOH A . 
B 2 HOH 206 406 406 HOH HOH A . 
B 2 HOH 207 407 407 HOH HOH A . 
B 2 HOH 208 408 408 HOH HOH A . 
B 2 HOH 209 409 409 HOH HOH A . 
B 2 HOH 210 410 410 HOH HOH A . 
B 2 HOH 211 411 411 HOH HOH A . 
B 2 HOH 212 412 412 HOH HOH A . 
B 2 HOH 213 413 413 HOH HOH A . 
B 2 HOH 214 414 414 HOH HOH A . 
B 2 HOH 215 415 415 HOH HOH A . 
B 2 HOH 216 416 416 HOH HOH A . 
B 2 HOH 217 417 417 HOH HOH A . 
B 2 HOH 218 418 418 HOH HOH A . 
B 2 HOH 219 419 419 HOH HOH A . 
B 2 HOH 220 420 420 HOH HOH A . 
B 2 HOH 221 421 421 HOH HOH A . 
B 2 HOH 222 422 422 HOH HOH A . 
B 2 HOH 223 423 423 HOH HOH A . 
B 2 HOH 224 424 424 HOH HOH A . 
B 2 HOH 225 425 425 HOH HOH A . 
B 2 HOH 226 426 426 HOH HOH A . 
B 2 HOH 227 427 427 HOH HOH A . 
B 2 HOH 228 428 428 HOH HOH A . 
B 2 HOH 229 429 429 HOH HOH A . 
B 2 HOH 230 430 430 HOH HOH A . 
B 2 HOH 231 431 431 HOH HOH A . 
B 2 HOH 232 432 432 HOH HOH A . 
B 2 HOH 233 433 433 HOH HOH A . 
B 2 HOH 234 434 434 HOH HOH A . 
B 2 HOH 235 435 435 HOH HOH A . 
B 2 HOH 236 436 436 HOH HOH A . 
B 2 HOH 237 437 437 HOH HOH A . 
B 2 HOH 238 438 438 HOH HOH A . 
B 2 HOH 239 439 439 HOH HOH A . 
B 2 HOH 240 440 440 HOH HOH A . 
B 2 HOH 241 441 441 HOH HOH A . 
B 2 HOH 242 442 442 HOH HOH A . 
B 2 HOH 243 443 443 HOH HOH A . 
B 2 HOH 244 444 444 HOH HOH A . 
B 2 HOH 245 445 445 HOH HOH A . 
B 2 HOH 246 446 446 HOH HOH A . 
B 2 HOH 247 447 447 HOH HOH A . 
B 2 HOH 248 448 448 HOH HOH A . 
B 2 HOH 249 449 449 HOH HOH A . 
B 2 HOH 250 450 450 HOH HOH A . 
B 2 HOH 251 451 451 HOH HOH A . 
B 2 HOH 252 452 452 HOH HOH A . 
B 2 HOH 253 453 453 HOH HOH A . 
B 2 HOH 254 454 454 HOH HOH A . 
B 2 HOH 255 455 455 HOH HOH A . 
# 
_software.name             RESTRAIN 
_software.classification   refinement 
_software.version          . 
_software.citation_id      ? 
_software.pdbx_ordinal     1 
# 
_cell.entry_id           1GCS 
_cell.length_a           56.410 
_cell.length_b           56.410 
_cell.length_c           97.110 
_cell.angle_alpha        90.00 
_cell.angle_beta         90.00 
_cell.angle_gamma        90.00 
_cell.Z_PDB              8 
_cell.pdbx_unique_axis   ? 
# 
_symmetry.entry_id                         1GCS 
_symmetry.space_group_name_H-M             'P 41 21 2' 
_symmetry.pdbx_full_space_group_name_H-M   ? 
_symmetry.cell_setting                     ? 
_symmetry.Int_Tables_number                92 
# 
_exptl.entry_id          1GCS 
_exptl.method            'X-RAY DIFFRACTION' 
_exptl.crystals_number   ? 
# 
_exptl_crystal.id                    1 
_exptl_crystal.density_meas          ? 
_exptl_crystal.density_Matthews      1.84 
_exptl_crystal.density_percent_sol   33.13 
_exptl_crystal.description           ? 
# 
_diffrn.id                     1 
_diffrn.ambient_temp           ? 
_diffrn.ambient_temp_details   ? 
_diffrn.crystal_id             1 
# 
_diffrn_radiation.diffrn_id                        1 
_diffrn_radiation.wavelength_id                    1 
_diffrn_radiation.pdbx_monochromatic_or_laue_m_l   ? 
_diffrn_radiation.monochromator                    ? 
_diffrn_radiation.pdbx_diffrn_protocol             ? 
_diffrn_radiation.pdbx_scattering_type             x-ray 
# 
_diffrn_radiation_wavelength.id           1 
_diffrn_radiation_wavelength.wavelength   . 
_diffrn_radiation_wavelength.wt           1.0 
# 
_refine.entry_id                                 1GCS 
_refine.ls_number_reflns_obs                     10365 
_refine.ls_number_reflns_all                     ? 
_refine.pdbx_ls_sigma_I                          ? 
_refine.pdbx_ls_sigma_F                          0.0 
_refine.pdbx_data_cutoff_high_absF               ? 
_refine.pdbx_data_cutoff_low_absF                ? 
_refine.pdbx_data_cutoff_high_rms_absF           ? 
_refine.ls_d_res_low                             8.0 
_refine.ls_d_res_high                            2.0 
_refine.ls_percent_reflns_obs                    96 
_refine.ls_R_factor_obs                          0.1700000 
_refine.ls_R_factor_all                          ? 
_refine.ls_R_factor_R_work                       ? 
_refine.ls_R_factor_R_free                       ? 
_refine.ls_R_factor_R_free_error                 ? 
_refine.ls_R_factor_R_free_error_details         ? 
_refine.ls_percent_reflns_R_free                 ? 
_refine.ls_number_reflns_R_free                  ? 
_refine.ls_number_parameters                     ? 
_refine.ls_number_restraints                     ? 
_refine.occupancy_min                            ? 
_refine.occupancy_max                            ? 
_refine.B_iso_mean                               ? 
_refine.aniso_B[1][1]                            ? 
_refine.aniso_B[2][2]                            ? 
_refine.aniso_B[3][3]                            ? 
_refine.aniso_B[1][2]                            ? 
_refine.aniso_B[1][3]                            ? 
_refine.aniso_B[2][3]                            ? 
_refine.solvent_model_details                    ? 
_refine.solvent_model_param_ksol                 ? 
_refine.solvent_model_param_bsol                 ? 
_refine.pdbx_ls_cross_valid_method               ? 
_refine.details                                  ? 
_refine.pdbx_starting_model                      ? 
_refine.pdbx_method_to_determine_struct          ? 
_refine.pdbx_isotropic_thermal_model             ? 
_refine.pdbx_stereochemistry_target_values       ? 
_refine.pdbx_stereochem_target_val_spec_case     ? 
_refine.pdbx_R_Free_selection_details            ? 
_refine.pdbx_overall_ESU_R                       ? 
_refine.pdbx_overall_ESU_R_Free                  ? 
_refine.overall_SU_ML                            ? 
_refine.overall_SU_B                             ? 
_refine.pdbx_refine_id                           'X-RAY DIFFRACTION' 
_refine.pdbx_diffrn_id                           1 
_refine.pdbx_TLS_residual_ADP_flag               ? 
_refine.correlation_coeff_Fo_to_Fc               ? 
_refine.correlation_coeff_Fo_to_Fc_free          ? 
_refine.pdbx_solvent_vdw_probe_radii             ? 
_refine.pdbx_solvent_ion_probe_radii             ? 
_refine.pdbx_solvent_shrinkage_radii             ? 
_refine.pdbx_overall_phase_error                 ? 
_refine.overall_SU_R_Cruickshank_DPI             ? 
_refine.pdbx_overall_SU_R_free_Cruickshank_DPI   ? 
_refine.pdbx_overall_SU_R_Blow_DPI               ? 
_refine.pdbx_overall_SU_R_free_Blow_DPI          ? 
# 
_refine_hist.pdbx_refine_id                   'X-RAY DIFFRACTION' 
_refine_hist.cycle_id                         LAST 
_refine_hist.pdbx_number_atoms_protein        1474 
_refine_hist.pdbx_number_atoms_nucleic_acid   0 
_refine_hist.pdbx_number_atoms_ligand         0 
_refine_hist.number_atoms_solvent             255 
_refine_hist.number_atoms_total               1729 
_refine_hist.d_res_high                       2.0 
_refine_hist.d_res_low                        8.0 
# 
loop_
_refine_ls_restr.type 
_refine_ls_restr.dev_ideal 
_refine_ls_restr.dev_ideal_target 
_refine_ls_restr.weight 
_refine_ls_restr.number 
_refine_ls_restr.pdbx_refine_id 
_refine_ls_restr.pdbx_restraint_function 
p_bond_d  0.020 ? ? ? 'X-RAY DIFFRACTION' ? 
p_angle_d 0.035 ? ? ? 'X-RAY DIFFRACTION' ? 
# 
_struct.entry_id                  1GCS 
_struct.title                     'STRUCTURE OF THE BOVINE GAMMA-B CRYSTALLIN AT 150K' 
_struct.pdbx_model_details        ? 
_struct.pdbx_CASP_flag            ? 
_struct.pdbx_model_type_details   ? 
# 
_struct_keywords.entry_id        1GCS 
_struct_keywords.pdbx_keywords   'EYE LENS PROTEIN' 
_struct_keywords.text            'EYE LENS PROTEIN' 
# 
loop_
_struct_asym.id 
_struct_asym.pdbx_blank_PDB_chainid_flag 
_struct_asym.pdbx_modified 
_struct_asym.entity_id 
_struct_asym.details 
A N N 1 ? 
B N N 2 ? 
# 
_struct_ref.id                         1 
_struct_ref.db_name                    UNP 
_struct_ref.db_code                    CRGB_BOVIN 
_struct_ref.entity_id                  1 
_struct_ref.pdbx_db_accession          P02526 
_struct_ref.pdbx_align_begin           1 
_struct_ref.pdbx_seq_one_letter_code   
;GKITFYEDRGFQGHCYECSSDCPNLQPYFSRCNSIRVDSGCWMLYERPNYQGHQYFLRRGDYPDYQQWMGFNDSIRSCRL
IPQHTGTFRMRIYERDDFRGQMSEITDDCPSLQDRFHLTEVHSLNVLEGSWVLYEMPSYRGRQYLLRPGEYRRYLDWGAM
NAKVGSLRRVMDFY
;
_struct_ref.pdbx_db_isoform            ? 
# 
_struct_ref_seq.align_id                      1 
_struct_ref_seq.ref_id                        1 
_struct_ref_seq.pdbx_PDB_id_code              1GCS 
_struct_ref_seq.pdbx_strand_id                A 
_struct_ref_seq.seq_align_beg                 1 
_struct_ref_seq.pdbx_seq_align_beg_ins_code   ? 
_struct_ref_seq.seq_align_end                 174 
_struct_ref_seq.pdbx_seq_align_end_ins_code   ? 
_struct_ref_seq.pdbx_db_accession             P02526 
_struct_ref_seq.db_align_beg                  1 
_struct_ref_seq.pdbx_db_align_beg_ins_code    ? 
_struct_ref_seq.db_align_end                  174 
_struct_ref_seq.pdbx_db_align_end_ins_code    ? 
_struct_ref_seq.pdbx_auth_seq_align_beg       1 
_struct_ref_seq.pdbx_auth_seq_align_end       174 
# 
_pdbx_struct_assembly.id                   1 
_pdbx_struct_assembly.details              author_defined_assembly 
_pdbx_struct_assembly.method_details       ? 
_pdbx_struct_assembly.oligomeric_details   monomeric 
_pdbx_struct_assembly.oligomeric_count     1 
# 
_pdbx_struct_assembly_gen.assembly_id       1 
_pdbx_struct_assembly_gen.oper_expression   1 
_pdbx_struct_assembly_gen.asym_id_list      A,B 
# 
_pdbx_struct_oper_list.id                   1 
_pdbx_struct_oper_list.type                 'identity operation' 
_pdbx_struct_oper_list.name                 1_555 
_pdbx_struct_oper_list.symmetry_operation   x,y,z 
_pdbx_struct_oper_list.matrix[1][1]         1.0000000000 
_pdbx_struct_oper_list.matrix[1][2]         0.0000000000 
_pdbx_struct_oper_list.matrix[1][3]         0.0000000000 
_pdbx_struct_oper_list.vector[1]            0.0000000000 
_pdbx_struct_oper_list.matrix[2][1]         0.0000000000 
_pdbx_struct_oper_list.matrix[2][2]         1.0000000000 
_pdbx_struct_oper_list.matrix[2][3]         0.0000000000 
_pdbx_struct_oper_list.vector[2]            0.0000000000 
_pdbx_struct_oper_list.matrix[3][1]         0.0000000000 
_pdbx_struct_oper_list.matrix[3][2]         0.0000000000 
_pdbx_struct_oper_list.matrix[3][3]         1.0000000000 
_pdbx_struct_oper_list.vector[3]            0.0000000000 
# 
_struct_biol.id   1 
# 
loop_
_struct_conf.conf_type_id 
_struct_conf.id 
_struct_conf.pdbx_PDB_helix_id 
_struct_conf.beg_label_comp_id 
_struct_conf.beg_label_asym_id 
_struct_conf.beg_label_seq_id 
_struct_conf.pdbx_beg_PDB_ins_code 
_struct_conf.end_label_comp_id 
_struct_conf.end_label_asym_id 
_struct_conf.end_label_seq_id 
_struct_conf.pdbx_end_PDB_ins_code 
_struct_conf.beg_auth_comp_id 
_struct_conf.beg_auth_asym_id 
_struct_conf.beg_auth_seq_id 
_struct_conf.end_auth_comp_id 
_struct_conf.end_auth_asym_id 
_struct_conf.end_auth_seq_id 
_struct_conf.pdbx_PDB_helix_class 
_struct_conf.details 
_struct_conf.pdbx_PDB_helix_length 
HELX_P HELX_P1 H1 TYR A 65  ? TRP A 68  ? TYR A 65  TRP A 68  5 ? 4 
HELX_P HELX_P2 H2 LEU A 112 ? PHE A 116 ? LEU A 112 PHE A 116 1 ? 5 
HELX_P HELX_P3 H3 TYR A 154 ? TRP A 157 ? TYR A 154 TRP A 157 5 ? 4 
# 
_struct_conf_type.id          HELX_P 
_struct_conf_type.criteria    ? 
_struct_conf_type.reference   ? 
# 
loop_
_struct_sheet.id 
_struct_sheet.type 
_struct_sheet.number_strands 
_struct_sheet.details 
S1 ? 4 ? 
S2 ? 4 ? 
S3 ? 4 ? 
S4 ? 4 ? 
# 
loop_
_struct_sheet_order.sheet_id 
_struct_sheet_order.range_id_1 
_struct_sheet_order.range_id_2 
_struct_sheet_order.offset 
_struct_sheet_order.sense 
S1 1 2 ? anti-parallel 
S1 2 3 ? anti-parallel 
S1 3 4 ? anti-parallel 
S2 1 2 ? anti-parallel 
S2 2 3 ? anti-parallel 
S2 3 4 ? anti-parallel 
S3 1 2 ? anti-parallel 
S3 2 3 ? anti-parallel 
S3 3 4 ? anti-parallel 
S4 1 2 ? anti-parallel 
S4 2 3 ? anti-parallel 
S4 3 4 ? anti-parallel 
# 
loop_
_struct_sheet_range.sheet_id 
_struct_sheet_range.id 
_struct_sheet_range.beg_label_comp_id 
_struct_sheet_range.beg_label_asym_id 
_struct_sheet_range.beg_label_seq_id 
_struct_sheet_range.pdbx_beg_PDB_ins_code 
_struct_sheet_range.end_label_comp_id 
_struct_sheet_range.end_label_asym_id 
_struct_sheet_range.end_label_seq_id 
_struct_sheet_range.pdbx_end_PDB_ins_code 
_struct_sheet_range.beg_auth_comp_id 
_struct_sheet_range.beg_auth_asym_id 
_struct_sheet_range.beg_auth_seq_id 
_struct_sheet_range.end_auth_comp_id 
_struct_sheet_range.end_auth_asym_id 
_struct_sheet_range.end_auth_seq_id 
S1 1 HIS A 14  ? CYS A 18  ? HIS A 14  CYS A 18  
S1 2 LYS A 2   ? GLU A 7   ? LYS A 2   GLU A 7   
S1 3 SER A 34  ? SER A 39  ? SER A 34  SER A 39  
S1 4 GLY A 60  ? TYR A 62  ? GLY A 60  TYR A 62  
S2 1 ASP A 21  ? PRO A 23  ? ASP A 21  PRO A 23  
S2 2 SER A 77  ? ILE A 81  ? SER A 77  ILE A 81  
S2 3 CYS A 41  ? GLU A 46  ? CYS A 41  GLU A 46  
S2 4 HIS A 53  ? LEU A 57  ? HIS A 53  LEU A 57  
S3 1 GLN A 101 ? ILE A 105 ? GLN A 101 ILE A 105 
S3 2 ARG A 89  ? GLU A 94  ? ARG A 89  GLU A 94  
S3 3 SER A 123 ? GLU A 128 ? SER A 123 GLU A 128 
S3 4 GLY A 149 ? TYR A 151 ? GLY A 149 TYR A 151 
S4 1 ASP A 108 ? PRO A 110 ? ASP A 108 PRO A 110 
S4 2 SER A 166 ? VAL A 170 ? SER A 166 VAL A 170 
S4 3 SER A 130 ? GLU A 135 ? SER A 130 GLU A 135 
S4 4 ARG A 142 ? LEU A 146 ? ARG A 142 LEU A 146 
# 
loop_
_pdbx_struct_sheet_hbond.sheet_id 
_pdbx_struct_sheet_hbond.range_id_1 
_pdbx_struct_sheet_hbond.range_id_2 
_pdbx_struct_sheet_hbond.range_1_label_atom_id 
_pdbx_struct_sheet_hbond.range_1_label_comp_id 
_pdbx_struct_sheet_hbond.range_1_label_asym_id 
_pdbx_struct_sheet_hbond.range_1_label_seq_id 
_pdbx_struct_sheet_hbond.range_1_PDB_ins_code 
_pdbx_struct_sheet_hbond.range_1_auth_atom_id 
_pdbx_struct_sheet_hbond.range_1_auth_comp_id 
_pdbx_struct_sheet_hbond.range_1_auth_asym_id 
_pdbx_struct_sheet_hbond.range_1_auth_seq_id 
_pdbx_struct_sheet_hbond.range_2_label_atom_id 
_pdbx_struct_sheet_hbond.range_2_label_comp_id 
_pdbx_struct_sheet_hbond.range_2_label_asym_id 
_pdbx_struct_sheet_hbond.range_2_label_seq_id 
_pdbx_struct_sheet_hbond.range_2_PDB_ins_code 
_pdbx_struct_sheet_hbond.range_2_auth_atom_id 
_pdbx_struct_sheet_hbond.range_2_auth_comp_id 
_pdbx_struct_sheet_hbond.range_2_auth_asym_id 
_pdbx_struct_sheet_hbond.range_2_auth_seq_id 
S1 1 2 O CYS A 18  ? O CYS A 18  N ILE A 3   ? N ILE A 3   
S1 2 3 N LYS A 2   ? N LYS A 2   O SER A 39  ? O SER A 39  
S1 3 4 O VAL A 37  ? O VAL A 37  N GLY A 60  ? N GLY A 60  
S2 1 2 O CYS A 22  ? O CYS A 22  N CYS A 78  ? N CYS A 78  
S2 2 3 O ARG A 79  ? O ARG A 79  N MET A 43  ? N MET A 43  
S2 3 4 O TRP A 42  ? O TRP A 42  N LEU A 57  ? N LEU A 57  
S3 1 2 O ILE A 105 ? O ILE A 105 N MET A 90  ? N MET A 90  
S3 2 3 O ARG A 91  ? O ARG A 91  N ASN A 125 ? N ASN A 125 
S3 3 4 O VAL A 126 ? O VAL A 126 N GLY A 149 ? N GLY A 149 
S4 1 2 O CYS A 109 ? O CYS A 109 N LEU A 167 ? N LEU A 167 
S4 2 3 O ARG A 168 ? O ARG A 168 N VAL A 132 ? N VAL A 132 
S4 3 4 O LEU A 133 ? O LEU A 133 N TYR A 144 ? N TYR A 144 
# 
loop_
_pdbx_validate_close_contact.id 
_pdbx_validate_close_contact.PDB_model_num 
_pdbx_validate_close_contact.auth_atom_id_1 
_pdbx_validate_close_contact.auth_asym_id_1 
_pdbx_validate_close_contact.auth_comp_id_1 
_pdbx_validate_close_contact.auth_seq_id_1 
_pdbx_validate_close_contact.PDB_ins_code_1 
_pdbx_validate_close_contact.label_alt_id_1 
_pdbx_validate_close_contact.auth_atom_id_2 
_pdbx_validate_close_contact.auth_asym_id_2 
_pdbx_validate_close_contact.auth_comp_id_2 
_pdbx_validate_close_contact.auth_seq_id_2 
_pdbx_validate_close_contact.PDB_ins_code_2 
_pdbx_validate_close_contact.label_alt_id_2 
_pdbx_validate_close_contact.dist 
1  1 O   A HOH 304 ? ? O   A HOH 383 ? ? 1.70 
2  1 O   A HOH 203 ? ? O   A HOH 411 ? ? 1.73 
3  1 O   A HOH 359 ? ? O   A HOH 411 ? ? 1.85 
4  1 O   A HOH 215 ? ? O   A HOH 287 ? ? 1.88 
5  1 O   A HOH 201 ? ? O   A HOH 408 ? ? 1.90 
6  1 O   A HOH 244 ? ? O   A HOH 255 ? ? 1.92 
7  1 O   A HOH 419 ? ? O   A HOH 439 ? ? 1.96 
8  1 O   A HOH 227 ? ? O   A HOH 309 ? ? 1.97 
9  1 O   A HOH 250 ? ? O   A HOH 442 ? ? 2.05 
10 1 O   A HOH 419 ? ? O   A HOH 434 ? ? 2.08 
11 1 NH1 A ARG 58  ? ? O   A HOH 434 ? ? 2.08 
12 1 NH1 A ARG 89  ? ? OE2 A GLU 104 ? ? 2.11 
13 1 OD1 A ASP 114 ? ? O   A HOH 426 ? ? 2.14 
14 1 NE2 A GLN 113 ? ? O   A HOH 282 ? ? 2.14 
15 1 O   A HOH 356 ? ? O   A HOH 414 ? ? 2.15 
16 1 O   A GLN 83  ? ? O   A HOH 272 ? ? 2.15 
17 1 O   A HOH 314 ? ? O   A HOH 319 ? ? 2.17 
18 1 OE1 A GLN 66  ? ? O   A HOH 413 ? ? 2.17 
19 1 O   A HOH 398 ? ? O   A HOH 430 ? ? 2.18 
20 1 N   A ARG 152 ? ? O   A HOH 383 ? ? 2.19 
21 1 O   A HOH 252 ? ? O   A HOH 277 ? ? 2.19 
# 
loop_
_pdbx_validate_symm_contact.id 
_pdbx_validate_symm_contact.PDB_model_num 
_pdbx_validate_symm_contact.auth_atom_id_1 
_pdbx_validate_symm_contact.auth_asym_id_1 
_pdbx_validate_symm_contact.auth_comp_id_1 
_pdbx_validate_symm_contact.auth_seq_id_1 
_pdbx_validate_symm_contact.PDB_ins_code_1 
_pdbx_validate_symm_contact.label_alt_id_1 
_pdbx_validate_symm_contact.site_symmetry_1 
_pdbx_validate_symm_contact.auth_atom_id_2 
_pdbx_validate_symm_contact.auth_asym_id_2 
_pdbx_validate_symm_contact.auth_comp_id_2 
_pdbx_validate_symm_contact.auth_seq_id_2 
_pdbx_validate_symm_contact.PDB_ins_code_2 
_pdbx_validate_symm_contact.label_alt_id_2 
_pdbx_validate_symm_contact.site_symmetry_2 
_pdbx_validate_symm_contact.dist 
1 1 O A HOH 452 ? ? 1_555 O A HOH 452 ? ? 8_555 1.61 
2 1 O A HOH 255 ? ? 1_555 O A HOH 255 ? ? 7_556 1.82 
3 1 O A HOH 304 ? ? 1_555 O A HOH 389 ? ? 4_454 1.87 
4 1 O A HOH 303 ? ? 1_555 O A HOH 375 ? ? 4_454 2.07 
# 
loop_
_pdbx_validate_rmsd_bond.id 
_pdbx_validate_rmsd_bond.PDB_model_num 
_pdbx_validate_rmsd_bond.auth_atom_id_1 
_pdbx_validate_rmsd_bond.auth_asym_id_1 
_pdbx_validate_rmsd_bond.auth_comp_id_1 
_pdbx_validate_rmsd_bond.auth_seq_id_1 
_pdbx_validate_rmsd_bond.PDB_ins_code_1 
_pdbx_validate_rmsd_bond.label_alt_id_1 
_pdbx_validate_rmsd_bond.auth_atom_id_2 
_pdbx_validate_rmsd_bond.auth_asym_id_2 
_pdbx_validate_rmsd_bond.auth_comp_id_2 
_pdbx_validate_rmsd_bond.auth_seq_id_2 
_pdbx_validate_rmsd_bond.PDB_ins_code_2 
_pdbx_validate_rmsd_bond.label_alt_id_2 
_pdbx_validate_rmsd_bond.bond_value 
_pdbx_validate_rmsd_bond.bond_target_value 
_pdbx_validate_rmsd_bond.bond_deviation 
_pdbx_validate_rmsd_bond.bond_standard_deviation 
_pdbx_validate_rmsd_bond.linker_flag 
1 1 CG A HIS 14  ? ? CD2 A HIS 14  ? ? 1.418 1.354 0.064  0.009 N 
2 1 CD A GLU 104 ? ? OE1 A GLU 104 ? ? 1.177 1.252 -0.075 0.011 N 
3 1 C  A TYR 174 ? ? OXT A TYR 174 ? ? 1.344 1.229 0.115  0.019 N 
# 
loop_
_pdbx_validate_rmsd_angle.id 
_pdbx_validate_rmsd_angle.PDB_model_num 
_pdbx_validate_rmsd_angle.auth_atom_id_1 
_pdbx_validate_rmsd_angle.auth_asym_id_1 
_pdbx_validate_rmsd_angle.auth_comp_id_1 
_pdbx_validate_rmsd_angle.auth_seq_id_1 
_pdbx_validate_rmsd_angle.PDB_ins_code_1 
_pdbx_validate_rmsd_angle.label_alt_id_1 
_pdbx_validate_rmsd_angle.auth_atom_id_2 
_pdbx_validate_rmsd_angle.auth_asym_id_2 
_pdbx_validate_rmsd_angle.auth_comp_id_2 
_pdbx_validate_rmsd_angle.auth_seq_id_2 
_pdbx_validate_rmsd_angle.PDB_ins_code_2 
_pdbx_validate_rmsd_angle.label_alt_id_2 
_pdbx_validate_rmsd_angle.auth_atom_id_3 
_pdbx_validate_rmsd_angle.auth_asym_id_3 
_pdbx_validate_rmsd_angle.auth_comp_id_3 
_pdbx_validate_rmsd_angle.auth_seq_id_3 
_pdbx_validate_rmsd_angle.PDB_ins_code_3 
_pdbx_validate_rmsd_angle.label_alt_id_3 
_pdbx_validate_rmsd_angle.angle_value 
_pdbx_validate_rmsd_angle.angle_target_value 
_pdbx_validate_rmsd_angle.angle_deviation 
_pdbx_validate_rmsd_angle.angle_standard_deviation 
_pdbx_validate_rmsd_angle.linker_flag 
1  1 CA A THR 4   ? ? CB  A THR 4   ? ? CG2 A THR 4   ? ? 103.26 112.40 -9.14  1.40 N 
2  1 NE A ARG 36  ? ? CZ  A ARG 36  ? ? NH1 A ARG 36  ? ? 116.48 120.30 -3.82  0.50 N 
3  1 CA A VAL 37  ? ? CB  A VAL 37  ? ? CG1 A VAL 37  ? ? 100.16 110.90 -10.74 1.50 N 
4  1 CD A ARG 59  ? ? NE  A ARG 59  ? ? CZ  A ARG 59  ? ? 139.59 123.60 15.99  1.40 N 
5  1 CB A PHE 71  ? ? CG  A PHE 71  ? ? CD2 A PHE 71  ? ? 115.80 120.80 -5.00  0.70 N 
6  1 NE A ARG 76  ? ? CZ  A ARG 76  ? ? NH1 A ARG 76  ? ? 116.13 120.30 -4.17  0.50 N 
7  1 NE A ARG 76  ? ? CZ  A ARG 76  ? ? NH2 A ARG 76  ? ? 124.52 120.30 4.22   0.50 N 
8  1 CD A ARG 89  ? ? NE  A ARG 89  ? ? CZ  A ARG 89  ? ? 109.99 123.60 -13.61 1.40 N 
9  1 NE A ARG 89  ? ? CZ  A ARG 89  ? ? NH1 A ARG 89  ? ? 115.63 120.30 -4.67  0.50 N 
10 1 NE A ARG 89  ? ? CZ  A ARG 89  ? ? NH2 A ARG 89  ? ? 123.82 120.30 3.52   0.50 N 
11 1 CB A ASP 114 ? ? CG  A ASP 114 ? ? OD1 A ASP 114 ? ? 123.76 118.30 5.46   0.90 N 
12 1 NE A ARG 115 ? ? CZ  A ARG 115 ? ? NH1 A ARG 115 ? ? 124.83 120.30 4.53   0.50 N 
13 1 CB A PHE 116 ? ? CG  A PHE 116 ? ? CD2 A PHE 116 ? ? 125.57 120.80 4.77   0.70 N 
14 1 NE A ARG 140 ? ? CZ  A ARG 140 ? ? NH1 A ARG 140 ? ? 126.00 120.30 5.70   0.50 N 
15 1 C  A ARG 140 ? ? N   A GLY 141 ? ? CA  A GLY 141 ? ? 139.60 122.30 17.30  2.10 Y 
16 1 CD A ARG 142 ? ? NE  A ARG 142 ? ? CZ  A ARG 142 ? ? 134.15 123.60 10.55  1.40 N 
17 1 NE A ARG 142 ? ? CZ  A ARG 142 ? ? NH1 A ARG 142 ? ? 127.73 120.30 7.43   0.50 N 
18 1 NE A ARG 142 ? ? CZ  A ARG 142 ? ? NH2 A ARG 142 ? ? 116.21 120.30 -4.09  0.50 N 
19 1 CB A TYR 144 ? ? CG  A TYR 144 ? ? CD1 A TYR 144 ? ? 117.12 121.00 -3.88  0.60 N 
20 1 CG A TYR 151 ? ? CD2 A TYR 151 ? ? CE2 A TYR 151 ? ? 114.97 121.30 -6.33  0.80 N 
21 1 CB A TYR 154 ? ? CG  A TYR 154 ? ? CD2 A TYR 154 ? ? 116.74 121.00 -4.26  0.60 N 
22 1 CG A TYR 154 ? ? CD1 A TYR 154 ? ? CE1 A TYR 154 ? ? 116.18 121.30 -5.12  0.80 N 
23 1 CA A VAL 164 ? ? CB  A VAL 164 ? ? CG1 A VAL 164 ? ? 122.50 110.90 11.60  1.50 N 
24 1 CA A VAL 170 ? ? CB  A VAL 170 ? ? CG2 A VAL 170 ? ? 120.08 110.90 9.18   1.50 N 
25 1 CB A TYR 174 ? ? CG  A TYR 174 ? ? CD1 A TYR 174 ? ? 117.15 121.00 -3.85  0.60 N 
# 
loop_
_pdbx_validate_torsion.id 
_pdbx_validate_torsion.PDB_model_num 
_pdbx_validate_torsion.auth_comp_id 
_pdbx_validate_torsion.auth_asym_id 
_pdbx_validate_torsion.auth_seq_id 
_pdbx_validate_torsion.PDB_ins_code 
_pdbx_validate_torsion.label_alt_id 
_pdbx_validate_torsion.phi 
_pdbx_validate_torsion.psi 
1 1 ASN A 72  ? ? -167.41 -164.59 
2 1 SER A 111 ? ? -160.25 108.45  
# 
loop_
_pdbx_validate_planes.id 
_pdbx_validate_planes.PDB_model_num 
_pdbx_validate_planes.auth_comp_id 
_pdbx_validate_planes.auth_asym_id 
_pdbx_validate_planes.auth_seq_id 
_pdbx_validate_planes.PDB_ins_code 
_pdbx_validate_planes.label_alt_id 
_pdbx_validate_planes.rmsd 
_pdbx_validate_planes.type 
1  1 ARG A 9   ? ? 0.225 'SIDE CHAIN' 
2  1 ARG A 31  ? ? 0.090 'SIDE CHAIN' 
3  1 ARG A 47  ? ? 0.211 'SIDE CHAIN' 
4  1 ARG A 59  ? ? 0.152 'SIDE CHAIN' 
5  1 ARG A 76  ? ? 0.175 'SIDE CHAIN' 
6  1 ARG A 89  ? ? 0.252 'SIDE CHAIN' 
7  1 ARG A 91  ? ? 0.202 'SIDE CHAIN' 
8  1 ARG A 99  ? ? 0.097 'SIDE CHAIN' 
9  1 ARG A 115 ? ? 0.117 'SIDE CHAIN' 
10 1 ARG A 147 ? ? 0.097 'SIDE CHAIN' 
11 1 ARG A 152 ? ? 0.152 'SIDE CHAIN' 
12 1 ARG A 153 ? ? 0.273 'SIDE CHAIN' 
13 1 ARG A 169 ? ? 0.134 'SIDE CHAIN' 
# 
_pdbx_database_remark.id     700 
_pdbx_database_remark.text   
;SHEET
IN *SHEET* RECORDS BELOW, THERE IS A POSSIBLE BETA-BRIDGE
BETWEEN RESIDUES 119 - 121 AND 162 - 164.
;
# 
loop_
_chem_comp_atom.comp_id 
_chem_comp_atom.atom_id 
_chem_comp_atom.type_symbol 
_chem_comp_atom.pdbx_aromatic_flag 
_chem_comp_atom.pdbx_stereo_config 
_chem_comp_atom.pdbx_ordinal 
ALA N    N N N 1   
ALA CA   C N S 2   
ALA C    C N N 3   
ALA O    O N N 4   
ALA CB   C N N 5   
ALA OXT  O N N 6   
ALA H    H N N 7   
ALA H2   H N N 8   
ALA HA   H N N 9   
ALA HB1  H N N 10  
ALA HB2  H N N 11  
ALA HB3  H N N 12  
ALA HXT  H N N 13  
ARG N    N N N 14  
ARG CA   C N S 15  
ARG C    C N N 16  
ARG O    O N N 17  
ARG CB   C N N 18  
ARG CG   C N N 19  
ARG CD   C N N 20  
ARG NE   N N N 21  
ARG CZ   C N N 22  
ARG NH1  N N N 23  
ARG NH2  N N N 24  
ARG OXT  O N N 25  
ARG H    H N N 26  
ARG H2   H N N 27  
ARG HA   H N N 28  
ARG HB2  H N N 29  
ARG HB3  H N N 30  
ARG HG2  H N N 31  
ARG HG3  H N N 32  
ARG HD2  H N N 33  
ARG HD3  H N N 34  
ARG HE   H N N 35  
ARG HH11 H N N 36  
ARG HH12 H N N 37  
ARG HH21 H N N 38  
ARG HH22 H N N 39  
ARG HXT  H N N 40  
ASN N    N N N 41  
ASN CA   C N S 42  
ASN C    C N N 43  
ASN O    O N N 44  
ASN CB   C N N 45  
ASN CG   C N N 46  
ASN OD1  O N N 47  
ASN ND2  N N N 48  
ASN OXT  O N N 49  
ASN H    H N N 50  
ASN H2   H N N 51  
ASN HA   H N N 52  
ASN HB2  H N N 53  
ASN HB3  H N N 54  
ASN HD21 H N N 55  
ASN HD22 H N N 56  
ASN HXT  H N N 57  
ASP N    N N N 58  
ASP CA   C N S 59  
ASP C    C N N 60  
ASP O    O N N 61  
ASP CB   C N N 62  
ASP CG   C N N 63  
ASP OD1  O N N 64  
ASP OD2  O N N 65  
ASP OXT  O N N 66  
ASP H    H N N 67  
ASP H2   H N N 68  
ASP HA   H N N 69  
ASP HB2  H N N 70  
ASP HB3  H N N 71  
ASP HD2  H N N 72  
ASP HXT  H N N 73  
CYS N    N N N 74  
CYS CA   C N R 75  
CYS C    C N N 76  
CYS O    O N N 77  
CYS CB   C N N 78  
CYS SG   S N N 79  
CYS OXT  O N N 80  
CYS H    H N N 81  
CYS H2   H N N 82  
CYS HA   H N N 83  
CYS HB2  H N N 84  
CYS HB3  H N N 85  
CYS HG   H N N 86  
CYS HXT  H N N 87  
GLN N    N N N 88  
GLN CA   C N S 89  
GLN C    C N N 90  
GLN O    O N N 91  
GLN CB   C N N 92  
GLN CG   C N N 93  
GLN CD   C N N 94  
GLN OE1  O N N 95  
GLN NE2  N N N 96  
GLN OXT  O N N 97  
GLN H    H N N 98  
GLN H2   H N N 99  
GLN HA   H N N 100 
GLN HB2  H N N 101 
GLN HB3  H N N 102 
GLN HG2  H N N 103 
GLN HG3  H N N 104 
GLN HE21 H N N 105 
GLN HE22 H N N 106 
GLN HXT  H N N 107 
GLU N    N N N 108 
GLU CA   C N S 109 
GLU C    C N N 110 
GLU O    O N N 111 
GLU CB   C N N 112 
GLU CG   C N N 113 
GLU CD   C N N 114 
GLU OE1  O N N 115 
GLU OE2  O N N 116 
GLU OXT  O N N 117 
GLU H    H N N 118 
GLU H2   H N N 119 
GLU HA   H N N 120 
GLU HB2  H N N 121 
GLU HB3  H N N 122 
GLU HG2  H N N 123 
GLU HG3  H N N 124 
GLU HE2  H N N 125 
GLU HXT  H N N 126 
GLY N    N N N 127 
GLY CA   C N N 128 
GLY C    C N N 129 
GLY O    O N N 130 
GLY OXT  O N N 131 
GLY H    H N N 132 
GLY H2   H N N 133 
GLY HA2  H N N 134 
GLY HA3  H N N 135 
GLY HXT  H N N 136 
HIS N    N N N 137 
HIS CA   C N S 138 
HIS C    C N N 139 
HIS O    O N N 140 
HIS CB   C N N 141 
HIS CG   C Y N 142 
HIS ND1  N Y N 143 
HIS CD2  C Y N 144 
HIS CE1  C Y N 145 
HIS NE2  N Y N 146 
HIS OXT  O N N 147 
HIS H    H N N 148 
HIS H2   H N N 149 
HIS HA   H N N 150 
HIS HB2  H N N 151 
HIS HB3  H N N 152 
HIS HD1  H N N 153 
HIS HD2  H N N 154 
HIS HE1  H N N 155 
HIS HE2  H N N 156 
HIS HXT  H N N 157 
HOH O    O N N 158 
HOH H1   H N N 159 
HOH H2   H N N 160 
ILE N    N N N 161 
ILE CA   C N S 162 
ILE C    C N N 163 
ILE O    O N N 164 
ILE CB   C N S 165 
ILE CG1  C N N 166 
ILE CG2  C N N 167 
ILE CD1  C N N 168 
ILE OXT  O N N 169 
ILE H    H N N 170 
ILE H2   H N N 171 
ILE HA   H N N 172 
ILE HB   H N N 173 
ILE HG12 H N N 174 
ILE HG13 H N N 175 
ILE HG21 H N N 176 
ILE HG22 H N N 177 
ILE HG23 H N N 178 
ILE HD11 H N N 179 
ILE HD12 H N N 180 
ILE HD13 H N N 181 
ILE HXT  H N N 182 
LEU N    N N N 183 
LEU CA   C N S 184 
LEU C    C N N 185 
LEU O    O N N 186 
LEU CB   C N N 187 
LEU CG   C N N 188 
LEU CD1  C N N 189 
LEU CD2  C N N 190 
LEU OXT  O N N 191 
LEU H    H N N 192 
LEU H2   H N N 193 
LEU HA   H N N 194 
LEU HB2  H N N 195 
LEU HB3  H N N 196 
LEU HG   H N N 197 
LEU HD11 H N N 198 
LEU HD12 H N N 199 
LEU HD13 H N N 200 
LEU HD21 H N N 201 
LEU HD22 H N N 202 
LEU HD23 H N N 203 
LEU HXT  H N N 204 
LYS N    N N N 205 
LYS CA   C N S 206 
LYS C    C N N 207 
LYS O    O N N 208 
LYS CB   C N N 209 
LYS CG   C N N 210 
LYS CD   C N N 211 
LYS CE   C N N 212 
LYS NZ   N N N 213 
LYS OXT  O N N 214 
LYS H    H N N 215 
LYS H2   H N N 216 
LYS HA   H N N 217 
LYS HB2  H N N 218 
LYS HB3  H N N 219 
LYS HG2  H N N 220 
LYS HG3  H N N 221 
LYS HD2  H N N 222 
LYS HD3  H N N 223 
LYS HE2  H N N 224 
LYS HE3  H N N 225 
LYS HZ1  H N N 226 
LYS HZ2  H N N 227 
LYS HZ3  H N N 228 
LYS HXT  H N N 229 
MET N    N N N 230 
MET CA   C N S 231 
MET C    C N N 232 
MET O    O N N 233 
MET CB   C N N 234 
MET CG   C N N 235 
MET SD   S N N 236 
MET CE   C N N 237 
MET OXT  O N N 238 
MET H    H N N 239 
MET H2   H N N 240 
MET HA   H N N 241 
MET HB2  H N N 242 
MET HB3  H N N 243 
MET HG2  H N N 244 
MET HG3  H N N 245 
MET HE1  H N N 246 
MET HE2  H N N 247 
MET HE3  H N N 248 
MET HXT  H N N 249 
PHE N    N N N 250 
PHE CA   C N S 251 
PHE C    C N N 252 
PHE O    O N N 253 
PHE CB   C N N 254 
PHE CG   C Y N 255 
PHE CD1  C Y N 256 
PHE CD2  C Y N 257 
PHE CE1  C Y N 258 
PHE CE2  C Y N 259 
PHE CZ   C Y N 260 
PHE OXT  O N N 261 
PHE H    H N N 262 
PHE H2   H N N 263 
PHE HA   H N N 264 
PHE HB2  H N N 265 
PHE HB3  H N N 266 
PHE HD1  H N N 267 
PHE HD2  H N N 268 
PHE HE1  H N N 269 
PHE HE2  H N N 270 
PHE HZ   H N N 271 
PHE HXT  H N N 272 
PRO N    N N N 273 
PRO CA   C N S 274 
PRO C    C N N 275 
PRO O    O N N 276 
PRO CB   C N N 277 
PRO CG   C N N 278 
PRO CD   C N N 279 
PRO OXT  O N N 280 
PRO H    H N N 281 
PRO HA   H N N 282 
PRO HB2  H N N 283 
PRO HB3  H N N 284 
PRO HG2  H N N 285 
PRO HG3  H N N 286 
PRO HD2  H N N 287 
PRO HD3  H N N 288 
PRO HXT  H N N 289 
SER N    N N N 290 
SER CA   C N S 291 
SER C    C N N 292 
SER O    O N N 293 
SER CB   C N N 294 
SER OG   O N N 295 
SER OXT  O N N 296 
SER H    H N N 297 
SER H2   H N N 298 
SER HA   H N N 299 
SER HB2  H N N 300 
SER HB3  H N N 301 
SER HG   H N N 302 
SER HXT  H N N 303 
THR N    N N N 304 
THR CA   C N S 305 
THR C    C N N 306 
THR O    O N N 307 
THR CB   C N R 308 
THR OG1  O N N 309 
THR CG2  C N N 310 
THR OXT  O N N 311 
THR H    H N N 312 
THR H2   H N N 313 
THR HA   H N N 314 
THR HB   H N N 315 
THR HG1  H N N 316 
THR HG21 H N N 317 
THR HG22 H N N 318 
THR HG23 H N N 319 
THR HXT  H N N 320 
TRP N    N N N 321 
TRP CA   C N S 322 
TRP C    C N N 323 
TRP O    O N N 324 
TRP CB   C N N 325 
TRP CG   C Y N 326 
TRP CD1  C Y N 327 
TRP CD2  C Y N 328 
TRP NE1  N Y N 329 
TRP CE2  C Y N 330 
TRP CE3  C Y N 331 
TRP CZ2  C Y N 332 
TRP CZ3  C Y N 333 
TRP CH2  C Y N 334 
TRP OXT  O N N 335 
TRP H    H N N 336 
TRP H2   H N N 337 
TRP HA   H N N 338 
TRP HB2  H N N 339 
TRP HB3  H N N 340 
TRP HD1  H N N 341 
TRP HE1  H N N 342 
TRP HE3  H N N 343 
TRP HZ2  H N N 344 
TRP HZ3  H N N 345 
TRP HH2  H N N 346 
TRP HXT  H N N 347 
TYR N    N N N 348 
TYR CA   C N S 349 
TYR C    C N N 350 
TYR O    O N N 351 
TYR CB   C N N 352 
TYR CG   C Y N 353 
TYR CD1  C Y N 354 
TYR CD2  C Y N 355 
TYR CE1  C Y N 356 
TYR CE2  C Y N 357 
TYR CZ   C Y N 358 
TYR OH   O N N 359 
TYR OXT  O N N 360 
TYR H    H N N 361 
TYR H2   H N N 362 
TYR HA   H N N 363 
TYR HB2  H N N 364 
TYR HB3  H N N 365 
TYR HD1  H N N 366 
TYR HD2  H N N 367 
TYR HE1  H N N 368 
TYR HE2  H N N 369 
TYR HH   H N N 370 
TYR HXT  H N N 371 
VAL N    N N N 372 
VAL CA   C N S 373 
VAL C    C N N 374 
VAL O    O N N 375 
VAL CB   C N N 376 
VAL CG1  C N N 377 
VAL CG2  C N N 378 
VAL OXT  O N N 379 
VAL H    H N N 380 
VAL H2   H N N 381 
VAL HA   H N N 382 
VAL HB   H N N 383 
VAL HG11 H N N 384 
VAL HG12 H N N 385 
VAL HG13 H N N 386 
VAL HG21 H N N 387 
VAL HG22 H N N 388 
VAL HG23 H N N 389 
VAL HXT  H N N 390 
# 
loop_
_chem_comp_bond.comp_id 
_chem_comp_bond.atom_id_1 
_chem_comp_bond.atom_id_2 
_chem_comp_bond.value_order 
_chem_comp_bond.pdbx_aromatic_flag 
_chem_comp_bond.pdbx_stereo_config 
_chem_comp_bond.pdbx_ordinal 
ALA N   CA   sing N N 1   
ALA N   H    sing N N 2   
ALA N   H2   sing N N 3   
ALA CA  C    sing N N 4   
ALA CA  CB   sing N N 5   
ALA CA  HA   sing N N 6   
ALA C   O    doub N N 7   
ALA C   OXT  sing N N 8   
ALA CB  HB1  sing N N 9   
ALA CB  HB2  sing N N 10  
ALA CB  HB3  sing N N 11  
ALA OXT HXT  sing N N 12  
ARG N   CA   sing N N 13  
ARG N   H    sing N N 14  
ARG N   H2   sing N N 15  
ARG CA  C    sing N N 16  
ARG CA  CB   sing N N 17  
ARG CA  HA   sing N N 18  
ARG C   O    doub N N 19  
ARG C   OXT  sing N N 20  
ARG CB  CG   sing N N 21  
ARG CB  HB2  sing N N 22  
ARG CB  HB3  sing N N 23  
ARG CG  CD   sing N N 24  
ARG CG  HG2  sing N N 25  
ARG CG  HG3  sing N N 26  
ARG CD  NE   sing N N 27  
ARG CD  HD2  sing N N 28  
ARG CD  HD3  sing N N 29  
ARG NE  CZ   sing N N 30  
ARG NE  HE   sing N N 31  
ARG CZ  NH1  sing N N 32  
ARG CZ  NH2  doub N N 33  
ARG NH1 HH11 sing N N 34  
ARG NH1 HH12 sing N N 35  
ARG NH2 HH21 sing N N 36  
ARG NH2 HH22 sing N N 37  
ARG OXT HXT  sing N N 38  
ASN N   CA   sing N N 39  
ASN N   H    sing N N 40  
ASN N   H2   sing N N 41  
ASN CA  C    sing N N 42  
ASN CA  CB   sing N N 43  
ASN CA  HA   sing N N 44  
ASN C   O    doub N N 45  
ASN C   OXT  sing N N 46  
ASN CB  CG   sing N N 47  
ASN CB  HB2  sing N N 48  
ASN CB  HB3  sing N N 49  
ASN CG  OD1  doub N N 50  
ASN CG  ND2  sing N N 51  
ASN ND2 HD21 sing N N 52  
ASN ND2 HD22 sing N N 53  
ASN OXT HXT  sing N N 54  
ASP N   CA   sing N N 55  
ASP N   H    sing N N 56  
ASP N   H2   sing N N 57  
ASP CA  C    sing N N 58  
ASP CA  CB   sing N N 59  
ASP CA  HA   sing N N 60  
ASP C   O    doub N N 61  
ASP C   OXT  sing N N 62  
ASP CB  CG   sing N N 63  
ASP CB  HB2  sing N N 64  
ASP CB  HB3  sing N N 65  
ASP CG  OD1  doub N N 66  
ASP CG  OD2  sing N N 67  
ASP OD2 HD2  sing N N 68  
ASP OXT HXT  sing N N 69  
CYS N   CA   sing N N 70  
CYS N   H    sing N N 71  
CYS N   H2   sing N N 72  
CYS CA  C    sing N N 73  
CYS CA  CB   sing N N 74  
CYS CA  HA   sing N N 75  
CYS C   O    doub N N 76  
CYS C   OXT  sing N N 77  
CYS CB  SG   sing N N 78  
CYS CB  HB2  sing N N 79  
CYS CB  HB3  sing N N 80  
CYS SG  HG   sing N N 81  
CYS OXT HXT  sing N N 82  
GLN N   CA   sing N N 83  
GLN N   H    sing N N 84  
GLN N   H2   sing N N 85  
GLN CA  C    sing N N 86  
GLN CA  CB   sing N N 87  
GLN CA  HA   sing N N 88  
GLN C   O    doub N N 89  
GLN C   OXT  sing N N 90  
GLN CB  CG   sing N N 91  
GLN CB  HB2  sing N N 92  
GLN CB  HB3  sing N N 93  
GLN CG  CD   sing N N 94  
GLN CG  HG2  sing N N 95  
GLN CG  HG3  sing N N 96  
GLN CD  OE1  doub N N 97  
GLN CD  NE2  sing N N 98  
GLN NE2 HE21 sing N N 99  
GLN NE2 HE22 sing N N 100 
GLN OXT HXT  sing N N 101 
GLU N   CA   sing N N 102 
GLU N   H    sing N N 103 
GLU N   H2   sing N N 104 
GLU CA  C    sing N N 105 
GLU CA  CB   sing N N 106 
GLU CA  HA   sing N N 107 
GLU C   O    doub N N 108 
GLU C   OXT  sing N N 109 
GLU CB  CG   sing N N 110 
GLU CB  HB2  sing N N 111 
GLU CB  HB3  sing N N 112 
GLU CG  CD   sing N N 113 
GLU CG  HG2  sing N N 114 
GLU CG  HG3  sing N N 115 
GLU CD  OE1  doub N N 116 
GLU CD  OE2  sing N N 117 
GLU OE2 HE2  sing N N 118 
GLU OXT HXT  sing N N 119 
GLY N   CA   sing N N 120 
GLY N   H    sing N N 121 
GLY N   H2   sing N N 122 
GLY CA  C    sing N N 123 
GLY CA  HA2  sing N N 124 
GLY CA  HA3  sing N N 125 
GLY C   O    doub N N 126 
GLY C   OXT  sing N N 127 
GLY OXT HXT  sing N N 128 
HIS N   CA   sing N N 129 
HIS N   H    sing N N 130 
HIS N   H2   sing N N 131 
HIS CA  C    sing N N 132 
HIS CA  CB   sing N N 133 
HIS CA  HA   sing N N 134 
HIS C   O    doub N N 135 
HIS C   OXT  sing N N 136 
HIS CB  CG   sing N N 137 
HIS CB  HB2  sing N N 138 
HIS CB  HB3  sing N N 139 
HIS CG  ND1  sing Y N 140 
HIS CG  CD2  doub Y N 141 
HIS ND1 CE1  doub Y N 142 
HIS ND1 HD1  sing N N 143 
HIS CD2 NE2  sing Y N 144 
HIS CD2 HD2  sing N N 145 
HIS CE1 NE2  sing Y N 146 
HIS CE1 HE1  sing N N 147 
HIS NE2 HE2  sing N N 148 
HIS OXT HXT  sing N N 149 
HOH O   H1   sing N N 150 
HOH O   H2   sing N N 151 
ILE N   CA   sing N N 152 
ILE N   H    sing N N 153 
ILE N   H2   sing N N 154 
ILE CA  C    sing N N 155 
ILE CA  CB   sing N N 156 
ILE CA  HA   sing N N 157 
ILE C   O    doub N N 158 
ILE C   OXT  sing N N 159 
ILE CB  CG1  sing N N 160 
ILE CB  CG2  sing N N 161 
ILE CB  HB   sing N N 162 
ILE CG1 CD1  sing N N 163 
ILE CG1 HG12 sing N N 164 
ILE CG1 HG13 sing N N 165 
ILE CG2 HG21 sing N N 166 
ILE CG2 HG22 sing N N 167 
ILE CG2 HG23 sing N N 168 
ILE CD1 HD11 sing N N 169 
ILE CD1 HD12 sing N N 170 
ILE CD1 HD13 sing N N 171 
ILE OXT HXT  sing N N 172 
LEU N   CA   sing N N 173 
LEU N   H    sing N N 174 
LEU N   H2   sing N N 175 
LEU CA  C    sing N N 176 
LEU CA  CB   sing N N 177 
LEU CA  HA   sing N N 178 
LEU C   O    doub N N 179 
LEU C   OXT  sing N N 180 
LEU CB  CG   sing N N 181 
LEU CB  HB2  sing N N 182 
LEU CB  HB3  sing N N 183 
LEU CG  CD1  sing N N 184 
LEU CG  CD2  sing N N 185 
LEU CG  HG   sing N N 186 
LEU CD1 HD11 sing N N 187 
LEU CD1 HD12 sing N N 188 
LEU CD1 HD13 sing N N 189 
LEU CD2 HD21 sing N N 190 
LEU CD2 HD22 sing N N 191 
LEU CD2 HD23 sing N N 192 
LEU OXT HXT  sing N N 193 
LYS N   CA   sing N N 194 
LYS N   H    sing N N 195 
LYS N   H2   sing N N 196 
LYS CA  C    sing N N 197 
LYS CA  CB   sing N N 198 
LYS CA  HA   sing N N 199 
LYS C   O    doub N N 200 
LYS C   OXT  sing N N 201 
LYS CB  CG   sing N N 202 
LYS CB  HB2  sing N N 203 
LYS CB  HB3  sing N N 204 
LYS CG  CD   sing N N 205 
LYS CG  HG2  sing N N 206 
LYS CG  HG3  sing N N 207 
LYS CD  CE   sing N N 208 
LYS CD  HD2  sing N N 209 
LYS CD  HD3  sing N N 210 
LYS CE  NZ   sing N N 211 
LYS CE  HE2  sing N N 212 
LYS CE  HE3  sing N N 213 
LYS NZ  HZ1  sing N N 214 
LYS NZ  HZ2  sing N N 215 
LYS NZ  HZ3  sing N N 216 
LYS OXT HXT  sing N N 217 
MET N   CA   sing N N 218 
MET N   H    sing N N 219 
MET N   H2   sing N N 220 
MET CA  C    sing N N 221 
MET CA  CB   sing N N 222 
MET CA  HA   sing N N 223 
MET C   O    doub N N 224 
MET C   OXT  sing N N 225 
MET CB  CG   sing N N 226 
MET CB  HB2  sing N N 227 
MET CB  HB3  sing N N 228 
MET CG  SD   sing N N 229 
MET CG  HG2  sing N N 230 
MET CG  HG3  sing N N 231 
MET SD  CE   sing N N 232 
MET CE  HE1  sing N N 233 
MET CE  HE2  sing N N 234 
MET CE  HE3  sing N N 235 
MET OXT HXT  sing N N 236 
PHE N   CA   sing N N 237 
PHE N   H    sing N N 238 
PHE N   H2   sing N N 239 
PHE CA  C    sing N N 240 
PHE CA  CB   sing N N 241 
PHE CA  HA   sing N N 242 
PHE C   O    doub N N 243 
PHE C   OXT  sing N N 244 
PHE CB  CG   sing N N 245 
PHE CB  HB2  sing N N 246 
PHE CB  HB3  sing N N 247 
PHE CG  CD1  doub Y N 248 
PHE CG  CD2  sing Y N 249 
PHE CD1 CE1  sing Y N 250 
PHE CD1 HD1  sing N N 251 
PHE CD2 CE2  doub Y N 252 
PHE CD2 HD2  sing N N 253 
PHE CE1 CZ   doub Y N 254 
PHE CE1 HE1  sing N N 255 
PHE CE2 CZ   sing Y N 256 
PHE CE2 HE2  sing N N 257 
PHE CZ  HZ   sing N N 258 
PHE OXT HXT  sing N N 259 
PRO N   CA   sing N N 260 
PRO N   CD   sing N N 261 
PRO N   H    sing N N 262 
PRO CA  C    sing N N 263 
PRO CA  CB   sing N N 264 
PRO CA  HA   sing N N 265 
PRO C   O    doub N N 266 
PRO C   OXT  sing N N 267 
PRO CB  CG   sing N N 268 
PRO CB  HB2  sing N N 269 
PRO CB  HB3  sing N N 270 
PRO CG  CD   sing N N 271 
PRO CG  HG2  sing N N 272 
PRO CG  HG3  sing N N 273 
PRO CD  HD2  sing N N 274 
PRO CD  HD3  sing N N 275 
PRO OXT HXT  sing N N 276 
SER N   CA   sing N N 277 
SER N   H    sing N N 278 
SER N   H2   sing N N 279 
SER CA  C    sing N N 280 
SER CA  CB   sing N N 281 
SER CA  HA   sing N N 282 
SER C   O    doub N N 283 
SER C   OXT  sing N N 284 
SER CB  OG   sing N N 285 
SER CB  HB2  sing N N 286 
SER CB  HB3  sing N N 287 
SER OG  HG   sing N N 288 
SER OXT HXT  sing N N 289 
THR N   CA   sing N N 290 
THR N   H    sing N N 291 
THR N   H2   sing N N 292 
THR CA  C    sing N N 293 
THR CA  CB   sing N N 294 
THR CA  HA   sing N N 295 
THR C   O    doub N N 296 
THR C   OXT  sing N N 297 
THR CB  OG1  sing N N 298 
THR CB  CG2  sing N N 299 
THR CB  HB   sing N N 300 
THR OG1 HG1  sing N N 301 
THR CG2 HG21 sing N N 302 
THR CG2 HG22 sing N N 303 
THR CG2 HG23 sing N N 304 
THR OXT HXT  sing N N 305 
TRP N   CA   sing N N 306 
TRP N   H    sing N N 307 
TRP N   H2   sing N N 308 
TRP CA  C    sing N N 309 
TRP CA  CB   sing N N 310 
TRP CA  HA   sing N N 311 
TRP C   O    doub N N 312 
TRP C   OXT  sing N N 313 
TRP CB  CG   sing N N 314 
TRP CB  HB2  sing N N 315 
TRP CB  HB3  sing N N 316 
TRP CG  CD1  doub Y N 317 
TRP CG  CD2  sing Y N 318 
TRP CD1 NE1  sing Y N 319 
TRP CD1 HD1  sing N N 320 
TRP CD2 CE2  doub Y N 321 
TRP CD2 CE3  sing Y N 322 
TRP NE1 CE2  sing Y N 323 
TRP NE1 HE1  sing N N 324 
TRP CE2 CZ2  sing Y N 325 
TRP CE3 CZ3  doub Y N 326 
TRP CE3 HE3  sing N N 327 
TRP CZ2 CH2  doub Y N 328 
TRP CZ2 HZ2  sing N N 329 
TRP CZ3 CH2  sing Y N 330 
TRP CZ3 HZ3  sing N N 331 
TRP CH2 HH2  sing N N 332 
TRP OXT HXT  sing N N 333 
TYR N   CA   sing N N 334 
TYR N   H    sing N N 335 
TYR N   H2   sing N N 336 
TYR CA  C    sing N N 337 
TYR CA  CB   sing N N 338 
TYR CA  HA   sing N N 339 
TYR C   O    doub N N 340 
TYR C   OXT  sing N N 341 
TYR CB  CG   sing N N 342 
TYR CB  HB2  sing N N 343 
TYR CB  HB3  sing N N 344 
TYR CG  CD1  doub Y N 345 
TYR CG  CD2  sing Y N 346 
TYR CD1 CE1  sing Y N 347 
TYR CD1 HD1  sing N N 348 
TYR CD2 CE2  doub Y N 349 
TYR CD2 HD2  sing N N 350 
TYR CE1 CZ   doub Y N 351 
TYR CE1 HE1  sing N N 352 
TYR CE2 CZ   sing Y N 353 
TYR CE2 HE2  sing N N 354 
TYR CZ  OH   sing N N 355 
TYR OH  HH   sing N N 356 
TYR OXT HXT  sing N N 357 
VAL N   CA   sing N N 358 
VAL N   H    sing N N 359 
VAL N   H2   sing N N 360 
VAL CA  C    sing N N 361 
VAL CA  CB   sing N N 362 
VAL CA  HA   sing N N 363 
VAL C   O    doub N N 364 
VAL C   OXT  sing N N 365 
VAL CB  CG1  sing N N 366 
VAL CB  CG2  sing N N 367 
VAL CB  HB   sing N N 368 
VAL CG1 HG11 sing N N 369 
VAL CG1 HG12 sing N N 370 
VAL CG1 HG13 sing N N 371 
VAL CG2 HG21 sing N N 372 
VAL CG2 HG22 sing N N 373 
VAL CG2 HG23 sing N N 374 
VAL OXT HXT  sing N N 375 
# 
_atom_sites.entry_id                    1GCS 
_atom_sites.fract_transf_matrix[1][1]   0.01765837 
_atom_sites.fract_transf_matrix[1][2]   0.00081057 
_atom_sites.fract_transf_matrix[1][3]   -0.00133098 
_atom_sites.fract_transf_matrix[2][1]   -0.00071048 
_atom_sites.fract_transf_matrix[2][2]   0.01766271 
_atom_sites.fract_transf_matrix[2][3]   0.00133059 
_atom_sites.fract_transf_matrix[3][1]   0.00080573 
_atom_sites.fract_transf_matrix[3][2]   -0.00073899 
_atom_sites.fract_transf_matrix[3][3]   0.01023980 
_atom_sites.fract_transf_vector[1]      0.165677 
_atom_sites.fract_transf_vector[2]      0.286522 
_atom_sites.fract_transf_vector[3]      0.262286 
# 
_atom_sites_footnote.id     1 
_atom_sites_footnote.text   'THE SIDE CHAINS OF CYS 18 AND CYS 22 ARE IN THE FULLY REDUCED STATE.' 
# 
loop_
_atom_type.symbol 
C 
N 
O 
S 
# 
loop_
_atom_site.group_PDB 
_atom_site.id 
_atom_site.type_symbol 
_atom_site.label_atom_id 
_atom_site.label_alt_id 
_atom_site.label_comp_id 
_atom_site.label_asym_id 
_atom_site.label_entity_id 
_atom_site.label_seq_id 
_atom_site.pdbx_PDB_ins_code 
_atom_site.Cartn_x 
_atom_site.Cartn_y 
_atom_site.Cartn_z 
_atom_site.occupancy 
_atom_site.B_iso_or_equiv 
_atom_site.pdbx_formal_charge 
_atom_site.auth_seq_id 
_atom_site.auth_comp_id 
_atom_site.auth_asym_id 
_atom_site.auth_atom_id 
_atom_site.pdbx_PDB_model_num 
ATOM   1    N N   . GLY A 1 1   ? -11.299 -11.153 6.248   1.00 12.17 ? 1   GLY A N   1 
ATOM   2    C CA  . GLY A 1 1   ? -10.193 -10.215 6.602   1.00 14.54 ? 1   GLY A CA  1 
ATOM   3    C C   . GLY A 1 1   ? -10.407 -9.872  8.075   1.00 23.11 ? 1   GLY A C   1 
ATOM   4    O O   . GLY A 1 1   ? -11.552 -9.650  8.481   1.00 2.30  ? 1   GLY A O   1 
ATOM   5    N N   . LYS A 1 2   ? -9.351  -9.938  8.854   1.00 4.18  ? 2   LYS A N   1 
ATOM   6    C CA  . LYS A 1 2   ? -9.458  -9.614  10.266  1.00 1.94  ? 2   LYS A CA  1 
ATOM   7    C C   . LYS A 1 2   ? -8.146  -8.981  10.732  1.00 24.19 ? 2   LYS A C   1 
ATOM   8    O O   . LYS A 1 2   ? -7.080  -9.577  10.650  1.00 3.24  ? 2   LYS A O   1 
ATOM   9    C CB  . LYS A 1 2   ? -9.795  -10.805 11.139  1.00 7.20  ? 2   LYS A CB  1 
ATOM   10   C CG  . LYS A 1 2   ? -10.138 -10.317 12.550  1.00 12.17 ? 2   LYS A CG  1 
ATOM   11   C CD  . LYS A 1 2   ? -10.778 -11.464 13.345  1.00 40.97 ? 2   LYS A CD  1 
ATOM   12   C CE  . LYS A 1 2   ? -10.079 -11.591 14.695  1.00 58.82 ? 2   LYS A CE  1 
ATOM   13   N NZ  . LYS A 1 2   ? -10.767 -12.582 15.551  1.00 24.41 ? 2   LYS A NZ  1 
ATOM   14   N N   . ILE A 1 3   ? -8.260  -7.781  11.211  1.00 3.60  ? 3   ILE A N   1 
ATOM   15   C CA  . ILE A 1 3   ? -7.189  -6.960  11.738  1.00 2.16  ? 3   ILE A CA  1 
ATOM   16   C C   . ILE A 1 3   ? -7.572  -6.260  13.062  1.00 -0.58 ? 3   ILE A C   1 
ATOM   17   O O   . ILE A 1 3   ? -8.691  -5.885  13.282  1.00 3.02  ? 3   ILE A O   1 
ATOM   18   C CB  . ILE A 1 3   ? -6.706  -6.014  10.700  1.00 2.30  ? 3   ILE A CB  1 
ATOM   19   C CG1 . ILE A 1 3   ? -5.418  -5.283  11.155  1.00 5.62  ? 3   ILE A CG1 1 
ATOM   20   C CG2 . ILE A 1 3   ? -7.786  -4.927  10.333  1.00 2.23  ? 3   ILE A CG2 1 
ATOM   21   C CD1 . ILE A 1 3   ? -4.971  -4.275  10.035  1.00 2.38  ? 3   ILE A CD1 1 
ATOM   22   N N   . THR A 1 4   ? -6.694  -6.134  14.001  1.00 3.82  ? 4   THR A N   1 
ATOM   23   C CA  . THR A 1 4   ? -6.958  -5.469  15.247  1.00 4.25  ? 4   THR A CA  1 
ATOM   24   C C   . THR A 1 4   ? -5.960  -4.368  15.508  1.00 3.10  ? 4   THR A C   1 
ATOM   25   O O   . THR A 1 4   ? -4.739  -4.610  15.435  1.00 3.46  ? 4   THR A O   1 
ATOM   26   C CB  . THR A 1 4   ? -6.729  -6.517  16.420  1.00 9.65  ? 4   THR A CB  1 
ATOM   27   O OG1 . THR A 1 4   ? -7.661  -7.586  16.135  1.00 11.52 ? 4   THR A OG1 1 
ATOM   28   C CG2 . THR A 1 4   ? -7.298  -5.801  17.646  1.00 9.72  ? 4   THR A CG2 1 
ATOM   29   N N   . PHE A 1 5   ? -6.504  -3.206  15.781  1.00 5.18  ? 5   PHE A N   1 
ATOM   30   C CA  . PHE A 1 5   ? -5.649  -2.051  16.041  1.00 6.55  ? 5   PHE A CA  1 
ATOM   31   C C   . PHE A 1 5   ? -5.563  -1.822  17.544  1.00 5.33  ? 5   PHE A C   1 
ATOM   32   O O   . PHE A 1 5   ? -6.655  -1.891  18.194  1.00 0.86  ? 5   PHE A O   1 
ATOM   33   C CB  . PHE A 1 5   ? -6.324  -0.816  15.392  1.00 -0.43 ? 5   PHE A CB  1 
ATOM   34   C CG  . PHE A 1 5   ? -6.484  -0.974  13.908  1.00 7.92  ? 5   PHE A CG  1 
ATOM   35   C CD1 . PHE A 1 5   ? -5.445  -0.743  13.024  1.00 2.09  ? 5   PHE A CD1 1 
ATOM   36   C CD2 . PHE A 1 5   ? -7.741  -1.357  13.403  1.00 6.34  ? 5   PHE A CD2 1 
ATOM   37   C CE1 . PHE A 1 5   ? -5.577  -0.879  11.638  1.00 1.44  ? 5   PHE A CE1 1 
ATOM   38   C CE2 . PHE A 1 5   ? -7.821  -1.476  12.036  1.00 8.42  ? 5   PHE A CE2 1 
ATOM   39   C CZ  . PHE A 1 5   ? -6.801  -1.270  11.130  1.00 12.74 ? 5   PHE A CZ  1 
ATOM   40   N N   . TYR A 1 6   ? -4.423  -1.544  18.110  1.00 21.67 ? 6   TYR A N   1 
ATOM   41   C CA  . TYR A 1 6   ? -4.278  -1.299  19.582  1.00 2.23  ? 6   TYR A CA  1 
ATOM   42   C C   . TYR A 1 6   ? -3.704  0.094   19.806  1.00 24.26 ? 6   TYR A C   1 
ATOM   43   O O   . TYR A 1 6   ? -2.864  0.518   19.015  1.00 0.94  ? 6   TYR A O   1 
ATOM   44   C CB  . TYR A 1 6   ? -3.312  -2.304  20.172  1.00 4.10  ? 6   TYR A CB  1 
ATOM   45   C CG  . TYR A 1 6   ? -3.826  -3.726  20.139  1.00 0.58  ? 6   TYR A CG  1 
ATOM   46   C CD1 . TYR A 1 6   ? -3.860  -4.434  18.960  1.00 4.10  ? 6   TYR A CD1 1 
ATOM   47   C CD2 . TYR A 1 6   ? -4.288  -4.317  21.338  1.00 10.80 ? 6   TYR A CD2 1 
ATOM   48   C CE1 . TYR A 1 6   ? -4.322  -5.756  18.907  1.00 9.07  ? 6   TYR A CE1 1 
ATOM   49   C CE2 . TYR A 1 6   ? -4.774  -5.625  21.262  1.00 11.09 ? 6   TYR A CE2 1 
ATOM   50   C CZ  . TYR A 1 6   ? -4.789  -6.341  20.081  1.00 9.86  ? 6   TYR A CZ  1 
ATOM   51   O OH  . TYR A 1 6   ? -5.252  -7.639  20.052  1.00 2.95  ? 6   TYR A OH  1 
ATOM   52   N N   . GLU A 1 7   ? -4.114  0.782   20.850  1.00 9.29  ? 7   GLU A N   1 
ATOM   53   C CA  . GLU A 1 7   ? -3.621  2.167   21.042  1.00 2.38  ? 7   GLU A CA  1 
ATOM   54   C C   . GLU A 1 7   ? -2.210  2.159   21.557  1.00 15.48 ? 7   GLU A C   1 
ATOM   55   O O   . GLU A 1 7   ? -1.413  3.048   21.282  1.00 10.51 ? 7   GLU A O   1 
ATOM   56   C CB  . GLU A 1 7   ? -4.561  2.827   22.150  1.00 -1.94 ? 7   GLU A CB  1 
ATOM   57   C CG  . GLU A 1 7   ? -5.848  3.192   21.340  1.00 3.67  ? 7   GLU A CG  1 
ATOM   58   C CD  . GLU A 1 7   ? -6.767  4.088   22.158  1.00 18.22 ? 7   GLU A CD  1 
ATOM   59   O OE1 . GLU A 1 7   ? -6.643  4.197   23.356  1.00 9.22  ? 7   GLU A OE1 1 
ATOM   60   O OE2 . GLU A 1 7   ? -7.749  4.650   21.633  1.00 7.13  ? 7   GLU A OE2 1 
ATOM   61   N N   . ASP A 1 8   ? -1.883  1.150   22.380  1.00 5.18  ? 8   ASP A N   1 
ATOM   62   C CA  . ASP A 1 8   ? -0.496  1.095   22.889  1.00 12.31 ? 8   ASP A CA  1 
ATOM   63   C C   . ASP A 1 8   ? 0.278   -0.018  22.240  1.00 2.66  ? 8   ASP A C   1 
ATOM   64   O O   . ASP A 1 8   ? -0.245  -0.797  21.488  1.00 6.19  ? 8   ASP A O   1 
ATOM   65   C CB  . ASP A 1 8   ? -0.492  1.026   24.406  1.00 7.92  ? 8   ASP A CB  1 
ATOM   66   C CG  . ASP A 1 8   ? -1.459  2.099   24.947  1.00 11.59 ? 8   ASP A CG  1 
ATOM   67   O OD1 . ASP A 1 8   ? -1.358  3.262   24.515  1.00 8.35  ? 8   ASP A OD1 1 
ATOM   68   O OD2 . ASP A 1 8   ? -2.365  1.822   25.727  1.00 7.27  ? 8   ASP A OD2 1 
ATOM   69   N N   . ARG A 1 9   ? 1.600   -0.045  22.487  1.00 7.56  ? 9   ARG A N   1 
ATOM   70   C CA  . ARG A 1 9   ? 2.613   -0.961  22.061  1.00 11.59 ? 9   ARG A CA  1 
ATOM   71   C C   . ARG A 1 9   ? 2.459   -2.380  22.659  1.00 1.58  ? 9   ARG A C   1 
ATOM   72   O O   . ARG A 1 9   ? 1.914   -2.494  23.757  1.00 4.68  ? 9   ARG A O   1 
ATOM   73   C CB  . ARG A 1 9   ? 3.971   -0.425  22.656  1.00 7.99  ? 9   ARG A CB  1 
ATOM   74   C CG  . ARG A 1 9   ? 4.794   0.156   21.506  1.00 24.19 ? 9   ARG A CG  1 
ATOM   75   C CD  . ARG A 1 9   ? 5.960   0.982   22.183  1.00 16.78 ? 9   ARG A CD  1 
ATOM   76   N NE  . ARG A 1 9   ? 6.372   1.937   21.151  1.00 57.38 ? 9   ARG A NE  1 
ATOM   77   C CZ  . ARG A 1 9   ? 6.049   3.244   21.171  1.00 13.39 ? 9   ARG A CZ  1 
ATOM   78   N NH1 . ARG A 1 9   ? 5.525   3.773   20.064  1.00 17.64 ? 9   ARG A NH1 1 
ATOM   79   N NH2 . ARG A 1 9   ? 6.337   3.984   22.224  1.00 44.86 ? 9   ARG A NH2 1 
ATOM   80   N N   . GLY A 1 10  ? 2.869   -3.390  21.955  1.00 6.12  ? 10  GLY A N   1 
ATOM   81   C CA  . GLY A 1 10  ? 2.815   -4.815  22.450  1.00 13.10 ? 10  GLY A CA  1 
ATOM   82   C C   . GLY A 1 10  ? 1.399   -5.273  22.790  1.00 4.46  ? 10  GLY A C   1 
ATOM   83   O O   . GLY A 1 10  ? 1.227   -6.006  23.796  1.00 8.14  ? 10  GLY A O   1 
ATOM   84   N N   . PHE A 1 11  ? 0.451   -4.883  21.980  1.00 12.96 ? 11  PHE A N   1 
ATOM   85   C CA  . PHE A 1 11  ? -0.947  -5.086  21.938  1.00 7.70  ? 11  PHE A CA  1 
ATOM   86   C C   . PHE A 1 11  ? -1.655  -4.762  23.247  1.00 3.96  ? 11  PHE A C   1 
ATOM   87   O O   . PHE A 1 11  ? -2.564  -5.522  23.625  1.00 9.43  ? 11  PHE A O   1 
ATOM   88   C CB  . PHE A 1 11  ? -1.245  -6.634  21.649  1.00 -1.15 ? 11  PHE A CB  1 
ATOM   89   C CG  . PHE A 1 11  ? -0.177  -7.000  20.573  1.00 9.29  ? 11  PHE A CG  1 
ATOM   90   C CD1 . PHE A 1 11  ? -0.451  -6.785  19.269  1.00 2.66  ? 11  PHE A CD1 1 
ATOM   91   C CD2 . PHE A 1 11  ? 1.059   -7.574  20.959  1.00 12.02 ? 11  PHE A CD2 1 
ATOM   92   C CE1 . PHE A 1 11  ? 0.443   -7.057  18.241  1.00 4.97  ? 11  PHE A CE1 1 
ATOM   93   C CE2 . PHE A 1 11  ? 1.994   -7.891  19.924  1.00 3.46  ? 11  PHE A CE2 1 
ATOM   94   C CZ  . PHE A 1 11  ? 1.712   -7.632  18.611  1.00 5.62  ? 11  PHE A CZ  1 
ATOM   95   N N   . GLN A 1 12  ? -1.289  -3.691  23.898  1.00 6.98  ? 12  GLN A N   1 
ATOM   96   C CA  . GLN A 1 12  ? -1.839  -3.227  25.174  1.00 12.46 ? 12  GLN A CA  1 
ATOM   97   C C   . GLN A 1 12  ? -2.868  -2.121  24.961  1.00 2.30  ? 12  GLN A C   1 
ATOM   98   O O   . GLN A 1 12  ? -2.766  -1.430  23.977  1.00 2.30  ? 12  GLN A O   1 
ATOM   99   C CB  . GLN A 1 12  ? -0.751  -2.758  26.134  1.00 9.50  ? 12  GLN A CB  1 
ATOM   100  C CG  . GLN A 1 12  ? 0.316   -3.914  26.320  1.00 7.34  ? 12  GLN A CG  1 
ATOM   101  C CD  . GLN A 1 12  ? -0.398  -5.176  26.770  1.00 15.70 ? 12  GLN A CD  1 
ATOM   102  O OE1 . GLN A 1 12  ? -1.252  -5.132  27.769  1.00 4.25  ? 12  GLN A OE1 1 
ATOM   103  N NE2 . GLN A 1 12  ? -0.253  -6.373  26.189  1.00 6.62  ? 12  GLN A NE2 1 
ATOM   104  N N   . GLY A 1 13  ? -3.776  -1.944  25.910  1.00 3.17  ? 13  GLY A N   1 
ATOM   105  C CA  . GLY A 1 13  ? -4.830  -0.973  25.955  1.00 28.80 ? 13  GLY A CA  1 
ATOM   106  C C   . GLY A 1 13  ? -6.011  -1.142  25.013  1.00 6.91  ? 13  GLY A C   1 
ATOM   107  O O   . GLY A 1 13  ? -6.242  -2.181  24.460  1.00 1.66  ? 13  GLY A O   1 
ATOM   108  N N   . HIS A 1 14  ? -6.790  -0.082  24.796  1.00 14.47 ? 14  HIS A N   1 
ATOM   109  C CA  . HIS A 1 14  ? -7.903  -0.059  23.874  1.00 23.62 ? 14  HIS A CA  1 
ATOM   110  C C   . HIS A 1 14  ? -7.544  -0.555  22.503  1.00 4.68  ? 14  HIS A C   1 
ATOM   111  O O   . HIS A 1 14  ? -6.513  -0.336  21.852  1.00 10.51 ? 14  HIS A O   1 
ATOM   112  C CB  . HIS A 1 14  ? -8.652  1.263   23.830  1.00 7.70  ? 14  HIS A CB  1 
ATOM   113  C CG  . HIS A 1 14  ? -10.113 1.090   23.438  1.00 3.10  ? 14  HIS A CG  1 
ATOM   114  N ND1 . HIS A 1 14  ? -11.151 0.404   24.032  1.00 2.59  ? 14  HIS A ND1 1 
ATOM   115  C CD2 . HIS A 1 14  ? -10.622 1.644   22.236  1.00 3.24  ? 14  HIS A CD2 1 
ATOM   116  C CE1 . HIS A 1 14  ? -12.304 0.545   23.236  1.00 14.69 ? 14  HIS A CE1 1 
ATOM   117  N NE2 . HIS A 1 14  ? -11.961 1.298   22.115  1.00 18.94 ? 14  HIS A NE2 1 
ATOM   118  N N   . CYS A 1 15  ? -8.445  -1.372  21.962  1.00 7.78  ? 15  CYS A N   1 
ATOM   119  C CA  . CYS A 1 15  ? -8.304  -1.956  20.664  1.00 1.44  ? 15  CYS A CA  1 
ATOM   120  C C   . CYS A 1 15  ? -9.629  -1.978  19.895  1.00 5.04  ? 15  CYS A C   1 
ATOM   121  O O   . CYS A 1 15  ? -10.631 -1.603  20.496  1.00 8.71  ? 15  CYS A O   1 
ATOM   122  C CB  . CYS A 1 15  ? -7.721  -3.385  20.678  1.00 16.85 ? 15  CYS A CB  1 
ATOM   123  S SG  . CYS A 1 15  ? -8.653  -4.534  21.722  1.00 12.38 ? 15  CYS A SG  1 
ATOM   124  N N   . TYR A 1 16  ? -9.595  -2.388  18.652  1.00 4.46  ? 16  TYR A N   1 
ATOM   125  C CA  . TYR A 1 16  ? -10.844 -2.391  17.804  1.00 9.07  ? 16  TYR A CA  1 
ATOM   126  C C   . TYR A 1 16  ? -10.620 -3.413  16.699  1.00 1.37  ? 16  TYR A C   1 
ATOM   127  O O   . TYR A 1 16  ? -9.519  -3.353  16.057  1.00 9.36  ? 16  TYR A O   1 
ATOM   128  C CB  . TYR A 1 16  ? -10.966 -1.016  17.098  1.00 8.35  ? 16  TYR A CB  1 
ATOM   129  C CG  . TYR A 1 16  ? -12.094 -1.041  16.026  1.00 2.81  ? 16  TYR A CG  1 
ATOM   130  C CD1 . TYR A 1 16  ? -13.440 -1.133  16.439  1.00 11.81 ? 16  TYR A CD1 1 
ATOM   131  C CD2 . TYR A 1 16  ? -11.797 -0.967  14.683  1.00 49.25 ? 16  TYR A CD2 1 
ATOM   132  C CE1 . TYR A 1 16  ? -14.451 -1.151  15.488  1.00 7.34  ? 16  TYR A CE1 1 
ATOM   133  C CE2 . TYR A 1 16  ? -12.800 -0.983  13.724  1.00 8.86  ? 16  TYR A CE2 1 
ATOM   134  C CZ  . TYR A 1 16  ? -14.144 -1.049  14.138  1.00 2.59  ? 16  TYR A CZ  1 
ATOM   135  O OH  . TYR A 1 16  ? -15.165 -1.088  13.182  1.00 4.75  ? 16  TYR A OH  1 
ATOM   136  N N   . GLU A 1 17  ? -11.505 -4.374  16.526  1.00 0.43  ? 17  GLU A N   1 
ATOM   137  C CA  . GLU A 1 17  ? -11.265 -5.309  15.424  1.00 11.23 ? 17  GLU A CA  1 
ATOM   138  C C   . GLU A 1 17  ? -11.968 -4.911  14.160  1.00 8.35  ? 17  GLU A C   1 
ATOM   139  O O   . GLU A 1 17  ? -13.082 -4.402  14.166  1.00 14.83 ? 17  GLU A O   1 
ATOM   140  C CB  . GLU A 1 17  ? -11.289 -6.743  15.723  1.00 21.38 ? 17  GLU A CB  1 
ATOM   141  C CG  . GLU A 1 17  ? -12.496 -7.278  16.383  1.00 20.09 ? 17  GLU A CG  1 
ATOM   142  C CD  . GLU A 1 17  ? -12.438 -8.813  16.353  1.00 36.50 ? 17  GLU A CD  1 
ATOM   143  O OE1 . GLU A 1 17  ? -12.393 -9.414  15.255  1.00 21.10 ? 17  GLU A OE1 1 
ATOM   144  O OE2 . GLU A 1 17  ? -12.408 -9.368  17.474  1.00 18.86 ? 17  GLU A OE2 1 
ATOM   145  N N   . CYS A 1 18  ? -11.339 -5.084  13.008  1.00 2.88  ? 18  CYS A N   1 
ATOM   146  C CA  . CYS A 1 18  ? -12.065 -4.577  11.782  1.00 10.30 ? 18  CYS A CA  1 
ATOM   147  C C   . CYS A 1 18  ? -11.993 -5.669  10.755  1.00 11.16 ? 18  CYS A C   1 
ATOM   148  O O   . CYS A 1 18  ? -10.979 -6.389  10.763  1.00 7.78  ? 18  CYS A O   1 
ATOM   149  C CB  . CYS A 1 18  ? -11.332 -3.320  11.320  1.00 21.24 ? 18  CYS A CB  1 
ATOM   150  S SG  . CYS A 1 18  ? -11.667 -2.775  9.681   1.00 12.82 ? 18  CYS A SG  1 
ATOM   151  N N   . SER A 1 19  ? -13.009 -5.817  9.916   1.00 3.89  ? 19  SER A N   1 
ATOM   152  C CA  . SER A 1 19  ? -13.052 -6.877  8.932   1.00 2.16  ? 19  SER A CA  1 
ATOM   153  C C   . SER A 1 19  ? -13.504 -6.415  7.553   1.00 11.52 ? 19  SER A C   1 
ATOM   154  O O   . SER A 1 19  ? -13.893 -7.192  6.726   1.00 14.98 ? 19  SER A O   1 
ATOM   155  C CB  . SER A 1 19  ? -14.039 -7.969  9.396   1.00 13.61 ? 19  SER A CB  1 
ATOM   156  O OG  . SER A 1 19  ? -15.365 -7.378  9.280   1.00 25.06 ? 19  SER A OG  1 
ATOM   157  N N   . SER A 1 20  ? -13.423 -5.131  7.299   1.00 5.04  ? 20  SER A N   1 
ATOM   158  C CA  . SER A 1 20  ? -13.850 -4.575  6.033   1.00 5.62  ? 20  SER A CA  1 
ATOM   159  C C   . SER A 1 20  ? -13.286 -3.180  5.883   1.00 6.91  ? 20  SER A C   1 
ATOM   160  O O   . SER A 1 20  ? -12.620 -2.703  6.800   1.00 10.94 ? 20  SER A O   1 
ATOM   161  C CB  . SER A 1 20  ? -15.364 -4.538  5.890   1.00 7.78  ? 20  SER A CB  1 
ATOM   162  O OG  . SER A 1 20  ? -15.749 -3.598  6.907   1.00 11.09 ? 20  SER A OG  1 
ATOM   163  N N   . ASP A 1 21  ? -13.409 -2.593  4.684   1.00 12.89 ? 21  ASP A N   1 
ATOM   164  C CA  . ASP A 1 21  ? -12.743 -1.229  4.640   1.00 5.40  ? 21  ASP A CA  1 
ATOM   165  C C   . ASP A 1 21  ? -13.491 -0.363  5.693   1.00 10.22 ? 21  ASP A C   1 
ATOM   166  O O   . ASP A 1 21  ? -14.668 -0.565  5.875   1.00 1.44  ? 21  ASP A O   1 
ATOM   167  C CB  . ASP A 1 21  ? -13.254 -0.584  3.269   1.00 3.31  ? 21  ASP A CB  1 
ATOM   168  C CG  . ASP A 1 21  ? -12.599 -1.499  2.192   1.00 14.18 ? 21  ASP A CG  1 
ATOM   169  O OD1 . ASP A 1 21  ? -11.636 -2.156  2.550   1.00 5.33  ? 21  ASP A OD1 1 
ATOM   170  O OD2 . ASP A 1 21  ? -13.019 -1.491  1.035   1.00 82.30 ? 21  ASP A OD2 1 
ATOM   171  N N   . CYS A 1 22  ? -12.842 0.636   6.197   1.00 10.94 ? 22  CYS A N   1 
ATOM   172  C CA  . CYS A 1 22  ? -13.329 1.625   7.140   1.00 2.38  ? 22  CYS A CA  1 
ATOM   173  C C   . CYS A 1 22  ? -12.699 3.019   6.801   1.00 4.10  ? 22  CYS A C   1 
ATOM   174  O O   . CYS A 1 22  ? -11.569 3.233   7.101   1.00 6.84  ? 22  CYS A O   1 
ATOM   175  C CB  . CYS A 1 22  ? -12.889 1.272   8.575   1.00 6.34  ? 22  CYS A CB  1 
ATOM   176  S SG  . CYS A 1 22  ? -13.683 2.522   9.655   1.00 9.58  ? 22  CYS A SG  1 
ATOM   177  N N   . PRO A 1 23  ? -13.434 3.949   6.190   1.00 18.72 ? 23  PRO A N   1 
ATOM   178  C CA  . PRO A 1 23  ? -12.860 5.266   5.867   1.00 3.10  ? 23  PRO A CA  1 
ATOM   179  C C   . PRO A 1 23  ? -12.721 6.119   7.077   1.00 18.86 ? 23  PRO A C   1 
ATOM   180  O O   . PRO A 1 23  ? -12.136 7.214   7.116   1.00 6.84  ? 23  PRO A O   1 
ATOM   181  C CB  . PRO A 1 23  ? -13.876 5.807   4.892   1.00 2.66  ? 23  PRO A CB  1 
ATOM   182  C CG  . PRO A 1 23  ? -15.119 4.928   4.941   1.00 28.87 ? 23  PRO A CG  1 
ATOM   183  C CD  . PRO A 1 23  ? -14.894 3.909   6.001   1.00 14.11 ? 23  PRO A CD  1 
ATOM   184  N N   . ASN A 1 24  ? -13.197 5.696   8.229   1.00 9.94  ? 24  ASN A N   1 
ATOM   185  C CA  . ASN A 1 24  ? -12.895 6.584   9.412   1.00 5.83  ? 24  ASN A CA  1 
ATOM   186  C C   . ASN A 1 24  ? -12.775 5.727   10.640  1.00 10.87 ? 24  ASN A C   1 
ATOM   187  O O   . ASN A 1 24  ? -13.830 5.317   11.146  1.00 12.02 ? 24  ASN A O   1 
ATOM   188  C CB  . ASN A 1 24  ? -13.925 7.695   9.492   1.00 10.73 ? 24  ASN A CB  1 
ATOM   189  C CG  . ASN A 1 24  ? -13.694 8.620   10.691  1.00 13.10 ? 24  ASN A CG  1 
ATOM   190  O OD1 . ASN A 1 24  ? -12.500 8.671   11.284  1.00 6.98  ? 24  ASN A OD1 1 
ATOM   191  N ND2 . ASN A 1 24  ? -14.693 9.287   11.189  1.00 19.15 ? 24  ASN A ND2 1 
ATOM   192  N N   . LEU A 1 25  ? -11.521 5.440   11.114  1.00 3.24  ? 25  LEU A N   1 
ATOM   193  C CA  . LEU A 1 25  ? -11.323 4.646   12.332  1.00 4.75  ? 25  LEU A CA  1 
ATOM   194  C C   . LEU A 1 25  ? -11.308 5.472   13.594  1.00 6.41  ? 25  LEU A C   1 
ATOM   195  O O   . LEU A 1 25  ? -11.380 4.995   14.775  1.00 4.25  ? 25  LEU A O   1 
ATOM   196  C CB  . LEU A 1 25  ? -10.025 3.821   12.243  1.00 9.94  ? 25  LEU A CB  1 
ATOM   197  C CG  . LEU A 1 25  ? -10.158 2.708   11.183  1.00 8.71  ? 25  LEU A CG  1 
ATOM   198  C CD1 . LEU A 1 25  ? -8.774  2.163   10.853  1.00 5.26  ? 25  LEU A CD1 1 
ATOM   199  C CD2 . LEU A 1 25  ? -11.025 1.504   11.625  1.00 2.23  ? 25  LEU A CD2 1 
ATOM   200  N N   . GLN A 1 26  ? -11.177 6.782   13.479  1.00 1.73  ? 26  GLN A N   1 
ATOM   201  C CA  . GLN A 1 26  ? -11.164 7.521   14.765  1.00 1.94  ? 26  GLN A CA  1 
ATOM   202  C C   . GLN A 1 26  ? -12.191 7.271   15.750  1.00 15.48 ? 26  GLN A C   1 
ATOM   203  O O   . GLN A 1 26  ? -11.882 7.322   16.978  1.00 11.16 ? 26  GLN A O   1 
ATOM   204  C CB  . GLN A 1 26  ? -10.750 8.963   14.656  1.00 10.87 ? 26  GLN A CB  1 
ATOM   205  C CG  . GLN A 1 26  ? -10.381 9.286   13.219  1.00 5.90  ? 26  GLN A CG  1 
ATOM   206  C CD  . GLN A 1 26  ? -10.517 10.761  12.873  1.00 85.75 ? 26  GLN A CD  1 
ATOM   207  O OE1 . GLN A 1 26  ? -10.865 11.074  11.625  1.00 21.82 ? 26  GLN A OE1 1 
ATOM   208  N NE2 . GLN A 1 26  ? -10.283 11.712  13.762  1.00 12.67 ? 26  GLN A NE2 1 
ATOM   209  N N   . PRO A 1 27  ? -13.469 7.060   15.447  1.00 5.69  ? 27  PRO A N   1 
ATOM   210  C CA  . PRO A 1 27  ? -14.390 6.860   16.560  1.00 21.31 ? 27  PRO A CA  1 
ATOM   211  C C   . PRO A 1 27  ? -14.112 5.560   17.318  1.00 7.85  ? 27  PRO A C   1 
ATOM   212  O O   . PRO A 1 27  ? -14.710 5.449   18.332  1.00 8.93  ? 27  PRO A O   1 
ATOM   213  C CB  . PRO A 1 27  ? -15.705 6.703   15.788  1.00 32.69 ? 27  PRO A CB  1 
ATOM   214  C CG  . PRO A 1 27  ? -15.530 7.598   14.538  1.00 33.48 ? 27  PRO A CG  1 
ATOM   215  C CD  . PRO A 1 27  ? -14.093 7.351   14.140  1.00 7.92  ? 27  PRO A CD  1 
ATOM   216  N N   . TYR A 1 28  ? -13.235 4.693   16.866  1.00 6.34  ? 28  TYR A N   1 
ATOM   217  C CA  . TYR A 1 28  ? -12.939 3.411   17.468  1.00 23.26 ? 28  TYR A CA  1 
ATOM   218  C C   . TYR A 1 28  ? -11.711 3.338   18.315  1.00 14.83 ? 28  TYR A C   1 
ATOM   219  O O   . TYR A 1 28  ? -11.614 2.518   19.255  1.00 11.09 ? 28  TYR A O   1 
ATOM   220  C CB  . TYR A 1 28  ? -12.949 2.321   16.400  1.00 14.33 ? 28  TYR A CB  1 
ATOM   221  C CG  . TYR A 1 28  ? -14.271 2.336   15.639  1.00 -1.22 ? 28  TYR A CG  1 
ATOM   222  C CD1 . TYR A 1 28  ? -15.490 2.148   16.293  1.00 84.96 ? 28  TYR A CD1 1 
ATOM   223  C CD2 . TYR A 1 28  ? -14.243 2.528   14.286  1.00 12.67 ? 28  TYR A CD2 1 
ATOM   224  C CE1 . TYR A 1 28  ? -16.698 2.157   15.561  1.00 33.62 ? 28  TYR A CE1 1 
ATOM   225  C CE2 . TYR A 1 28  ? -15.411 2.532   13.542  1.00 39.38 ? 28  TYR A CE2 1 
ATOM   226  C CZ  . TYR A 1 28  ? -16.637 2.356   14.185  1.00 39.82 ? 28  TYR A CZ  1 
ATOM   227  O OH  . TYR A 1 28  ? -17.777 2.399   13.406  1.00 9.65  ? 28  TYR A OH  1 
ATOM   228  N N   . PHE A 1 29  ? -10.728 4.192   18.054  1.00 8.21  ? 29  PHE A N   1 
ATOM   229  C CA  . PHE A 1 29  ? -9.456  4.205   18.849  1.00 18.22 ? 29  PHE A CA  1 
ATOM   230  C C   . PHE A 1 29  ? -8.744  5.503   18.582  1.00 5.90  ? 29  PHE A C   1 
ATOM   231  O O   . PHE A 1 29  ? -8.959  6.029   17.443  1.00 10.73 ? 29  PHE A O   1 
ATOM   232  C CB  . PHE A 1 29  ? -8.620  2.979   18.686  1.00 11.02 ? 29  PHE A CB  1 
ATOM   233  C CG  . PHE A 1 29  ? -8.172  2.770   17.251  1.00 4.82  ? 29  PHE A CG  1 
ATOM   234  C CD1 . PHE A 1 29  ? -8.998  2.131   16.332  1.00 8.71  ? 29  PHE A CD1 1 
ATOM   235  C CD2 . PHE A 1 29  ? -6.951  3.317   16.809  1.00 1.94  ? 29  PHE A CD2 1 
ATOM   236  C CE1 . PHE A 1 29  ? -8.591  1.926   15.007  1.00 50.47 ? 29  PHE A CE1 1 
ATOM   237  C CE2 . PHE A 1 29  ? -6.583  3.173   15.497  1.00 9.36  ? 29  PHE A CE2 1 
ATOM   238  C CZ  . PHE A 1 29  ? -7.361  2.446   14.593  1.00 14.26 ? 29  PHE A CZ  1 
ATOM   239  N N   . SER A 1 30  ? -8.043  6.106   19.535  1.00 7.20  ? 30  SER A N   1 
ATOM   240  C CA  . SER A 1 30  ? -7.445  7.440   19.342  1.00 4.10  ? 30  SER A CA  1 
ATOM   241  C C   . SER A 1 30  ? -6.075  7.413   18.763  1.00 5.04  ? 30  SER A C   1 
ATOM   242  O O   . SER A 1 30  ? -5.676  8.440   18.216  1.00 6.41  ? 30  SER A O   1 
ATOM   243  C CB  . SER A 1 30  ? -7.431  8.191   20.702  1.00 21.53 ? 30  SER A CB  1 
ATOM   244  O OG  . SER A 1 30  ? -6.336  7.621   21.521  1.00 5.26  ? 30  SER A OG  1 
ATOM   245  N N   . ARG A 1 31  ? -5.341  6.339   18.889  1.00 0.43  ? 31  ARG A N   1 
ATOM   246  C CA  . ARG A 1 31  ? -3.987  6.194   18.343  1.00 11.95 ? 31  ARG A CA  1 
ATOM   247  C C   . ARG A 1 31  ? -3.705  4.743   17.994  1.00 16.85 ? 31  ARG A C   1 
ATOM   248  O O   . ARG A 1 31  ? -4.454  3.870   18.459  1.00 3.96  ? 31  ARG A O   1 
ATOM   249  C CB  . ARG A 1 31  ? -2.977  6.731   19.331  1.00 3.53  ? 31  ARG A CB  1 
ATOM   250  C CG  . ARG A 1 31  ? -3.017  5.885   20.655  1.00 5.04  ? 31  ARG A CG  1 
ATOM   251  C CD  . ARG A 1 31  ? -2.158  6.636   21.709  1.00 4.39  ? 31  ARG A CD  1 
ATOM   252  N NE  . ARG A 1 31  ? -2.191  5.880   23.000  1.00 6.12  ? 31  ARG A NE  1 
ATOM   253  C CZ  . ARG A 1 31  ? -3.243  5.992   23.826  1.00 7.49  ? 31  ARG A CZ  1 
ATOM   254  N NH1 . ARG A 1 31  ? -4.081  7.044   23.708  1.00 4.32  ? 31  ARG A NH1 1 
ATOM   255  N NH2 . ARG A 1 31  ? -3.473  5.115   24.830  1.00 3.02  ? 31  ARG A NH2 1 
ATOM   256  N N   . CYS A 1 32  ? -2.665  4.450   17.248  1.00 6.41  ? 32  CYS A N   1 
ATOM   257  C CA  . CYS A 1 32  ? -2.366  2.984   16.982  1.00 2.74  ? 32  CYS A CA  1 
ATOM   258  C C   . CYS A 1 32  ? -0.880  2.715   17.119  1.00 5.11  ? 32  CYS A C   1 
ATOM   259  O O   . CYS A 1 32  ? -0.048  3.205   16.344  1.00 1.80  ? 32  CYS A O   1 
ATOM   260  C CB  . CYS A 1 32  ? -2.866  2.689   15.545  1.00 4.39  ? 32  CYS A CB  1 
ATOM   261  S SG  . CYS A 1 32  ? -2.638  0.929   15.248  1.00 5.26  ? 32  CYS A SG  1 
ATOM   262  N N   . ASN A 1 33  ? -0.440  1.973   18.137  1.00 6.62  ? 33  ASN A N   1 
ATOM   263  C CA  . ASN A 1 33  ? 0.965   1.650   18.375  1.00 2.95  ? 33  ASN A CA  1 
ATOM   264  C C   . ASN A 1 33  ? 1.226   0.149   18.215  1.00 2.95  ? 33  ASN A C   1 
ATOM   265  O O   . ASN A 1 33  ? 2.401   -0.278  18.451  1.00 3.53  ? 33  ASN A O   1 
ATOM   266  C CB  . ASN A 1 33  ? 1.509   2.180   19.704  1.00 4.75  ? 33  ASN A CB  1 
ATOM   267  C CG  . ASN A 1 33  ? 1.693   3.704   19.585  1.00 12.53 ? 33  ASN A CG  1 
ATOM   268  O OD1 . ASN A 1 33  ? 2.709   4.164   18.947  1.00 5.90  ? 33  ASN A OD1 1 
ATOM   269  N ND2 . ASN A 1 33  ? 0.767   4.507   20.104  1.00 1.22  ? 33  ASN A ND2 1 
ATOM   270  N N   . SER A 1 34  ? 0.229   -0.588  17.785  1.00 1.80  ? 34  SER A N   1 
ATOM   271  C CA  . SER A 1 34  ? 0.503   -2.088  17.549  1.00 10.22 ? 34  SER A CA  1 
ATOM   272  C C   . SER A 1 34  ? -0.656  -2.682  16.841  1.00 4.61  ? 34  SER A C   1 
ATOM   273  O O   . SER A 1 34  ? -1.788  -2.150  16.942  1.00 2.45  ? 34  SER A O   1 
ATOM   274  C CB  . SER A 1 34  ? 0.943   -2.814  18.734  1.00 2.88  ? 34  SER A CB  1 
ATOM   275  O OG  . SER A 1 34  ? -0.082  -3.053  19.722  1.00 -1.80 ? 34  SER A OG  1 
ATOM   276  N N   . ILE A 1 35  ? -0.434  -3.691  16.014  1.00 7.20  ? 35  ILE A N   1 
ATOM   277  C CA  . ILE A 1 35  ? -1.456  -4.309  15.212  1.00 7.27  ? 35  ILE A CA  1 
ATOM   278  C C   . ILE A 1 35  ? -1.163  -5.807  15.007  1.00 10.80 ? 35  ILE A C   1 
ATOM   279  O O   . ILE A 1 35  ? -0.004  -6.180  14.978  1.00 4.25  ? 35  ILE A O   1 
ATOM   280  C CB  . ILE A 1 35  ? -1.541  -3.706  13.805  1.00 16.06 ? 35  ILE A CB  1 
ATOM   281  C CG1 . ILE A 1 35  ? -2.064  -2.295  13.824  1.00 28.80 ? 35  ILE A CG1 1 
ATOM   282  C CG2 . ILE A 1 35  ? -2.363  -4.590  12.857  1.00 2.81  ? 35  ILE A CG2 1 
ATOM   283  C CD1 . ILE A 1 35  ? -1.730  -1.486  12.625  1.00 -0.50 ? 35  ILE A CD1 1 
ATOM   284  N N   . ARG A 1 36  ? -2.251  -6.534  14.948  1.00 5.40  ? 36  ARG A N   1 
ATOM   285  C CA  . ARG A 1 36  ? -2.270  -7.949  14.639  1.00 8.78  ? 36  ARG A CA  1 
ATOM   286  C C   . ARG A 1 36  ? -3.201  -8.217  13.467  1.00 9.72  ? 36  ARG A C   1 
ATOM   287  O O   . ARG A 1 36  ? -4.389  -7.996  13.536  1.00 10.66 ? 36  ARG A O   1 
ATOM   288  C CB  . ARG A 1 36  ? -2.557  -8.822  15.806  1.00 3.89  ? 36  ARG A CB  1 
ATOM   289  C CG  . ARG A 1 36  ? -2.651  -10.292 15.487  1.00 10.30 ? 36  ARG A CG  1 
ATOM   290  C CD  . ARG A 1 36  ? -2.889  -11.138 16.783  1.00 8.64  ? 36  ARG A CD  1 
ATOM   291  N NE  . ARG A 1 36  ? -1.615  -11.222 17.562  1.00 11.81 ? 36  ARG A NE  1 
ATOM   292  C CZ  . ARG A 1 36  ? -1.642  -10.777 18.836  1.00 22.10 ? 36  ARG A CZ  1 
ATOM   293  N NH1 . ARG A 1 36  ? -2.815  -10.311 19.280  1.00 26.21 ? 36  ARG A NH1 1 
ATOM   294  N NH2 . ARG A 1 36  ? -0.545  -10.809 19.603  1.00 8.78  ? 36  ARG A NH2 1 
ATOM   295  N N   . VAL A 1 37  ? -2.574  -8.633  12.344  1.00 1.22  ? 37  VAL A N   1 
ATOM   296  C CA  . VAL A 1 37  ? -3.382  -8.986  11.186  1.00 0.72  ? 37  VAL A CA  1 
ATOM   297  C C   . VAL A 1 37  ? -3.638  -10.509 11.266  1.00 16.56 ? 37  VAL A C   1 
ATOM   298  O O   . VAL A 1 37  ? -2.614  -11.187 11.236  1.00 3.96  ? 37  VAL A O   1 
ATOM   299  C CB  . VAL A 1 37  ? -2.501  -8.774  9.899   1.00 6.19  ? 37  VAL A CB  1 
ATOM   300  C CG1 . VAL A 1 37  ? -3.577  -8.993  8.791   1.00 2.88  ? 37  VAL A CG1 1 
ATOM   301  C CG2 . VAL A 1 37  ? -2.158  -7.217  9.834   1.00 15.12 ? 37  VAL A CG2 1 
ATOM   302  N N   . ASP A 1 38  ? -4.905  -10.884 11.445  1.00 4.97  ? 38  ASP A N   1 
ATOM   303  C CA  . ASP A 1 38  ? -5.097  -12.360 11.616  1.00 6.41  ? 38  ASP A CA  1 
ATOM   304  C C   . ASP A 1 38  ? -5.297  -12.926 10.214  1.00 13.75 ? 38  ASP A C   1 
ATOM   305  O O   . ASP A 1 38  ? -4.838  -13.992 9.913   1.00 10.01 ? 38  ASP A O   1 
ATOM   306  C CB  . ASP A 1 38  ? -6.349  -12.639 12.453  1.00 29.09 ? 38  ASP A CB  1 
ATOM   307  C CG  . ASP A 1 38  ? -6.078  -12.400 13.933  1.00 16.85 ? 38  ASP A CG  1 
ATOM   308  O OD1 . ASP A 1 38  ? -5.012  -12.772 14.458  1.00 31.25 ? 38  ASP A OD1 1 
ATOM   309  O OD2 . ASP A 1 38  ? -6.922  -11.818 14.616  1.00 18.22 ? 38  ASP A OD2 1 
ATOM   310  N N   . SER A 1 39  ? -5.932  -12.069 9.377   1.00 7.27  ? 39  SER A N   1 
ATOM   311  C CA  . SER A 1 39  ? -6.112  -12.597 7.994   1.00 39.89 ? 39  SER A CA  1 
ATOM   312  C C   . SER A 1 39  ? -6.451  -11.435 7.078   1.00 16.27 ? 39  SER A C   1 
ATOM   313  O O   . SER A 1 39  ? -7.006  -10.405 7.559   1.00 7.42  ? 39  SER A O   1 
ATOM   314  C CB  . SER A 1 39  ? -7.232  -13.643 7.986   1.00 15.41 ? 39  SER A CB  1 
ATOM   315  O OG  . SER A 1 39  ? -8.482  -12.893 8.089   1.00 13.54 ? 39  SER A OG  1 
ATOM   316  N N   . GLY A 1 40  ? -6.079  -11.566 5.856   1.00 12.24 ? 40  GLY A N   1 
ATOM   317  C CA  . GLY A 1 40  ? -6.200  -10.706 4.734   1.00 13.82 ? 40  GLY A CA  1 
ATOM   318  C C   . GLY A 1 40  ? -5.000  -9.775  4.538   1.00 2.95  ? 40  GLY A C   1 
ATOM   319  O O   . GLY A 1 40  ? -4.102  -9.729  5.372   1.00 3.10  ? 40  GLY A O   1 
ATOM   320  N N   . CYS A 1 41  ? -5.062  -9.065  3.431   1.00 2.81  ? 41  CYS A N   1 
ATOM   321  C CA  . CYS A 1 41  ? -4.040  -8.060  3.074   1.00 2.52  ? 41  CYS A CA  1 
ATOM   322  C C   . CYS A 1 41  ? -4.672  -6.664  3.236   1.00 7.70  ? 41  CYS A C   1 
ATOM   323  O O   . CYS A 1 41  ? -5.791  -6.455  2.712   1.00 6.77  ? 41  CYS A O   1 
ATOM   324  C CB  . CYS A 1 41  ? -3.465  -8.148  1.701   1.00 5.76  ? 41  CYS A CB  1 
ATOM   325  S SG  . CYS A 1 41  ? -2.657  -9.703  1.269   1.00 8.42  ? 41  CYS A SG  1 
ATOM   326  N N   . TRP A 1 42  ? -3.969  -5.784  3.875   1.00 5.18  ? 42  TRP A N   1 
ATOM   327  C CA  . TRP A 1 42  ? -4.433  -4.455  4.142   1.00 16.85 ? 42  TRP A CA  1 
ATOM   328  C C   . TRP A 1 42  ? -3.472  -3.321  3.746   1.00 5.33  ? 42  TRP A C   1 
ATOM   329  O O   . TRP A 1 42  ? -2.293  -3.389  3.791   1.00 4.61  ? 42  TRP A O   1 
ATOM   330  C CB  . TRP A 1 42  ? -4.694  -4.213  5.660   1.00 10.37 ? 42  TRP A CB  1 
ATOM   331  C CG  . TRP A 1 42  ? -5.601  -5.280  6.208   1.00 11.74 ? 42  TRP A CG  1 
ATOM   332  C CD1 . TRP A 1 42  ? -5.166  -6.560  6.404   1.00 12.53 ? 42  TRP A CD1 1 
ATOM   333  C CD2 . TRP A 1 42  ? -6.933  -5.209  6.587   1.00 5.47  ? 42  TRP A CD2 1 
ATOM   334  N NE1 . TRP A 1 42  ? -6.219  -7.274  6.930   1.00 7.99  ? 42  TRP A NE1 1 
ATOM   335  C CE2 . TRP A 1 42  ? -7.296  -6.480  7.024   1.00 24.26 ? 42  TRP A CE2 1 
ATOM   336  C CE3 . TRP A 1 42  ? -7.891  -4.172  6.586   1.00 6.26  ? 42  TRP A CE3 1 
ATOM   337  C CZ2 . TRP A 1 42  ? -8.525  -6.820  7.475   1.00 2.38  ? 42  TRP A CZ2 1 
ATOM   338  C CZ3 . TRP A 1 42  ? -9.175  -4.497  7.072   1.00 3.53  ? 42  TRP A CZ3 1 
ATOM   339  C CH2 . TRP A 1 42  ? -9.476  -5.795  7.483   1.00 10.94 ? 42  TRP A CH2 1 
ATOM   340  N N   . MET A 1 43  ? -4.171  -2.260  3.461   1.00 14.90 ? 43  MET A N   1 
ATOM   341  C CA  . MET A 1 43  ? -3.764  -0.931  3.193   1.00 8.86  ? 43  MET A CA  1 
ATOM   342  C C   . MET A 1 43  ? -4.203  -0.049  4.354   1.00 3.38  ? 43  MET A C   1 
ATOM   343  O O   . MET A 1 43  ? -5.422  0.060   4.613   1.00 9.14  ? 43  MET A O   1 
ATOM   344  C CB  . MET A 1 43  ? -3.960  -0.392  1.846   1.00 1.58  ? 43  MET A CB  1 
ATOM   345  C CG  . MET A 1 43  ? -2.823  0.521   1.426   1.00 5.26  ? 43  MET A CG  1 
ATOM   346  S SD  . MET A 1 43  ? -1.284  -0.308  0.999   1.00 5.04  ? 43  MET A SD  1 
ATOM   347  C CE  . MET A 1 43  ? 0.113   0.920   1.036   1.00 -1.80 ? 43  MET A CE  1 
ATOM   348  N N   . LEU A 1 44  ? -3.266  0.502   5.125   1.00 2.02  ? 44  LEU A N   1 
ATOM   349  C CA  . LEU A 1 44  ? -3.635  1.349   6.265   1.00 0.65  ? 44  LEU A CA  1 
ATOM   350  C C   . LEU A 1 44  ? -3.348  2.833   5.963   1.00 2.66  ? 44  LEU A C   1 
ATOM   351  O O   . LEU A 1 44  ? -2.335  3.106   5.244   1.00 6.98  ? 44  LEU A O   1 
ATOM   352  C CB  . LEU A 1 44  ? -2.735  0.985   7.480   1.00 7.49  ? 44  LEU A CB  1 
ATOM   353  C CG  . LEU A 1 44  ? -2.994  -0.450  7.997   1.00 1.30  ? 44  LEU A CG  1 
ATOM   354  C CD1 . LEU A 1 44  ? -2.328  -0.624  9.400   1.00 5.40  ? 44  LEU A CD1 1 
ATOM   355  C CD2 . LEU A 1 44  ? -4.466  -0.824  8.068   1.00 2.30  ? 44  LEU A CD2 1 
ATOM   356  N N   . TYR A 1 45  ? -4.083  3.789   6.487   1.00 17.42 ? 45  TYR A N   1 
ATOM   357  C CA  . TYR A 1 45  ? -3.770  5.214   6.075   1.00 7.70  ? 45  TYR A CA  1 
ATOM   358  C C   . TYR A 1 45  ? -3.672  6.096   7.304   1.00 3.24  ? 45  TYR A C   1 
ATOM   359  O O   . TYR A 1 45  ? -4.455  5.952   8.211   1.00 3.67  ? 45  TYR A O   1 
ATOM   360  C CB  . TYR A 1 45  ? -4.939  5.706   5.204   1.00 2.66  ? 45  TYR A CB  1 
ATOM   361  C CG  . TYR A 1 45  ? -5.161  4.886   3.937   1.00 7.49  ? 45  TYR A CG  1 
ATOM   362  C CD1 . TYR A 1 45  ? -5.843  3.658   3.934   1.00 8.50  ? 45  TYR A CD1 1 
ATOM   363  C CD2 . TYR A 1 45  ? -4.631  5.368   2.729   1.00 10.30 ? 45  TYR A CD2 1 
ATOM   364  C CE1 . TYR A 1 45  ? -5.994  2.960   2.704   1.00 10.01 ? 45  TYR A CE1 1 
ATOM   365  C CE2 . TYR A 1 45  ? -4.739  4.686   1.529   1.00 3.67  ? 45  TYR A CE2 1 
ATOM   366  C CZ  . TYR A 1 45  ? -5.449  3.434   1.536   1.00 3.53  ? 45  TYR A CZ  1 
ATOM   367  O OH  . TYR A 1 45  ? -5.571  2.837   0.333   1.00 8.06  ? 45  TYR A OH  1 
ATOM   368  N N   . GLU A 1 46  ? -2.801  7.057   7.367   1.00 13.46 ? 46  GLU A N   1 
ATOM   369  C CA  . GLU A 1 46  ? -2.573  8.020   8.458   1.00 7.70  ? 46  GLU A CA  1 
ATOM   370  C C   . GLU A 1 46  ? -3.825  8.890   8.683   1.00 7.70  ? 46  GLU A C   1 
ATOM   371  O O   . GLU A 1 46  ? -4.088  9.276   9.832   1.00 3.24  ? 46  GLU A O   1 
ATOM   372  C CB  . GLU A 1 46  ? -1.427  8.950   7.989   1.00 -1.08 ? 46  GLU A CB  1 
ATOM   373  C CG  . GLU A 1 46  ? -1.227  10.144  8.915   1.00 1.51  ? 46  GLU A CG  1 
ATOM   374  C CD  . GLU A 1 46  ? -0.018  10.939  8.399   1.00 14.18 ? 46  GLU A CD  1 
ATOM   375  O OE1 . GLU A 1 46  ? 0.401   10.719  7.258   1.00 15.55 ? 46  GLU A OE1 1 
ATOM   376  O OE2 . GLU A 1 46  ? 0.500   11.842  9.090   1.00 11.95 ? 46  GLU A OE2 1 
ATOM   377  N N   . ARG A 1 47  ? -4.576  9.233   7.646   1.00 1.94  ? 47  ARG A N   1 
ATOM   378  C CA  . ARG A 1 47  ? -5.799  10.078  7.891   1.00 8.57  ? 47  ARG A CA  1 
ATOM   379  C C   . ARG A 1 47  ? -7.056  9.386   7.423   1.00 10.87 ? 47  ARG A C   1 
ATOM   380  O O   . ARG A 1 47  ? -6.957  8.408   6.711   1.00 6.34  ? 47  ARG A O   1 
ATOM   381  C CB  . ARG A 1 47  ? -5.585  11.331  6.931   1.00 5.18  ? 47  ARG A CB  1 
ATOM   382  C CG  . ARG A 1 47  ? -4.367  12.080  7.536   1.00 3.31  ? 47  ARG A CG  1 
ATOM   383  C CD  . ARG A 1 47  ? -4.306  13.484  6.928   1.00 30.82 ? 47  ARG A CD  1 
ATOM   384  N NE  . ARG A 1 47  ? -5.053  13.557  5.669   1.00 22.03 ? 47  ARG A NE  1 
ATOM   385  C CZ  . ARG A 1 47  ? -4.477  13.951  4.523   1.00 26.78 ? 47  ARG A CZ  1 
ATOM   386  N NH1 . ARG A 1 47  ? -3.291  13.480  4.153   1.00 47.30 ? 47  ARG A NH1 1 
ATOM   387  N NH2 . ARG A 1 47  ? -5.125  14.810  3.722   1.00 32.90 ? 47  ARG A NH2 1 
ATOM   388  N N   . PRO A 1 48  ? -8.286  9.849   7.788   1.00 15.41 ? 48  PRO A N   1 
ATOM   389  C CA  . PRO A 1 48  ? -9.501  9.176   7.313   1.00 29.30 ? 48  PRO A CA  1 
ATOM   390  C C   . PRO A 1 48  ? -9.682  9.351   5.798   1.00 18.22 ? 48  PRO A C   1 
ATOM   391  O O   . PRO A 1 48  ? -8.951  10.121  5.138   1.00 5.40  ? 48  PRO A O   1 
ATOM   392  C CB  . PRO A 1 48  ? -10.595 9.956   8.043   1.00 7.56  ? 48  PRO A CB  1 
ATOM   393  C CG  . PRO A 1 48  ? -9.960  11.043  8.891   1.00 11.38 ? 48  PRO A CG  1 
ATOM   394  C CD  . PRO A 1 48  ? -8.525  11.116  8.447   1.00 29.30 ? 48  PRO A CD  1 
ATOM   395  N N   . ASN A 1 49  ? -10.654 8.656   5.238   1.00 0.22  ? 49  ASN A N   1 
ATOM   396  C CA  . ASN A 1 49  ? -11.030 8.670   3.844   1.00 1.37  ? 49  ASN A CA  1 
ATOM   397  C C   . ASN A 1 49  ? -9.866  8.257   2.924   1.00 10.66 ? 49  ASN A C   1 
ATOM   398  O O   . ASN A 1 49  ? -9.866  8.795   1.833   1.00 1.94  ? 49  ASN A O   1 
ATOM   399  C CB  . ASN A 1 49  ? -11.412 10.114  3.407   1.00 9.58  ? 49  ASN A CB  1 
ATOM   400  C CG  . ASN A 1 49  ? -12.954 10.115  3.351   1.00 51.84 ? 49  ASN A CG  1 
ATOM   401  O OD1 . ASN A 1 49  ? -13.582 8.951   3.428   1.00 20.45 ? 49  ASN A OD1 1 
ATOM   402  N ND2 . ASN A 1 49  ? -13.595 11.238  3.226   1.00 37.01 ? 49  ASN A ND2 1 
ATOM   403  N N   . TYR A 1 50  ? -8.942  7.463   3.391   1.00 12.02 ? 50  TYR A N   1 
ATOM   404  C CA  . TYR A 1 50  ? -7.810  6.930   2.657   1.00 8.35  ? 50  TYR A CA  1 
ATOM   405  C C   . TYR A 1 50  ? -6.770  7.901   2.184   1.00 4.61  ? 50  TYR A C   1 
ATOM   406  O O   . TYR A 1 50  ? -6.211  7.830   1.074   1.00 10.94 ? 50  TYR A O   1 
ATOM   407  C CB  . TYR A 1 50  ? -8.355  6.026   1.524   1.00 4.68  ? 50  TYR A CB  1 
ATOM   408  C CG  . TYR A 1 50  ? -9.507  5.143   2.046   1.00 10.15 ? 50  TYR A CG  1 
ATOM   409  C CD1 . TYR A 1 50  ? -9.329  4.304   3.144   1.00 9.00  ? 50  TYR A CD1 1 
ATOM   410  C CD2 . TYR A 1 50  ? -10.737 5.157   1.395   1.00 4.32  ? 50  TYR A CD2 1 
ATOM   411  C CE1 . TYR A 1 50  ? -10.408 3.509   3.598   1.00 4.82  ? 50  TYR A CE1 1 
ATOM   412  C CE2 . TYR A 1 50  ? -11.777 4.369   1.807   1.00 3.60  ? 50  TYR A CE2 1 
ATOM   413  C CZ  . TYR A 1 50  ? -11.625 3.526   2.898   1.00 1.30  ? 50  TYR A CZ  1 
ATOM   414  O OH  . TYR A 1 50  ? -12.663 2.777   3.338   1.00 10.37 ? 50  TYR A OH  1 
ATOM   415  N N   . GLN A 1 51  ? -6.311  8.846   2.989   1.00 4.68  ? 51  GLN A N   1 
ATOM   416  C CA  . GLN A 1 51  ? -5.273  9.824   2.633   1.00 -0.79 ? 51  GLN A CA  1 
ATOM   417  C C   . GLN A 1 51  ? -4.152  9.813   3.600   1.00 1.30  ? 51  GLN A C   1 
ATOM   418  O O   . GLN A 1 51  ? -4.223  9.128   4.653   1.00 8.35  ? 51  GLN A O   1 
ATOM   419  C CB  . GLN A 1 51  ? -5.943  11.229  2.577   1.00 9.43  ? 51  GLN A CB  1 
ATOM   420  C CG  . GLN A 1 51  ? -7.117  11.173  1.584   1.00 76.39 ? 51  GLN A CG  1 
ATOM   421  C CD  . GLN A 1 51  ? -7.731  12.547  1.353   1.00 32.11 ? 51  GLN A CD  1 
ATOM   422  O OE1 . GLN A 1 51  ? -7.004  13.513  0.772   1.00 46.37 ? 51  GLN A OE1 1 
ATOM   423  N NE2 . GLN A 1 51  ? -8.978  12.824  1.718   1.00 76.75 ? 51  GLN A NE2 1 
ATOM   424  N N   . GLY A 1 52  ? -3.120  10.607  3.385   1.00 10.30 ? 52  GLY A N   1 
ATOM   425  C CA  . GLY A 1 52  ? -1.958  10.658  4.267   1.00 2.38  ? 52  GLY A CA  1 
ATOM   426  C C   . GLY A 1 52  ? -0.992  9.573   3.856   1.00 10.08 ? 52  GLY A C   1 
ATOM   427  O O   . GLY A 1 52  ? -1.030  8.994   2.746   1.00 3.38  ? 52  GLY A O   1 
ATOM   428  N N   . HIS A 1 53  ? -0.110  9.226   4.754   1.00 1.87  ? 53  HIS A N   1 
ATOM   429  C CA  . HIS A 1 53  ? 0.856   8.100   4.452   1.00 9.50  ? 53  HIS A CA  1 
ATOM   430  C C   . HIS A 1 53  ? 0.028   6.802   4.456   1.00 -0.79 ? 53  HIS A C   1 
ATOM   431  O O   . HIS A 1 53  ? -0.887  6.651   5.261   1.00 6.70  ? 53  HIS A O   1 
ATOM   432  C CB  . HIS A 1 53  ? 1.699   7.907   5.831   1.00 15.19 ? 53  HIS A CB  1 
ATOM   433  C CG  . HIS A 1 53  ? 2.843   8.882   5.799   1.00 4.10  ? 53  HIS A CG  1 
ATOM   434  N ND1 . HIS A 1 53  ? 2.826   10.194  6.298   1.00 1.37  ? 53  HIS A ND1 1 
ATOM   435  C CD2 . HIS A 1 53  ? 4.105   8.644   5.285   1.00 6.84  ? 53  HIS A CD2 1 
ATOM   436  C CE1 . HIS A 1 53  ? 4.044   10.746  6.062   1.00 15.98 ? 53  HIS A CE1 1 
ATOM   437  N NE2 . HIS A 1 53  ? 4.835   9.820   5.451   1.00 3.02  ? 53  HIS A NE2 1 
ATOM   438  N N   . GLN A 1 54  ? 0.431   5.895   3.588   1.00 2.23  ? 54  GLN A N   1 
ATOM   439  C CA  . GLN A 1 54  ? -0.139  4.576   3.404   1.00 9.36  ? 54  GLN A CA  1 
ATOM   440  C C   . GLN A 1 54  ? 0.873   3.495   3.821   1.00 7.70  ? 54  GLN A C   1 
ATOM   441  O O   . GLN A 1 54  ? 2.099   3.714   3.570   1.00 4.10  ? 54  GLN A O   1 
ATOM   442  C CB  . GLN A 1 54  ? -0.563  4.368   1.970   1.00 4.54  ? 54  GLN A CB  1 
ATOM   443  C CG  . GLN A 1 54  ? -1.233  5.597   1.338   1.00 3.31  ? 54  GLN A CG  1 
ATOM   444  C CD  . GLN A 1 54  ? -1.868  5.208   0.026   1.00 12.10 ? 54  GLN A CD  1 
ATOM   445  O OE1 . GLN A 1 54  ? -1.957  3.906   -0.343  1.00 1.51  ? 54  GLN A OE1 1 
ATOM   446  N NE2 . GLN A 1 54  ? -2.283  6.156   -0.826  1.00 18.00 ? 54  GLN A NE2 1 
ATOM   447  N N   . TYR A 1 55  ? 0.428   2.419   4.376   1.00 6.98  ? 55  TYR A N   1 
ATOM   448  C CA  . TYR A 1 55  ? 1.219   1.279   4.831   1.00 23.98 ? 55  TYR A CA  1 
ATOM   449  C C   . TYR A 1 55  ? 0.581   -0.079  4.502   1.00 18.79 ? 55  TYR A C   1 
ATOM   450  O O   . TYR A 1 55  ? -0.574  -0.309  4.880   1.00 2.52  ? 55  TYR A O   1 
ATOM   451  C CB  . TYR A 1 55  ? 1.534   1.346   6.274   1.00 9.72  ? 55  TYR A CB  1 
ATOM   452  C CG  . TYR A 1 55  ? 1.756   2.754   6.843   1.00 9.29  ? 55  TYR A CG  1 
ATOM   453  C CD1 . TYR A 1 55  ? 2.950   3.400   6.612   1.00 10.30 ? 55  TYR A CD1 1 
ATOM   454  C CD2 . TYR A 1 55  ? 0.745   3.330   7.585   1.00 1.15  ? 55  TYR A CD2 1 
ATOM   455  C CE1 . TYR A 1 55  ? 3.224   4.641   7.132   1.00 -0.86 ? 55  TYR A CE1 1 
ATOM   456  C CE2 . TYR A 1 55  ? 1.003   4.602   8.119   1.00 10.01 ? 55  TYR A CE2 1 
ATOM   457  C CZ  . TYR A 1 55  ? 2.197   5.238   7.873   1.00 2.16  ? 55  TYR A CZ  1 
ATOM   458  O OH  . TYR A 1 55  ? 2.437   6.479   8.452   1.00 2.16  ? 55  TYR A OH  1 
ATOM   459  N N   . PHE A 1 56  ? 1.302   -0.956  3.848   1.00 4.10  ? 56  PHE A N   1 
ATOM   460  C CA  . PHE A 1 56  ? 0.692   -2.310  3.436   1.00 -1.66 ? 56  PHE A CA  1 
ATOM   461  C C   . PHE A 1 56  ? 1.084   -3.282  4.551   1.00 3.10  ? 56  PHE A C   1 
ATOM   462  O O   . PHE A 1 56  ? 2.195   -3.228  5.051   1.00 3.24  ? 56  PHE A O   1 
ATOM   463  C CB  . PHE A 1 56  ? 1.447   -2.729  2.151   1.00 4.39  ? 56  PHE A CB  1 
ATOM   464  C CG  . PHE A 1 56  ? 1.041   -4.108  1.612   1.00 8.06  ? 56  PHE A CG  1 
ATOM   465  C CD1 . PHE A 1 56  ? -0.258  -4.509  1.411   1.00 5.54  ? 56  PHE A CD1 1 
ATOM   466  C CD2 . PHE A 1 56  ? 2.039   -5.054  1.316   1.00 9.50  ? 56  PHE A CD2 1 
ATOM   467  C CE1 . PHE A 1 56  ? -0.532  -5.789  0.921   1.00 0.58  ? 56  PHE A CE1 1 
ATOM   468  C CE2 . PHE A 1 56  ? 1.801   -6.326  0.821   1.00 3.89  ? 56  PHE A CE2 1 
ATOM   469  C CZ  . PHE A 1 56  ? 0.452   -6.698  0.631   1.00 10.30 ? 56  PHE A CZ  1 
ATOM   470  N N   . LEU A 1 57  ? 0.138   -4.094  4.940   1.00 13.39 ? 57  LEU A N   1 
ATOM   471  C CA  . LEU A 1 57  ? 0.390   -5.033  6.043   1.00 10.44 ? 57  LEU A CA  1 
ATOM   472  C C   . LEU A 1 57  ? -0.309  -6.366  5.652   1.00 7.13  ? 57  LEU A C   1 
ATOM   473  O O   . LEU A 1 57  ? -1.452  -6.420  5.271   1.00 6.91  ? 57  LEU A O   1 
ATOM   474  C CB  . LEU A 1 57  ? -0.109  -4.533  7.346   1.00 1.08  ? 57  LEU A CB  1 
ATOM   475  C CG  . LEU A 1 57  ? 0.605   -3.634  8.286   1.00 6.91  ? 57  LEU A CG  1 
ATOM   476  C CD1 . LEU A 1 57  ? 0.393   -2.143  7.827   1.00 2.45  ? 57  LEU A CD1 1 
ATOM   477  C CD2 . LEU A 1 57  ? 0.019   -3.675  9.734   1.00 2.16  ? 57  LEU A CD2 1 
ATOM   478  N N   . ARG A 1 58  ? 0.449   -7.439  5.863   1.00 19.73 ? 58  ARG A N   1 
ATOM   479  C CA  . ARG A 1 58  ? -0.087  -8.823  5.617   1.00 33.48 ? 58  ARG A CA  1 
ATOM   480  C C   . ARG A 1 58  ? -0.156  -9.539  6.977   1.00 24.84 ? 58  ARG A C   1 
ATOM   481  O O   . ARG A 1 58  ? 0.199   -8.942  7.985   1.00 5.40  ? 58  ARG A O   1 
ATOM   482  C CB  . ARG A 1 58  ? 0.894   -9.531  4.692   1.00 9.72  ? 58  ARG A CB  1 
ATOM   483  C CG  . ARG A 1 58  ? 0.695   -9.031  3.260   1.00 3.31  ? 58  ARG A CG  1 
ATOM   484  C CD  . ARG A 1 58  ? 1.502   -9.858  2.267   1.00 6.84  ? 58  ARG A CD  1 
ATOM   485  N NE  . ARG A 1 58  ? 2.975   -9.666  2.625   1.00 17.06 ? 58  ARG A NE  1 
ATOM   486  C CZ  . ARG A 1 58  ? 3.878   -9.946  1.653   1.00 45.58 ? 58  ARG A CZ  1 
ATOM   487  N NH1 . ARG A 1 58  ? 3.498   -10.398 0.466   1.00 26.42 ? 58  ARG A NH1 1 
ATOM   488  N NH2 . ARG A 1 58  ? 5.182   -9.760  1.809   1.00 21.60 ? 58  ARG A NH2 1 
ATOM   489  N N   . ARG A 1 59  ? -0.619  -10.749 7.072   1.00 2.59  ? 59  ARG A N   1 
ATOM   490  C CA  . ARG A 1 59  ? -0.765  -11.507 8.336   1.00 5.33  ? 59  ARG A CA  1 
ATOM   491  C C   . ARG A 1 59  ? 0.509   -11.389 9.166   1.00 6.12  ? 59  ARG A C   1 
ATOM   492  O O   . ARG A 1 59  ? 1.625   -11.412 8.555   1.00 3.17  ? 59  ARG A O   1 
ATOM   493  C CB  . ARG A 1 59  ? -0.917  -12.990 7.991   1.00 5.26  ? 59  ARG A CB  1 
ATOM   494  C CG  . ARG A 1 59  ? -2.037  -13.437 7.121   1.00 68.83 ? 59  ARG A CG  1 
ATOM   495  C CD  . ARG A 1 59  ? -2.254  -14.943 7.247   1.00 19.37 ? 59  ARG A CD  1 
ATOM   496  N NE  . ARG A 1 59  ? -1.932  -15.762 6.186   1.00 41.40 ? 59  ARG A NE  1 
ATOM   497  C CZ  . ARG A 1 59  ? -0.957  -15.950 5.331   1.00 72.65 ? 59  ARG A CZ  1 
ATOM   498  N NH1 . ARG A 1 59  ? 0.315   -16.037 5.705   1.00 73.87 ? 59  ARG A NH1 1 
ATOM   499  N NH2 . ARG A 1 59  ? -1.238  -16.096 4.017   1.00 80.57 ? 59  ARG A NH2 1 
ATOM   500  N N   . GLY A 1 60  ? 0.349   -11.266 10.477  1.00 10.01 ? 60  GLY A N   1 
ATOM   501  C CA  . GLY A 1 60  ? 1.481   -11.128 11.382  1.00 6.98  ? 60  GLY A CA  1 
ATOM   502  C C   . GLY A 1 60  ? 1.229   -10.245 12.605  1.00 4.90  ? 60  GLY A C   1 
ATOM   503  O O   . GLY A 1 60  ? 0.122   -9.696  12.738  1.00 7.13  ? 60  GLY A O   1 
ATOM   504  N N   . ASP A 1 61  ? 2.221   -10.146 13.437  1.00 4.32  ? 61  ASP A N   1 
ATOM   505  C CA  . ASP A 1 61  ? 2.166   -9.364  14.732  1.00 3.17  ? 61  ASP A CA  1 
ATOM   506  C C   . ASP A 1 61  ? 3.051   -8.115  14.503  1.00 26.28 ? 61  ASP A C   1 
ATOM   507  O O   . ASP A 1 61  ? 4.133   -8.239  13.930  1.00 9.07  ? 61  ASP A O   1 
ATOM   508  C CB  . ASP A 1 61  ? 2.748   -10.180 15.842  1.00 6.34  ? 61  ASP A CB  1 
ATOM   509  C CG  . ASP A 1 61  ? 1.758   -11.073 16.556  1.00 17.57 ? 61  ASP A CG  1 
ATOM   510  O OD1 . ASP A 1 61  ? 0.707   -11.401 16.030  1.00 11.30 ? 61  ASP A OD1 1 
ATOM   511  O OD2 . ASP A 1 61  ? 2.015   -11.462 17.708  1.00 11.81 ? 61  ASP A OD2 1 
ATOM   512  N N   . TYR A 1 62  ? 2.569   -6.998  14.951  1.00 10.15 ? 62  TYR A N   1 
ATOM   513  C CA  . TYR A 1 62  ? 3.193   -5.647  14.810  1.00 3.82  ? 62  TYR A CA  1 
ATOM   514  C C   . TYR A 1 62  ? 3.159   -4.931  16.138  1.00 8.21  ? 62  TYR A C   1 
ATOM   515  O O   . TYR A 1 62  ? 2.279   -4.142  16.463  1.00 6.77  ? 62  TYR A O   1 
ATOM   516  C CB  . TYR A 1 62  ? 2.780   -4.909  13.675  1.00 1.08  ? 62  TYR A CB  1 
ATOM   517  C CG  . TYR A 1 62  ? 2.721   -5.551  12.278  1.00 5.69  ? 62  TYR A CG  1 
ATOM   518  C CD1 . TYR A 1 62  ? 1.743   -6.483  11.979  1.00 2.59  ? 62  TYR A CD1 1 
ATOM   519  C CD2 . TYR A 1 62  ? 3.632   -5.175  11.273  1.00 11.59 ? 62  TYR A CD2 1 
ATOM   520  C CE1 . TYR A 1 62  ? 1.649   -7.070  10.750  1.00 2.95  ? 62  TYR A CE1 1 
ATOM   521  C CE2 . TYR A 1 62  ? 3.555   -5.753  9.994   1.00 10.66 ? 62  TYR A CE2 1 
ATOM   522  C CZ  . TYR A 1 62  ? 2.568   -6.710  9.732   1.00 4.68  ? 62  TYR A CZ  1 
ATOM   523  O OH  . TYR A 1 62  ? 2.441   -7.253  8.510   1.00 9.07  ? 62  TYR A OH  1 
ATOM   524  N N   . PRO A 1 63  ? 4.139   -5.264  16.963  1.00 8.78  ? 63  PRO A N   1 
ATOM   525  C CA  . PRO A 1 63  ? 4.156   -4.754  18.315  1.00 1.15  ? 63  PRO A CA  1 
ATOM   526  C C   . PRO A 1 63  ? 4.511   -3.318  18.470  1.00 8.57  ? 63  PRO A C   1 
ATOM   527  O O   . PRO A 1 63  ? 4.329   -2.787  19.589  1.00 1.44  ? 63  PRO A O   1 
ATOM   528  C CB  . PRO A 1 63  ? 5.082   -5.759  18.967  1.00 8.06  ? 63  PRO A CB  1 
ATOM   529  C CG  . PRO A 1 63  ? 6.059   -6.191  17.852  1.00 13.54 ? 63  PRO A CG  1 
ATOM   530  C CD  . PRO A 1 63  ? 5.188   -6.222  16.614  1.00 17.64 ? 63  PRO A CD  1 
ATOM   531  N N   . ASP A 1 64  ? 4.964   -2.689  17.408  1.00 7.06  ? 64  ASP A N   1 
ATOM   532  C CA  . ASP A 1 64  ? 5.310   -1.233  17.425  1.00 3.10  ? 64  ASP A CA  1 
ATOM   533  C C   . ASP A 1 64  ? 5.115   -0.684  16.049  1.00 15.34 ? 64  ASP A C   1 
ATOM   534  O O   . ASP A 1 64  ? 5.078   -1.577  15.155  1.00 6.05  ? 64  ASP A O   1 
ATOM   535  C CB  . ASP A 1 64  ? 6.442   -0.873  18.201  1.00 11.95 ? 64  ASP A CB  1 
ATOM   536  C CG  . ASP A 1 64  ? 7.441   0.150   17.739  1.00 71.57 ? 64  ASP A CG  1 
ATOM   537  O OD1 . ASP A 1 64  ? 7.826   0.111   16.568  1.00 67.25 ? 64  ASP A OD1 1 
ATOM   538  O OD2 . ASP A 1 64  ? 7.862   0.990   18.581  1.00 14.33 ? 64  ASP A OD2 1 
ATOM   539  N N   . TYR A 1 65  ? 4.872   0.555   15.772  1.00 -1.44 ? 65  TYR A N   1 
ATOM   540  C CA  . TYR A 1 65  ? 4.569   1.013   14.418  1.00 3.89  ? 65  TYR A CA  1 
ATOM   541  C C   . TYR A 1 65  ? 5.741   0.963   13.474  1.00 4.39  ? 65  TYR A C   1 
ATOM   542  O O   . TYR A 1 65  ? 5.551   0.896   12.298  1.00 7.92  ? 65  TYR A O   1 
ATOM   543  C CB  . TYR A 1 65  ? 3.783   2.242   14.370  1.00 7.13  ? 65  TYR A CB  1 
ATOM   544  C CG  . TYR A 1 65  ? 4.594   3.489   14.728  1.00 10.58 ? 65  TYR A CG  1 
ATOM   545  C CD1 . TYR A 1 65  ? 5.649   3.923   13.972  1.00 3.96  ? 65  TYR A CD1 1 
ATOM   546  C CD2 . TYR A 1 65  ? 4.257   4.175   15.923  1.00 17.21 ? 65  TYR A CD2 1 
ATOM   547  C CE1 . TYR A 1 65  ? 6.366   5.104   14.343  1.00 8.93  ? 65  TYR A CE1 1 
ATOM   548  C CE2 . TYR A 1 65  ? 4.958   5.308   16.295  1.00 23.90 ? 65  TYR A CE2 1 
ATOM   549  C CZ  . TYR A 1 65  ? 6.021   5.769   15.508  1.00 23.54 ? 65  TYR A CZ  1 
ATOM   550  O OH  . TYR A 1 65  ? 6.701   6.894   15.902  1.00 27.29 ? 65  TYR A OH  1 
ATOM   551  N N   . GLN A 1 66  ? 6.989   0.957   14.001  1.00 3.31  ? 66  GLN A N   1 
ATOM   552  C CA  . GLN A 1 66  ? 8.153   0.814   13.109  1.00 11.74 ? 66  GLN A CA  1 
ATOM   553  C C   . GLN A 1 66  ? 8.116   -0.523  12.415  1.00 4.82  ? 66  GLN A C   1 
ATOM   554  O O   . GLN A 1 66  ? 8.809   -0.771  11.414  1.00 7.56  ? 66  GLN A O   1 
ATOM   555  C CB  . GLN A 1 66  ? 9.438   0.832   14.009  1.00 32.33 ? 66  GLN A CB  1 
ATOM   556  C CG  . GLN A 1 66  ? 10.136  2.187   13.837  1.00 85.68 ? 66  GLN A CG  1 
ATOM   557  C CD  . GLN A 1 66  ? 10.660  2.670   15.198  1.00 86.11 ? 66  GLN A CD  1 
ATOM   558  O OE1 . GLN A 1 66  ? 10.432  3.912   15.609  1.00 68.69 ? 66  GLN A OE1 1 
ATOM   559  N NE2 . GLN A 1 66  ? 11.342  1.807   15.946  1.00 61.13 ? 66  GLN A NE2 1 
ATOM   560  N N   . GLN A 1 67  ? 7.319   -1.450  12.955  1.00 1.94  ? 67  GLN A N   1 
ATOM   561  C CA  . GLN A 1 67  ? 7.253   -2.765  12.319  1.00 3.89  ? 67  GLN A CA  1 
ATOM   562  C C   . GLN A 1 67  ? 6.483   -2.722  11.033  1.00 12.53 ? 67  GLN A C   1 
ATOM   563  O O   . GLN A 1 67  ? 6.667   -3.575  10.150  1.00 15.48 ? 67  GLN A O   1 
ATOM   564  C CB  . GLN A 1 67  ? 6.685   -3.844  13.278  1.00 8.93  ? 67  GLN A CB  1 
ATOM   565  C CG  . GLN A 1 67  ? 7.654   -4.365  14.313  1.00 14.62 ? 67  GLN A CG  1 
ATOM   566  C CD  . GLN A 1 67  ? 9.088   -4.580  13.865  1.00 60.19 ? 67  GLN A CD  1 
ATOM   567  O OE1 . GLN A 1 67  ? 10.109  -4.035  14.546  1.00 23.11 ? 67  GLN A OE1 1 
ATOM   568  N NE2 . GLN A 1 67  ? 9.425   -5.330  12.811  1.00 44.64 ? 67  GLN A NE2 1 
ATOM   569  N N   . TRP A 1 68  ? 5.633   -1.701  10.889  1.00 9.07  ? 68  TRP A N   1 
ATOM   570  C CA  . TRP A 1 68  ? 4.870   -1.422  9.687   1.00 1.51  ? 68  TRP A CA  1 
ATOM   571  C C   . TRP A 1 68  ? 5.480   -0.288  8.872   1.00 7.63  ? 68  TRP A C   1 
ATOM   572  O O   . TRP A 1 68  ? 5.032   0.091   7.796   1.00 5.18  ? 68  TRP A O   1 
ATOM   573  C CB  . TRP A 1 68  ? 3.408   -1.345  9.833   1.00 2.74  ? 68  TRP A CB  1 
ATOM   574  C CG  . TRP A 1 68  ? 2.733   -0.318  10.672  1.00 1.51  ? 68  TRP A CG  1 
ATOM   575  C CD1 . TRP A 1 68  ? 2.501   1.004   10.199  1.00 4.54  ? 68  TRP A CD1 1 
ATOM   576  C CD2 . TRP A 1 68  ? 2.193   -0.424  11.944  1.00 45.65 ? 68  TRP A CD2 1 
ATOM   577  N NE1 . TRP A 1 68  ? 1.825   1.659   11.277  1.00 10.66 ? 68  TRP A NE1 1 
ATOM   578  C CE2 . TRP A 1 68  ? 1.657   0.834   12.266  1.00 3.24  ? 68  TRP A CE2 1 
ATOM   579  C CE3 . TRP A 1 68  ? 2.121   -1.487  12.903  1.00 1.37  ? 68  TRP A CE3 1 
ATOM   580  C CZ2 . TRP A 1 68  ? 1.069   1.052   13.451  1.00 11.16 ? 68  TRP A CZ2 1 
ATOM   581  C CZ3 . TRP A 1 68  ? 1.524   -1.213  14.108  1.00 11.45 ? 68  TRP A CZ3 1 
ATOM   582  C CH2 . TRP A 1 68  ? 0.989   0.036   14.396  1.00 2.81  ? 68  TRP A CH2 1 
ATOM   583  N N   . MET A 1 69  ? 6.615   0.274   9.309   1.00 5.18  ? 69  MET A N   1 
ATOM   584  C CA  . MET A 1 69  ? 7.179   1.396   8.489   1.00 18.58 ? 69  MET A CA  1 
ATOM   585  C C   . MET A 1 69  ? 6.335   2.651   8.865   1.00 6.62  ? 69  MET A C   1 
ATOM   586  O O   . MET A 1 69  ? 6.328   3.550   8.062   1.00 11.52 ? 69  MET A O   1 
ATOM   587  C CB  . MET A 1 69  ? 6.855   1.167   6.996   1.00 10.73 ? 69  MET A CB  1 
ATOM   588  C CG  . MET A 1 69  ? 8.065   0.723   6.222   1.00 50.90 ? 69  MET A CG  1 
ATOM   589  S SD  . MET A 1 69  ? 9.085   -0.495  7.103   1.00 32.54 ? 69  MET A SD  1 
ATOM   590  C CE  . MET A 1 69  ? 10.162  0.362   8.239   1.00 14.83 ? 69  MET A CE  1 
ATOM   591  N N   . GLY A 1 70  ? 5.677   2.655   9.990   1.00 11.52 ? 70  GLY A N   1 
ATOM   592  C CA  . GLY A 1 70  ? 4.836   3.864   10.313  1.00 5.54  ? 70  GLY A CA  1 
ATOM   593  C C   . GLY A 1 70  ? 5.628   5.100   10.575  1.00 16.78 ? 70  GLY A C   1 
ATOM   594  O O   . GLY A 1 70  ? 6.749   5.185   11.093  1.00 3.60  ? 70  GLY A O   1 
ATOM   595  N N   . PHE A 1 71  ? 5.003   6.167   10.159  1.00 0.94  ? 71  PHE A N   1 
ATOM   596  C CA  . PHE A 1 71  ? 5.592   7.513   10.293  1.00 3.74  ? 71  PHE A CA  1 
ATOM   597  C C   . PHE A 1 71  ? 5.262   8.037   11.672  1.00 13.39 ? 71  PHE A C   1 
ATOM   598  O O   . PHE A 1 71  ? 5.881   8.911   12.272  1.00 5.90  ? 71  PHE A O   1 
ATOM   599  C CB  . PHE A 1 71  ? 4.829   8.364   9.241   1.00 7.20  ? 71  PHE A CB  1 
ATOM   600  C CG  . PHE A 1 71  ? 5.437   9.752   9.243   1.00 0.22  ? 71  PHE A CG  1 
ATOM   601  C CD1 . PHE A 1 71  ? 6.655   10.020  8.643   1.00 11.74 ? 71  PHE A CD1 1 
ATOM   602  C CD2 . PHE A 1 71  ? 4.702   10.743  9.926   1.00 5.11  ? 71  PHE A CD2 1 
ATOM   603  C CE1 . PHE A 1 71  ? 7.145   11.334  8.741   1.00 33.77 ? 71  PHE A CE1 1 
ATOM   604  C CE2 . PHE A 1 71  ? 5.203   12.035  10.000  1.00 19.37 ? 71  PHE A CE2 1 
ATOM   605  C CZ  . PHE A 1 71  ? 6.416   12.311  9.424   1.00 3.67  ? 71  PHE A CZ  1 
ATOM   606  N N   . ASN A 1 72  ? 4.202   7.477   12.232  1.00 5.62  ? 72  ASN A N   1 
ATOM   607  C CA  . ASN A 1 72  ? 3.722   7.820   13.519  1.00 3.24  ? 72  ASN A CA  1 
ATOM   608  C C   . ASN A 1 72  ? 2.697   6.849   14.059  1.00 2.81  ? 72  ASN A C   1 
ATOM   609  O O   . ASN A 1 72  ? 2.617   5.772   13.549  1.00 3.96  ? 72  ASN A O   1 
ATOM   610  C CB  . ASN A 1 72  ? 3.269   9.260   13.645  1.00 5.98  ? 72  ASN A CB  1 
ATOM   611  C CG  . ASN A 1 72  ? 2.186   9.611   12.665  1.00 16.70 ? 72  ASN A CG  1 
ATOM   612  O OD1 . ASN A 1 72  ? 1.522   8.607   12.087  1.00 13.25 ? 72  ASN A OD1 1 
ATOM   613  N ND2 . ASN A 1 72  ? 1.910   10.885  12.400  1.00 12.53 ? 72  ASN A ND2 1 
ATOM   614  N N   . ASP A 1 73  ? 1.936   7.216   15.117  1.00 3.60  ? 73  ASP A N   1 
ATOM   615  C CA  . ASP A 1 73  ? 0.930   6.298   15.657  1.00 7.99  ? 73  ASP A CA  1 
ATOM   616  C C   . ASP A 1 73  ? -0.456  6.642   15.235  1.00 7.34  ? 73  ASP A C   1 
ATOM   617  O O   . ASP A 1 73  ? -1.493  6.465   15.892  1.00 5.26  ? 73  ASP A O   1 
ATOM   618  C CB  . ASP A 1 73  ? 1.098   6.105   17.137  1.00 2.81  ? 73  ASP A CB  1 
ATOM   619  C CG  . ASP A 1 73  ? 0.808   7.312   17.995  1.00 15.84 ? 73  ASP A CG  1 
ATOM   620  O OD1 . ASP A 1 73  ? 0.489   8.411   17.508  1.00 11.81 ? 73  ASP A OD1 1 
ATOM   621  O OD2 . ASP A 1 73  ? 0.905   7.220   19.222  1.00 15.98 ? 73  ASP A OD2 1 
ATOM   622  N N   . SER A 1 74  ? -0.569  7.279   14.023  1.00 7.63  ? 74  SER A N   1 
ATOM   623  C CA  . SER A 1 74  ? -1.962  7.656   13.583  1.00 7.20  ? 74  SER A CA  1 
ATOM   624  C C   . SER A 1 74  ? -2.389  6.745   12.462  1.00 5.40  ? 74  SER A C   1 
ATOM   625  O O   . SER A 1 74  ? -1.670  6.533   11.493  1.00 6.41  ? 74  SER A O   1 
ATOM   626  C CB  . SER A 1 74  ? -1.934  9.122   13.153  1.00 15.41 ? 74  SER A CB  1 
ATOM   627  O OG  . SER A 1 74  ? -3.078  9.437   12.357  1.00 14.18 ? 74  SER A OG  1 
ATOM   628  N N   . ILE A 1 75  ? -3.515  6.053   12.636  1.00 4.46  ? 75  ILE A N   1 
ATOM   629  C CA  . ILE A 1 75  ? -4.038  5.121   11.646  1.00 2.30  ? 75  ILE A CA  1 
ATOM   630  C C   . ILE A 1 75  ? -5.580  5.430   11.631  1.00 2.59  ? 75  ILE A C   1 
ATOM   631  O O   . ILE A 1 75  ? -6.156  4.884   12.564  1.00 3.89  ? 75  ILE A O   1 
ATOM   632  C CB  . ILE A 1 75  ? -3.870  3.653   11.992  1.00 17.71 ? 75  ILE A CB  1 
ATOM   633  C CG1 . ILE A 1 75  ? -2.411  3.246   11.955  1.00 7.78  ? 75  ILE A CG1 1 
ATOM   634  C CG2 . ILE A 1 75  ? -4.689  2.757   10.977  1.00 6.34  ? 75  ILE A CG2 1 
ATOM   635  C CD1 . ILE A 1 75  ? -1.779  3.334   10.569  1.00 3.67  ? 75  ILE A CD1 1 
ATOM   636  N N   . ARG A 1 76  ? -6.021  6.239   10.721  1.00 3.10  ? 76  ARG A N   1 
ATOM   637  C CA  . ARG A 1 76  ? -7.347  6.764   10.549  1.00 5.04  ? 76  ARG A CA  1 
ATOM   638  C C   . ARG A 1 76  ? -8.289  6.207   9.650   1.00 2.95  ? 76  ARG A C   1 
ATOM   639  O O   . ARG A 1 76  ? -9.529  6.385   9.760   1.00 7.92  ? 76  ARG A O   1 
ATOM   640  C CB  . ARG A 1 76  ? -7.398  8.287   10.807  1.00 1.73  ? 76  ARG A CB  1 
ATOM   641  C CG  . ARG A 1 76  ? -6.593  8.548   12.047  1.00 4.10  ? 76  ARG A CG  1 
ATOM   642  C CD  . ARG A 1 76  ? -6.489  10.144  12.192  1.00 3.82  ? 76  ARG A CD  1 
ATOM   643  N NE  . ARG A 1 76  ? -6.511  10.405  13.663  1.00 26.42 ? 76  ARG A NE  1 
ATOM   644  C CZ  . ARG A 1 76  ? -6.298  11.645  14.072  1.00 15.19 ? 76  ARG A CZ  1 
ATOM   645  N NH1 . ARG A 1 76  ? -6.636  12.642  13.186  1.00 1.15  ? 76  ARG A NH1 1 
ATOM   646  N NH2 . ARG A 1 76  ? -5.669  11.964  15.177  1.00 12.60 ? 76  ARG A NH2 1 
ATOM   647  N N   . SER A 1 77  ? -7.812  5.300   8.794   1.00 2.59  ? 77  SER A N   1 
ATOM   648  C CA  . SER A 1 77  ? -8.582  4.542   7.845   1.00 3.38  ? 77  SER A CA  1 
ATOM   649  C C   . SER A 1 77  ? -7.843  3.340   7.323   1.00 2.23  ? 77  SER A C   1 
ATOM   650  O O   . SER A 1 77  ? -6.594  3.180   7.444   1.00 5.54  ? 77  SER A O   1 
ATOM   651  C CB  . SER A 1 77  ? -9.210  5.342   6.738   1.00 10.15 ? 77  SER A CB  1 
ATOM   652  O OG  . SER A 1 77  ? -8.265  6.005   5.942   1.00 4.82  ? 77  SER A OG  1 
ATOM   653  N N   . CYS A 1 78  ? -8.572  2.397   6.786   1.00 3.74  ? 78  CYS A N   1 
ATOM   654  C CA  . CYS A 1 78  ? -8.009  1.185   6.275   1.00 2.23  ? 78  CYS A CA  1 
ATOM   655  C C   . CYS A 1 78  ? -8.882  0.558   5.159   1.00 6.34  ? 78  CYS A C   1 
ATOM   656  O O   . CYS A 1 78  ? -10.087 0.660   5.283   1.00 2.52  ? 78  CYS A O   1 
ATOM   657  C CB  . CYS A 1 78  ? -7.743  0.128   7.325   1.00 9.58  ? 78  CYS A CB  1 
ATOM   658  S SG  . CYS A 1 78  ? -9.208  -0.368  8.303   1.00 9.79  ? 78  CYS A SG  1 
ATOM   659  N N   . ARG A 1 79  ? -8.200  -0.057  4.236   1.00 3.38  ? 79  ARG A N   1 
ATOM   660  C CA  . ARG A 1 79  ? -8.728  -0.817  3.105   1.00 1.73  ? 79  ARG A CA  1 
ATOM   661  C C   . ARG A 1 79  ? -8.329  -2.290  3.181   1.00 24.41 ? 79  ARG A C   1 
ATOM   662  O O   . ARG A 1 79  ? -7.153  -2.662  3.404   1.00 6.77  ? 79  ARG A O   1 
ATOM   663  C CB  . ARG A 1 79  ? -8.153  -0.258  1.812   1.00 3.89  ? 79  ARG A CB  1 
ATOM   664  C CG  . ARG A 1 79  ? -9.146  0.784   1.251   1.00 7.85  ? 79  ARG A CG  1 
ATOM   665  C CD  . ARG A 1 79  ? -8.682  1.143   -0.213  1.00 4.10  ? 79  ARG A CD  1 
ATOM   666  N NE  . ARG A 1 79  ? -9.887  1.944   -0.686  1.00 7.13  ? 79  ARG A NE  1 
ATOM   667  C CZ  . ARG A 1 79  ? -9.605  3.133   -1.253  1.00 45.86 ? 79  ARG A CZ  1 
ATOM   668  N NH1 . ARG A 1 79  ? -8.360  3.593   -1.336  1.00 10.08 ? 79  ARG A NH1 1 
ATOM   669  N NH2 . ARG A 1 79  ? -10.527 3.877   -1.801  1.00 4.25  ? 79  ARG A NH2 1 
ATOM   670  N N   . LEU A 1 80  ? -9.357  -3.091  3.034   1.00 5.69  ? 80  LEU A N   1 
ATOM   671  C CA  . LEU A 1 80  ? -9.191  -4.570  2.913   1.00 10.51 ? 80  LEU A CA  1 
ATOM   672  C C   . LEU A 1 80  ? -8.927  -4.834  1.427   1.00 5.90  ? 80  LEU A C   1 
ATOM   673  O O   . LEU A 1 80  ? -9.859  -4.905  0.616   1.00 9.29  ? 80  LEU A O   1 
ATOM   674  C CB  . LEU A 1 80  ? -10.165 -5.385  3.553   1.00 7.13  ? 80  LEU A CB  1 
ATOM   675  C CG  . LEU A 1 80  ? -10.286 -6.848  3.061   1.00 9.72  ? 80  LEU A CG  1 
ATOM   676  C CD1 . LEU A 1 80  ? -9.026  -7.571  3.667   1.00 13.10 ? 80  LEU A CD1 1 
ATOM   677  C CD2 . LEU A 1 80  ? -11.538 -7.496  3.729   1.00 5.83  ? 80  LEU A CD2 1 
ATOM   678  N N   . ILE A 1 81  ? -7.659  -4.940  0.970   1.00 6.05  ? 81  ILE A N   1 
ATOM   679  C CA  . ILE A 1 81  ? -7.404  -5.189  -0.461  1.00 2.52  ? 81  ILE A CA  1 
ATOM   680  C C   . ILE A 1 81  ? -7.986  -6.476  -0.980  1.00 2.66  ? 81  ILE A C   1 
ATOM   681  O O   . ILE A 1 81  ? -7.709  -7.590  -0.499  1.00 7.85  ? 81  ILE A O   1 
ATOM   682  C CB  . ILE A 1 81  ? -5.928  -5.040  -0.800  1.00 8.21  ? 81  ILE A CB  1 
ATOM   683  C CG1 . ILE A 1 81  ? -5.311  -3.815  -0.131  1.00 10.01 ? 81  ILE A CG1 1 
ATOM   684  C CG2 . ILE A 1 81  ? -5.781  -4.940  -2.331  1.00 12.89 ? 81  ILE A CG2 1 
ATOM   685  C CD1 . ILE A 1 81  ? -3.831  -3.938  0.227   1.00 3.31  ? 81  ILE A CD1 1 
ATOM   686  N N   . PRO A 1 82  ? -8.858  -6.456  -2.004  1.00 13.46 ? 82  PRO A N   1 
ATOM   687  C CA  . PRO A 1 82  ? -9.467  -7.713  -2.508  1.00 12.38 ? 82  PRO A CA  1 
ATOM   688  C C   . PRO A 1 82  ? -8.414  -8.670  -3.016  1.00 6.48  ? 82  PRO A C   1 
ATOM   689  O O   . PRO A 1 82  ? -7.534  -8.287  -3.795  1.00 0.79  ? 82  PRO A O   1 
ATOM   690  C CB  . PRO A 1 82  ? -10.303 -7.160  -3.659  1.00 13.97 ? 82  PRO A CB  1 
ATOM   691  C CG  . PRO A 1 82  ? -10.745 -5.759  -3.153  1.00 14.47 ? 82  PRO A CG  1 
ATOM   692  C CD  . PRO A 1 82  ? -9.460  -5.231  -2.576  1.00 13.82 ? 82  PRO A CD  1 
ATOM   693  N N   . GLN A 1 83  ? -8.475  -9.858  -2.516  1.00 7.92  ? 83  GLN A N   1 
ATOM   694  C CA  . GLN A 1 83  ? -7.619  -11.005 -2.822  1.00 21.74 ? 83  GLN A CA  1 
ATOM   695  C C   . GLN A 1 83  ? -7.711  -11.257 -4.317  1.00 8.42  ? 83  GLN A C   1 
ATOM   696  O O   . GLN A 1 83  ? -8.807  -11.056 -4.914  1.00 4.97  ? 83  GLN A O   1 
ATOM   697  C CB  . GLN A 1 83  ? -8.184  -12.302 -2.157  1.00 17.57 ? 83  GLN A CB  1 
ATOM   698  C CG  . GLN A 1 83  ? -7.170  -12.929 -1.232  1.00 56.52 ? 83  GLN A CG  1 
ATOM   699  C CD  . GLN A 1 83  ? -7.117  -14.455 -1.356  1.00 56.23 ? 83  GLN A CD  1 
ATOM   700  O OE1 . GLN A 1 83  ? -6.254  -15.134 -0.573  1.00 27.94 ? 83  GLN A OE1 1 
ATOM   701  N NE2 . GLN A 1 83  ? -7.877  -15.137 -2.207  1.00 54.07 ? 83  GLN A NE2 1 
ATOM   702  N N   . HIS A 1 84  ? -6.593  -11.697 -4.863  1.00 5.62  ? 84  HIS A N   1 
ATOM   703  C CA  . HIS A 1 84  ? -6.499  -11.955 -6.265  1.00 0.72  ? 84  HIS A CA  1 
ATOM   704  C C   . HIS A 1 84  ? -5.557  -13.125 -6.538  1.00 20.30 ? 84  HIS A C   1 
ATOM   705  O O   . HIS A 1 84  ? -4.422  -13.008 -6.116  1.00 9.43  ? 84  HIS A O   1 
ATOM   706  C CB  . HIS A 1 84  ? -6.068  -10.756 -7.099  1.00 10.66 ? 84  HIS A CB  1 
ATOM   707  C CG  . HIS A 1 84  ? -5.963  -11.041 -8.564  1.00 1.15  ? 84  HIS A CG  1 
ATOM   708  N ND1 . HIS A 1 84  ? -7.091  -11.292 -9.425  1.00 9.29  ? 84  HIS A ND1 1 
ATOM   709  C CD2 . HIS A 1 84  ? -4.806  -11.027 -9.353  1.00 3.82  ? 84  HIS A CD2 1 
ATOM   710  C CE1 . HIS A 1 84  ? -6.600  -11.473 -10.697 1.00 4.32  ? 84  HIS A CE1 1 
ATOM   711  N NE2 . HIS A 1 84  ? -5.198  -11.339 -10.690 1.00 10.30 ? 84  HIS A NE2 1 
ATOM   712  N N   . THR A 1 85  ? -6.096  -14.100 -7.216  1.00 9.22  ? 85  THR A N   1 
ATOM   713  C CA  . THR A 1 85  ? -5.300  -15.296 -7.583  1.00 77.83 ? 85  THR A CA  1 
ATOM   714  C C   . THR A 1 85  ? -5.018  -15.295 -9.084  1.00 29.38 ? 85  THR A C   1 
ATOM   715  O O   . THR A 1 85  ? -5.848  -14.801 -9.860  1.00 11.30 ? 85  THR A O   1 
ATOM   716  C CB  . THR A 1 85  ? -5.991  -16.569 -7.169  1.00 25.20 ? 85  THR A CB  1 
ATOM   717  O OG1 . THR A 1 85  ? -7.136  -16.846 -7.978  1.00 34.34 ? 85  THR A OG1 1 
ATOM   718  C CG2 . THR A 1 85  ? -6.395  -16.548 -5.737  1.00 18.22 ? 85  THR A CG2 1 
ATOM   719  N N   . GLY A 1 86  ? -3.875  -15.816 -9.500  1.00 18.50 ? 86  GLY A N   1 
ATOM   720  C CA  . GLY A 1 86  ? -3.489  -15.915 -10.911 1.00 11.38 ? 86  GLY A CA  1 
ATOM   721  C C   . GLY A 1 86  ? -2.603  -14.719 -11.277 1.00 7.56  ? 86  GLY A C   1 
ATOM   722  O O   . GLY A 1 86  ? -1.806  -14.330 -10.442 1.00 22.39 ? 86  GLY A O   1 
ATOM   723  N N   . THR A 1 87  ? -2.751  -14.203 -12.447 1.00 9.50  ? 87  THR A N   1 
ATOM   724  C CA  . THR A 1 87  ? -2.013  -13.184 -13.082 1.00 16.85 ? 87  THR A CA  1 
ATOM   725  C C   . THR A 1 87  ? -2.217  -11.780 -12.623 1.00 33.12 ? 87  THR A C   1 
ATOM   726  O O   . THR A 1 87  ? -3.300  -11.215 -12.738 1.00 14.69 ? 87  THR A O   1 
ATOM   727  C CB  . THR A 1 87  ? -2.086  -13.251 -14.618 1.00 22.32 ? 87  THR A CB  1 
ATOM   728  O OG1 . THR A 1 87  ? -1.729  -14.583 -15.044 1.00 8.35  ? 87  THR A OG1 1 
ATOM   729  C CG2 . THR A 1 87  ? -1.034  -12.289 -15.149 1.00 16.85 ? 87  THR A CG2 1 
ATOM   730  N N   . PHE A 1 88  ? -1.141  -11.190 -12.125 1.00 7.34  ? 88  PHE A N   1 
ATOM   731  C CA  . PHE A 1 88  ? -1.308  -9.729  -11.693 1.00 2.09  ? 88  PHE A CA  1 
ATOM   732  C C   . PHE A 1 88  ? -0.644  -8.961  -12.851 1.00 20.52 ? 88  PHE A C   1 
ATOM   733  O O   . PHE A 1 88  ? 0.396   -9.423  -13.293 1.00 12.74 ? 88  PHE A O   1 
ATOM   734  C CB  . PHE A 1 88  ? -0.391  -9.561  -10.459 1.00 8.86  ? 88  PHE A CB  1 
ATOM   735  C CG  . PHE A 1 88  ? -1.040  -9.957  -9.192  1.00 1.87  ? 88  PHE A CG  1 
ATOM   736  C CD1 . PHE A 1 88  ? -1.261  -11.287 -8.853  1.00 2.66  ? 88  PHE A CD1 1 
ATOM   737  C CD2 . PHE A 1 88  ? -1.459  -8.964  -8.252  1.00 0.22  ? 88  PHE A CD2 1 
ATOM   738  C CE1 . PHE A 1 88  ? -1.906  -11.610 -7.649  1.00 16.20 ? 88  PHE A CE1 1 
ATOM   739  C CE2 . PHE A 1 88  ? -2.090  -9.265  -7.041  1.00 0.50  ? 88  PHE A CE2 1 
ATOM   740  C CZ  . PHE A 1 88  ? -2.302  -10.652 -6.737  1.00 8.21  ? 88  PHE A CZ  1 
ATOM   741  N N   . ARG A 1 89  ? -1.224  -7.909  -13.347 1.00 7.70  ? 89  ARG A N   1 
ATOM   742  C CA  . ARG A 1 89  ? -0.582  -7.233  -14.504 1.00 7.42  ? 89  ARG A CA  1 
ATOM   743  C C   . ARG A 1 89  ? -0.868  -5.742  -14.501 1.00 8.35  ? 89  ARG A C   1 
ATOM   744  O O   . ARG A 1 89  ? -1.936  -5.268  -14.104 1.00 -0.29 ? 89  ARG A O   1 
ATOM   745  C CB  . ARG A 1 89  ? -1.142  -7.876  -15.795 1.00 0.58  ? 89  ARG A CB  1 
ATOM   746  C CG  . ARG A 1 89  ? -0.652  -7.040  -16.964 1.00 7.63  ? 89  ARG A CG  1 
ATOM   747  C CD  . ARG A 1 89  ? -0.111  -7.804  -18.094 1.00 13.03 ? 89  ARG A CD  1 
ATOM   748  N NE  . ARG A 1 89  ? -1.038  -8.966  -18.408 1.00 24.77 ? 89  ARG A NE  1 
ATOM   749  C CZ  . ARG A 1 89  ? -0.321  -10.017 -18.882 1.00 15.12 ? 89  ARG A CZ  1 
ATOM   750  N NH1 . ARG A 1 89  ? 0.656   -9.707  -19.765 1.00 28.58 ? 89  ARG A NH1 1 
ATOM   751  N NH2 . ARG A 1 89  ? -0.505  -11.265 -18.497 1.00 31.03 ? 89  ARG A NH2 1 
ATOM   752  N N   . MET A 1 90  ? 0.142   -5.020  -14.906 1.00 5.18  ? 90  MET A N   1 
ATOM   753  C CA  . MET A 1 90  ? 0.194   -3.576  -15.000 1.00 7.70  ? 90  MET A CA  1 
ATOM   754  C C   . MET A 1 90  ? 1.143   -3.145  -16.057 1.00 3.24  ? 90  MET A C   1 
ATOM   755  O O   . MET A 1 90  ? 2.033   -3.937  -16.462 1.00 14.76 ? 90  MET A O   1 
ATOM   756  C CB  . MET A 1 90  ? 0.429   -2.880  -13.676 1.00 40.97 ? 90  MET A CB  1 
ATOM   757  C CG  . MET A 1 90  ? 1.597   -3.360  -12.844 1.00 19.15 ? 90  MET A CG  1 
ATOM   758  S SD  . MET A 1 90  ? 1.956   -2.256  -11.403 1.00 16.34 ? 90  MET A SD  1 
ATOM   759  C CE  . MET A 1 90  ? 2.236   -0.570  -12.060 1.00 7.27  ? 90  MET A CE  1 
ATOM   760  N N   . ARG A 1 91  ? 0.970   -1.949  -16.509 1.00 6.34  ? 91  ARG A N   1 
ATOM   761  C CA  . ARG A 1 91  ? 1.839   -1.373  -17.582 1.00 -0.22 ? 91  ARG A CA  1 
ATOM   762  C C   . ARG A 1 91  ? 2.332   -0.014  -17.036 1.00 18.86 ? 91  ARG A C   1 
ATOM   763  O O   . ARG A 1 91  ? 1.503   0.690   -16.456 1.00 8.57  ? 91  ARG A O   1 
ATOM   764  C CB  . ARG A 1 91  ? 0.906   -1.089  -18.779 1.00 3.31  ? 91  ARG A CB  1 
ATOM   765  C CG  . ARG A 1 91  ? 0.517   -2.511  -19.379 1.00 4.97  ? 91  ARG A CG  1 
ATOM   766  C CD  . ARG A 1 91  ? 0.185   -2.284  -20.878 1.00 3.96  ? 91  ARG A CD  1 
ATOM   767  N NE  . ARG A 1 91  ? -0.763  -3.301  -21.331 1.00 10.80 ? 91  ARG A NE  1 
ATOM   768  C CZ  . ARG A 1 91  ? -1.856  -2.978  -22.044 1.00 51.77 ? 91  ARG A CZ  1 
ATOM   769  N NH1 . ARG A 1 91  ? -2.569  -1.897  -21.717 1.00 22.68 ? 91  ARG A NH1 1 
ATOM   770  N NH2 . ARG A 1 91  ? -2.228  -3.718  -23.078 1.00 82.87 ? 91  ARG A NH2 1 
ATOM   771  N N   . ILE A 1 92  ? 3.579   0.275   -17.109 1.00 3.53  ? 92  ILE A N   1 
ATOM   772  C CA  . ILE A 1 92  ? 4.194   1.569   -16.654 1.00 4.32  ? 92  ILE A CA  1 
ATOM   773  C C   . ILE A 1 92  ? 4.520   2.372   -17.923 1.00 9.07  ? 92  ILE A C   1 
ATOM   774  O O   . ILE A 1 92  ? 4.832   1.733   -18.940 1.00 10.37 ? 92  ILE A O   1 
ATOM   775  C CB  . ILE A 1 92  ? 5.360   1.365   -15.781 1.00 14.83 ? 92  ILE A CB  1 
ATOM   776  C CG1 . ILE A 1 92  ? 6.378   0.359   -16.420 1.00 11.52 ? 92  ILE A CG1 1 
ATOM   777  C CG2 . ILE A 1 92  ? 5.052   0.779   -14.376 1.00 1.80  ? 92  ILE A CG2 1 
ATOM   778  C CD1 . ILE A 1 92  ? 7.716   0.624   -15.680 1.00 8.14  ? 92  ILE A CD1 1 
ATOM   779  N N   . TYR A 1 93  ? 4.495   3.667   -17.826 1.00 4.10  ? 93  TYR A N   1 
ATOM   780  C CA  . TYR A 1 93  ? 4.709   4.661   -18.867 1.00 1.80  ? 93  TYR A CA  1 
ATOM   781  C C   . TYR A 1 93  ? 5.681   5.751   -18.397 1.00 7.13  ? 93  TYR A C   1 
ATOM   782  O O   . TYR A 1 93  ? 5.696   6.252   -17.273 1.00 7.42  ? 93  TYR A O   1 
ATOM   783  C CB  . TYR A 1 93  ? 3.393   5.313   -19.335 1.00 11.74 ? 93  TYR A CB  1 
ATOM   784  C CG  . TYR A 1 93  ? 2.437   4.287   -20.006 1.00 17.14 ? 93  TYR A CG  1 
ATOM   785  C CD1 . TYR A 1 93  ? 2.472   4.082   -21.364 1.00 0.43  ? 93  TYR A CD1 1 
ATOM   786  C CD2 . TYR A 1 93  ? 1.488   3.637   -19.209 1.00 4.25  ? 93  TYR A CD2 1 
ATOM   787  C CE1 . TYR A 1 93  ? 1.565   3.184   -22.006 1.00 11.16 ? 93  TYR A CE1 1 
ATOM   788  C CE2 . TYR A 1 93  ? 0.632   2.718   -19.784 1.00 11.16 ? 93  TYR A CE2 1 
ATOM   789  C CZ  . TYR A 1 93  ? 0.665   2.470   -21.114 1.00 6.84  ? 93  TYR A CZ  1 
ATOM   790  O OH  . TYR A 1 93  ? -0.184  1.586   -21.679 1.00 8.21  ? 93  TYR A OH  1 
ATOM   791  N N   . GLU A 1 94  ? 6.549   6.064   -19.298 1.00 7.13  ? 94  GLU A N   1 
ATOM   792  C CA  . GLU A 1 94  ? 7.687   7.034   -19.117 1.00 9.79  ? 94  GLU A CA  1 
ATOM   793  C C   . GLU A 1 94  ? 7.071   8.460   -18.978 1.00 1.44  ? 94  GLU A C   1 
ATOM   794  O O   . GLU A 1 94  ? 7.572   9.111   -18.123 1.00 12.89 ? 94  GLU A O   1 
ATOM   795  C CB  . GLU A 1 94  ? 8.407   6.953   -20.440 1.00 27.14 ? 94  GLU A CB  1 
ATOM   796  C CG  . GLU A 1 94  ? 9.906   7.091   -20.322 1.00 11.45 ? 94  GLU A CG  1 
ATOM   797  C CD  . GLU A 1 94  ? 10.250  7.555   -21.783 1.00 82.80 ? 94  GLU A CD  1 
ATOM   798  O OE1 . GLU A 1 94  ? 9.798   6.833   -22.678 1.00 22.61 ? 94  GLU A OE1 1 
ATOM   799  O OE2 . GLU A 1 94  ? 10.780  8.620   -21.996 1.00 34.92 ? 94  GLU A OE2 1 
ATOM   800  N N   . ARG A 1 95  ? 6.072   8.734   -19.781 1.00 10.15 ? 95  ARG A N   1 
ATOM   801  C CA  . ARG A 1 95  ? 5.299   9.943   -19.832 1.00 21.17 ? 95  ARG A CA  1 
ATOM   802  C C   . ARG A 1 95  ? 3.928   9.946   -19.275 1.00 16.63 ? 95  ARG A C   1 
ATOM   803  O O   . ARG A 1 95  ? 3.206   8.966   -19.207 1.00 8.64  ? 95  ARG A O   1 
ATOM   804  C CB  . ARG A 1 95  ? 5.445   10.714  -21.101 1.00 4.54  ? 95  ARG A CB  1 
ATOM   805  C CG  . ARG A 1 95  ? 6.942   10.976  -21.343 1.00 7.70  ? 95  ARG A CG  1 
ATOM   806  C CD  . ARG A 1 95  ? 7.085   12.119  -22.384 1.00 14.76 ? 95  ARG A CD  1 
ATOM   807  N NE  . ARG A 1 95  ? 6.495   11.667  -23.643 1.00 25.06 ? 95  ARG A NE  1 
ATOM   808  C CZ  . ARG A 1 95  ? 7.182   10.865  -24.481 1.00 85.97 ? 95  ARG A CZ  1 
ATOM   809  N NH1 . ARG A 1 95  ? 8.370   10.398  -24.114 1.00 67.32 ? 95  ARG A NH1 1 
ATOM   810  N NH2 . ARG A 1 95  ? 6.661   10.557  -25.662 1.00 25.99 ? 95  ARG A NH2 1 
ATOM   811  N N   . ASP A 1 96  ? 3.370   11.082  -18.847 1.00 2.45  ? 96  ASP A N   1 
ATOM   812  C CA  . ASP A 1 96  ? 1.984   10.960  -18.381 1.00 36.00 ? 96  ASP A CA  1 
ATOM   813  C C   . ASP A 1 96  ? 1.013   10.704  -19.469 1.00 3.24  ? 96  ASP A C   1 
ATOM   814  O O   . ASP A 1 96  ? 1.209   10.713  -20.712 1.00 8.35  ? 96  ASP A O   1 
ATOM   815  C CB  . ASP A 1 96  ? 1.574   12.081  -17.446 1.00 8.06  ? 96  ASP A CB  1 
ATOM   816  C CG  . ASP A 1 96  ? 1.366   13.403  -18.170 1.00 32.11 ? 96  ASP A CG  1 
ATOM   817  O OD1 . ASP A 1 96  ? 1.864   13.606  -19.286 1.00 12.46 ? 96  ASP A OD1 1 
ATOM   818  O OD2 . ASP A 1 96  ? 0.716   14.305  -17.628 1.00 19.15 ? 96  ASP A OD2 1 
ATOM   819  N N   . ASP A 1 97  ? -0.253  10.480  -19.083 1.00 11.16 ? 97  ASP A N   1 
ATOM   820  C CA  . ASP A 1 97  ? -1.273  10.198  -20.079 1.00 48.60 ? 97  ASP A CA  1 
ATOM   821  C C   . ASP A 1 97  ? -0.978  8.973   -20.913 1.00 8.71  ? 97  ASP A C   1 
ATOM   822  O O   . ASP A 1 97  ? -1.345  8.887   -22.122 1.00 3.74  ? 97  ASP A O   1 
ATOM   823  C CB  . ASP A 1 97  ? -1.517  11.439  -20.952 1.00 3.53  ? 97  ASP A CB  1 
ATOM   824  C CG  . ASP A 1 97  ? -3.013  11.454  -21.258 1.00 21.46 ? 97  ASP A CG  1 
ATOM   825  O OD1 . ASP A 1 97  ? -3.777  11.447  -20.282 1.00 59.54 ? 97  ASP A OD1 1 
ATOM   826  O OD2 . ASP A 1 97  ? -3.338  11.536  -22.442 1.00 26.14 ? 97  ASP A OD2 1 
ATOM   827  N N   . PHE A 1 98  ? -0.316  8.002   -20.386 1.00 4.46  ? 98  PHE A N   1 
ATOM   828  C CA  . PHE A 1 98  ? 0.003   6.758   -21.123 1.00 10.58 ? 98  PHE A CA  1 
ATOM   829  C C   . PHE A 1 98  ? 0.863   7.049   -22.301 1.00 14.04 ? 98  PHE A C   1 
ATOM   830  O O   . PHE A 1 98  ? 0.621   6.498   -23.368 1.00 5.62  ? 98  PHE A O   1 
ATOM   831  C CB  . PHE A 1 98  ? -1.221  5.959   -21.467 1.00 1.44  ? 98  PHE A CB  1 
ATOM   832  C CG  . PHE A 1 98  ? -1.920  5.381   -20.265 1.00 11.23 ? 98  PHE A CG  1 
ATOM   833  C CD1 . PHE A 1 98  ? -1.344  5.454   -19.012 1.00 8.35  ? 98  PHE A CD1 1 
ATOM   834  C CD2 . PHE A 1 98  ? -3.150  4.713   -20.384 1.00 11.02 ? 98  PHE A CD2 1 
ATOM   835  C CE1 . PHE A 1 98  ? -1.963  4.927   -17.897 1.00 7.63  ? 98  PHE A CE1 1 
ATOM   836  C CE2 . PHE A 1 98  ? -3.735  4.196   -19.245 1.00 2.09  ? 98  PHE A CE2 1 
ATOM   837  C CZ  . PHE A 1 98  ? -3.191  4.286   -17.994 1.00 30.67 ? 98  PHE A CZ  1 
ATOM   838  N N   . ARG A 1 99  ? 1.898   7.886   -22.062 1.00 2.59  ? 99  ARG A N   1 
ATOM   839  C CA  . ARG A 1 99  ? 2.762   8.199   -23.217 1.00 6.98  ? 99  ARG A CA  1 
ATOM   840  C C   . ARG A 1 99  ? 4.218   7.780   -23.034 1.00 9.22  ? 99  ARG A C   1 
ATOM   841  O O   . ARG A 1 99  ? 4.657   7.433   -21.966 1.00 6.19  ? 99  ARG A O   1 
ATOM   842  C CB  . ARG A 1 99  ? 2.736   9.733   -23.397 1.00 6.48  ? 99  ARG A CB  1 
ATOM   843  C CG  . ARG A 1 99  ? 2.270   9.991   -24.860 1.00 37.73 ? 99  ARG A CG  1 
ATOM   844  C CD  . ARG A 1 99  ? 1.199   11.091  -24.752 1.00 56.09 ? 99  ARG A CD  1 
ATOM   845  N NE  . ARG A 1 99  ? 1.272   11.624  -23.367 1.00 47.81 ? 99  ARG A NE  1 
ATOM   846  C CZ  . ARG A 1 99  ? 1.440   12.938  -23.166 1.00 46.66 ? 99  ARG A CZ  1 
ATOM   847  N NH1 . ARG A 1 99  ? 1.192   13.807  -24.149 1.00 85.82 ? 99  ARG A NH1 1 
ATOM   848  N NH2 . ARG A 1 99  ? 1.868   13.408  -21.990 1.00 23.18 ? 99  ARG A NH2 1 
ATOM   849  N N   . GLY A 1 100 ? 4.969   7.752   -24.159 1.00 7.27  ? 100 GLY A N   1 
ATOM   850  C CA  . GLY A 1 100 ? 6.389   7.328   -24.137 1.00 14.54 ? 100 GLY A CA  1 
ATOM   851  C C   . GLY A 1 100 ? 6.472   5.810   -24.042 1.00 11.02 ? 100 GLY A C   1 
ATOM   852  O O   . GLY A 1 100 ? 5.462   5.119   -24.293 1.00 13.25 ? 100 GLY A O   1 
ATOM   853  N N   . GLN A 1 101 ? 7.637   5.242   -23.748 1.00 10.51 ? 101 GLN A N   1 
ATOM   854  C CA  . GLN A 1 101 ? 7.835   3.812   -23.655 1.00 15.41 ? 101 GLN A CA  1 
ATOM   855  C C   . GLN A 1 101 ? 7.051   3.166   -22.531 1.00 33.55 ? 101 GLN A C   1 
ATOM   856  O O   . GLN A 1 101 ? 7.020   3.589   -21.387 1.00 6.19  ? 101 GLN A O   1 
ATOM   857  C CB  . GLN A 1 101 ? 9.351   3.456   -23.481 1.00 13.18 ? 101 GLN A CB  1 
ATOM   858  C CG  . GLN A 1 101 ? 9.468   1.926   -23.479 1.00 12.17 ? 101 GLN A CG  1 
ATOM   859  C CD  . GLN A 1 101 ? 10.447  1.418   -24.534 1.00 16.20 ? 101 GLN A CD  1 
ATOM   860  O OE1 . GLN A 1 101 ? 11.395  2.173   -25.062 1.00 12.96 ? 101 GLN A OE1 1 
ATOM   861  N NE2 . GLN A 1 101 ? 10.344  0.138   -24.925 1.00 69.62 ? 101 GLN A NE2 1 
ATOM   862  N N   . MET A 1 102 ? 6.398   2.064   -22.829 1.00 6.34  ? 102 MET A N   1 
ATOM   863  C CA  . MET A 1 102 ? 5.579   1.332   -21.829 1.00 7.34  ? 102 MET A CA  1 
ATOM   864  C C   . MET A 1 102 ? 6.287   -0.026  -21.578 1.00 4.25  ? 102 MET A C   1 
ATOM   865  O O   . MET A 1 102 ? 6.891   -0.525  -22.532 1.00 7.20  ? 102 MET A O   1 
ATOM   866  C CB  . MET A 1 102 ? 4.259   0.974   -22.638 1.00 3.31  ? 102 MET A CB  1 
ATOM   867  C CG  . MET A 1 102 ? 3.224   0.322   -21.731 1.00 7.34  ? 102 MET A CG  1 
ATOM   868  S SD  . MET A 1 102 ? 3.372   -1.537  -21.766 1.00 11.52 ? 102 MET A SD  1 
ATOM   869  C CE  . MET A 1 102 ? 2.868   -2.080  -23.445 1.00 12.67 ? 102 MET A CE  1 
ATOM   870  N N   . SER A 1 103 ? 6.255   -0.449  -20.370 1.00 8.50  ? 103 SER A N   1 
ATOM   871  C CA  . SER A 1 103 ? 6.749   -1.741  -19.898 1.00 11.74 ? 103 SER A CA  1 
ATOM   872  C C   . SER A 1 103 ? 5.565   -2.493  -19.268 1.00 16.34 ? 103 SER A C   1 
ATOM   873  O O   . SER A 1 103 ? 4.706   -1.920  -18.602 1.00 3.53  ? 103 SER A O   1 
ATOM   874  C CB  . SER A 1 103 ? 7.937   -1.691  -19.030 1.00 3.17  ? 103 SER A CB  1 
ATOM   875  O OG  . SER A 1 103 ? 8.816   -0.581  -19.298 1.00 17.78 ? 103 SER A OG  1 
ATOM   876  N N   . GLU A 1 104 ? 5.449   -3.774  -19.509 1.00 5.76  ? 104 GLU A N   1 
ATOM   877  C CA  . GLU A 1 104 ? 4.354   -4.557  -18.891 1.00 35.78 ? 104 GLU A CA  1 
ATOM   878  C C   . GLU A 1 104 ? 4.959   -5.361  -17.737 1.00 17.42 ? 104 GLU A C   1 
ATOM   879  O O   . GLU A 1 104 ? 5.917   -6.090  -17.991 1.00 10.87 ? 104 GLU A O   1 
ATOM   880  C CB  . GLU A 1 104 ? 3.644   -5.466  -19.865 1.00 25.92 ? 104 GLU A CB  1 
ATOM   881  C CG  . GLU A 1 104 ? 2.350   -5.949  -19.128 1.00 6.98  ? 104 GLU A CG  1 
ATOM   882  C CD  . GLU A 1 104 ? 1.488   -6.652  -20.201 1.00 4.61  ? 104 GLU A CD  1 
ATOM   883  O OE1 . GLU A 1 104 ? 0.765   -6.048  -20.906 1.00 30.24 ? 104 GLU A OE1 1 
ATOM   884  O OE2 . GLU A 1 104 ? 1.685   -7.921  -20.227 1.00 22.03 ? 104 GLU A OE2 1 
ATOM   885  N N   . ILE A 1 105 ? 4.467   -5.172  -16.529 1.00 7.20  ? 105 ILE A N   1 
ATOM   886  C CA  . ILE A 1 105 ? 5.023   -5.841  -15.302 1.00 10.80 ? 105 ILE A CA  1 
ATOM   887  C C   . ILE A 1 105 ? 4.041   -6.822  -14.759 1.00 14.11 ? 105 ILE A C   1 
ATOM   888  O O   . ILE A 1 105 ? 2.834   -6.548  -14.610 1.00 11.16 ? 105 ILE A O   1 
ATOM   889  C CB  . ILE A 1 105 ? 5.504   -4.777  -14.373 1.00 3.31  ? 105 ILE A CB  1 
ATOM   890  C CG1 . ILE A 1 105 ? 6.663   -4.020  -14.982 1.00 16.20 ? 105 ILE A CG1 1 
ATOM   891  C CG2 . ILE A 1 105 ? 5.823   -5.242  -12.933 1.00 1.73  ? 105 ILE A CG2 1 
ATOM   892  C CD1 . ILE A 1 105 ? 6.777   -2.559  -14.683 1.00 8.42  ? 105 ILE A CD1 1 
ATOM   893  N N   . THR A 1 106 ? 4.486   -8.035  -14.542 1.00 5.11  ? 106 THR A N   1 
ATOM   894  C CA  . THR A 1 106 ? 3.640   -9.119  -14.032 1.00 1.37  ? 106 THR A CA  1 
ATOM   895  C C   . THR A 1 106 ? 4.221   -9.791  -12.834 1.00 12.96 ? 106 THR A C   1 
ATOM   896  O O   . THR A 1 106 ? 3.745   -10.788 -12.286 1.00 7.99  ? 106 THR A O   1 
ATOM   897  C CB  . THR A 1 106 ? 3.278   -10.134 -15.090 1.00 9.29  ? 106 THR A CB  1 
ATOM   898  O OG1 . THR A 1 106 ? 4.496   -10.673 -15.644 1.00 5.62  ? 106 THR A OG1 1 
ATOM   899  C CG2 . THR A 1 106 ? 2.508   -9.482  -16.213 1.00 12.31 ? 106 THR A CG2 1 
ATOM   900  N N   . ASP A 1 107 ? 5.321   -9.209  -12.309 1.00 3.02  ? 107 ASP A N   1 
ATOM   901  C CA  . ASP A 1 107 ? 5.858   -9.833  -11.105 1.00 4.54  ? 107 ASP A CA  1 
ATOM   902  C C   . ASP A 1 107 ? 6.331   -8.815  -10.100 1.00 9.43  ? 107 ASP A C   1 
ATOM   903  O O   . ASP A 1 107 ? 6.150   -7.661  -10.366 1.00 12.60 ? 107 ASP A O   1 
ATOM   904  C CB  . ASP A 1 107 ? 6.814   -10.928 -11.362 1.00 12.46 ? 107 ASP A CB  1 
ATOM   905  C CG  . ASP A 1 107 ? 7.806   -10.796 -12.468 1.00 37.37 ? 107 ASP A CG  1 
ATOM   906  O OD1 . ASP A 1 107 ? 8.844   -10.168 -12.244 1.00 17.64 ? 107 ASP A OD1 1 
ATOM   907  O OD2 . ASP A 1 107 ? 7.623   -11.394 -13.545 1.00 85.46 ? 107 ASP A OD2 1 
ATOM   908  N N   . ASP A 1 108 ? 6.857   -9.188  -8.915  1.00 -1.51 ? 108 ASP A N   1 
ATOM   909  C CA  . ASP A 1 108 ? 7.258   -8.035  -8.026  1.00 12.31 ? 108 ASP A CA  1 
ATOM   910  C C   . ASP A 1 108 ? 8.549   -7.502  -8.710  1.00 16.06 ? 108 ASP A C   1 
ATOM   911  O O   . ASP A 1 108 ? 9.151   -8.360  -9.346  1.00 8.86  ? 108 ASP A O   1 
ATOM   912  C CB  . ASP A 1 108 ? 7.688   -8.600  -6.686  1.00 11.30 ? 108 ASP A CB  1 
ATOM   913  C CG  . ASP A 1 108 ? 6.526   -9.187  -5.889  1.00 14.47 ? 108 ASP A CG  1 
ATOM   914  O OD1 . ASP A 1 108 ? 5.347   -8.971  -6.169  1.00 7.78  ? 108 ASP A OD1 1 
ATOM   915  O OD2 . ASP A 1 108 ? 6.754   -9.957  -4.968  1.00 20.23 ? 108 ASP A OD2 1 
ATOM   916  N N   . CYS A 1 109 ? 8.808   -6.250  -8.584  1.00 5.90  ? 109 CYS A N   1 
ATOM   917  C CA  . CYS A 1 109 ? 9.994   -5.581  -9.136  1.00 4.46  ? 109 CYS A CA  1 
ATOM   918  C C   . CYS A 1 109 ? 10.681  -4.854  -7.974  1.00 8.35  ? 109 CYS A C   1 
ATOM   919  O O   . CYS A 1 109 ? 10.264  -3.746  -7.713  1.00 15.77 ? 109 CYS A O   1 
ATOM   920  C CB  . CYS A 1 109 ? 9.644   -4.583  -10.253 1.00 5.98  ? 109 CYS A CB  1 
ATOM   921  S SG  . CYS A 1 109 ? 11.050  -3.891  -11.064 1.00 11.09 ? 109 CYS A SG  1 
ATOM   922  N N   . PRO A 1 110 ? 11.709  -5.487  -7.374  1.00 8.06  ? 110 PRO A N   1 
ATOM   923  C CA  . PRO A 1 110 ? 12.408  -4.815  -6.236  1.00 7.63  ? 110 PRO A CA  1 
ATOM   924  C C   . PRO A 1 110 ? 13.153  -3.606  -6.748  1.00 58.61 ? 110 PRO A C   1 
ATOM   925  O O   . PRO A 1 110 ? 13.638  -2.743  -6.027  1.00 10.66 ? 110 PRO A O   1 
ATOM   926  C CB  . PRO A 1 110 ? 13.316  -5.896  -5.762  1.00 23.83 ? 110 PRO A CB  1 
ATOM   927  C CG  . PRO A 1 110 ? 13.503  -6.940  -6.863  1.00 6.98  ? 110 PRO A CG  1 
ATOM   928  C CD  . PRO A 1 110 ? 12.230  -6.788  -7.711  1.00 4.32  ? 110 PRO A CD  1 
ATOM   929  N N   . SER A 1 111 ? 13.327  -3.436  -8.064  1.00 17.93 ? 111 SER A N   1 
ATOM   930  C CA  . SER A 1 111 ? 14.045  -2.207  -8.497  1.00 8.28  ? 111 SER A CA  1 
ATOM   931  C C   . SER A 1 111 ? 13.801  -1.850  -9.920  1.00 11.59 ? 111 SER A C   1 
ATOM   932  O O   . SER A 1 111 ? 14.268  -2.518  -10.844 1.00 10.51 ? 111 SER A O   1 
ATOM   933  C CB  . SER A 1 111 ? 15.538  -2.343  -8.182  1.00 4.97  ? 111 SER A CB  1 
ATOM   934  O OG  . SER A 1 111 ? 16.194  -1.232  -8.853  1.00 11.30 ? 111 SER A OG  1 
ATOM   935  N N   . LEU A 1 112 ? 13.034  -0.768  -10.196 1.00 5.90  ? 112 LEU A N   1 
ATOM   936  C CA  . LEU A 1 112 ? 12.817  -0.372  -11.649 1.00 3.82  ? 112 LEU A CA  1 
ATOM   937  C C   . LEU A 1 112 ? 14.077  0.195   -12.221 1.00 2.23  ? 112 LEU A C   1 
ATOM   938  O O   . LEU A 1 112 ? 14.437  0.158   -13.403 1.00 16.42 ? 112 LEU A O   1 
ATOM   939  C CB  . LEU A 1 112 ? 11.702  0.730   -11.632 1.00 8.57  ? 112 LEU A CB  1 
ATOM   940  C CG  . LEU A 1 112 ? 10.319  0.122   -11.627 1.00 -1.08 ? 112 LEU A CG  1 
ATOM   941  C CD1 . LEU A 1 112 ? 9.843   -0.321  -10.254 1.00 0.65  ? 112 LEU A CD1 1 
ATOM   942  C CD2 . LEU A 1 112 ? 9.204   1.045   -12.160 1.00 7.13  ? 112 LEU A CD2 1 
ATOM   943  N N   . GLN A 1 113 ? 14.901  0.763   -11.361 1.00 8.50  ? 113 GLN A N   1 
ATOM   944  C CA  . GLN A 1 113 ? 16.209  1.312   -11.739 1.00 1.66  ? 113 GLN A CA  1 
ATOM   945  C C   . GLN A 1 113 ? 17.028  0.173   -12.398 1.00 11.02 ? 113 GLN A C   1 
ATOM   946  O O   . GLN A 1 113 ? 17.471  0.344   -13.517 1.00 7.20  ? 113 GLN A O   1 
ATOM   947  C CB  . GLN A 1 113 ? 16.941  1.693   -10.423 1.00 5.54  ? 113 GLN A CB  1 
ATOM   948  C CG  . GLN A 1 113 ? 18.397  1.983   -10.588 1.00 86.11 ? 113 GLN A CG  1 
ATOM   949  C CD  . GLN A 1 113 ? 18.738  3.388   -10.075 1.00 83.16 ? 113 GLN A CD  1 
ATOM   950  O OE1 . GLN A 1 113 ? 19.623  4.097   -10.750 1.00 31.68 ? 113 GLN A OE1 1 
ATOM   951  N NE2 . GLN A 1 113 ? 18.160  3.880   -8.990  1.00 35.86 ? 113 GLN A NE2 1 
ATOM   952  N N   . ASP A 1 114 ? 17.212  -0.903  -11.670 1.00 2.88  ? 114 ASP A N   1 
ATOM   953  C CA  . ASP A 1 114 ? 17.976  -2.042  -12.179 1.00 11.81 ? 114 ASP A CA  1 
ATOM   954  C C   . ASP A 1 114 ? 17.267  -2.644  -13.388 1.00 10.87 ? 114 ASP A C   1 
ATOM   955  O O   . ASP A 1 114 ? 17.882  -3.109  -14.329 1.00 1.87  ? 114 ASP A O   1 
ATOM   956  C CB  . ASP A 1 114 ? 17.997  -3.176  -11.115 1.00 14.11 ? 114 ASP A CB  1 
ATOM   957  C CG  . ASP A 1 114 ? 18.970  -3.125  -10.008 1.00 31.10 ? 114 ASP A CG  1 
ATOM   958  O OD1 . ASP A 1 114 ? 19.987  -2.421  -10.018 1.00 8.93  ? 114 ASP A OD1 1 
ATOM   959  O OD2 . ASP A 1 114 ? 18.787  -3.835  -8.994  1.00 20.45 ? 114 ASP A OD2 1 
ATOM   960  N N   . ARG A 1 115 ? 15.943  -2.733  -13.426 1.00 6.98  ? 115 ARG A N   1 
ATOM   961  C CA  . ARG A 1 115 ? 15.402  -3.502  -14.620 1.00 2.74  ? 115 ARG A CA  1 
ATOM   962  C C   . ARG A 1 115 ? 15.124  -2.653  -15.805 1.00 2.95  ? 115 ARG A C   1 
ATOM   963  O O   . ARG A 1 115 ? 15.214  -3.173  -16.925 1.00 8.35  ? 115 ARG A O   1 
ATOM   964  C CB  . ARG A 1 115 ? 13.993  -4.009  -14.049 1.00 1.94  ? 115 ARG A CB  1 
ATOM   965  C CG  . ARG A 1 115 ? 13.373  -5.062  -14.990 1.00 15.84 ? 115 ARG A CG  1 
ATOM   966  C CD  . ARG A 1 115 ? 12.890  -6.256  -14.122 1.00 62.06 ? 115 ARG A CD  1 
ATOM   967  N NE  . ARG A 1 115 ? 11.495  -6.257  -13.837 1.00 36.94 ? 115 ARG A NE  1 
ATOM   968  C CZ  . ARG A 1 115 ? 10.756  -7.119  -13.126 1.00 18.50 ? 115 ARG A CZ  1 
ATOM   969  N NH1 . ARG A 1 115 ? 11.211  -7.853  -12.094 1.00 15.19 ? 115 ARG A NH1 1 
ATOM   970  N NH2 . ARG A 1 115 ? 9.458   -7.245  -13.430 1.00 23.11 ? 115 ARG A NH2 1 
ATOM   971  N N   . PHE A 1 116 ? 14.724  -1.421  -15.630 1.00 18.50 ? 116 PHE A N   1 
ATOM   972  C CA  . PHE A 1 116 ? 14.315  -0.526  -16.725 1.00 6.70  ? 116 PHE A CA  1 
ATOM   973  C C   . PHE A 1 116 ? 15.165  0.730   -16.802 1.00 10.08 ? 116 PHE A C   1 
ATOM   974  O O   . PHE A 1 116 ? 14.981  1.611   -17.646 1.00 12.74 ? 116 PHE A O   1 
ATOM   975  C CB  . PHE A 1 116 ? 12.849  -0.128  -16.451 1.00 5.33  ? 116 PHE A CB  1 
ATOM   976  C CG  . PHE A 1 116 ? 11.890  -1.319  -16.406 1.00 4.46  ? 116 PHE A CG  1 
ATOM   977  C CD1 . PHE A 1 116 ? 11.630  -1.995  -17.612 1.00 44.78 ? 116 PHE A CD1 1 
ATOM   978  C CD2 . PHE A 1 116 ? 11.178  -1.738  -15.295 1.00 5.98  ? 116 PHE A CD2 1 
ATOM   979  C CE1 . PHE A 1 116 ? 10.769  -3.054  -17.722 1.00 11.95 ? 116 PHE A CE1 1 
ATOM   980  C CE2 . PHE A 1 116 ? 10.280  -2.799  -15.383 1.00 8.86  ? 116 PHE A CE2 1 
ATOM   981  C CZ  . PHE A 1 116 ? 10.037  -3.499  -16.596 1.00 1.37  ? 116 PHE A CZ  1 
ATOM   982  N N   . HIS A 1 117 ? 16.210  0.872   -15.982 1.00 6.12  ? 117 HIS A N   1 
ATOM   983  C CA  . HIS A 1 117 ? 17.022  2.105   -16.005 1.00 9.72  ? 117 HIS A CA  1 
ATOM   984  C C   . HIS A 1 117 ? 16.152  3.339   -15.854 1.00 5.33  ? 117 HIS A C   1 
ATOM   985  O O   . HIS A 1 117 ? 16.404  4.362   -16.474 1.00 13.68 ? 117 HIS A O   1 
ATOM   986  C CB  . HIS A 1 117 ? 17.903  2.190   -17.262 1.00 4.03  ? 117 HIS A CB  1 
ATOM   987  C CG  . HIS A 1 117 ? 18.703  0.842   -17.326 1.00 20.02 ? 117 HIS A CG  1 
ATOM   988  N ND1 . HIS A 1 117 ? 19.863  0.584   -16.606 1.00 31.18 ? 117 HIS A ND1 1 
ATOM   989  C CD2 . HIS A 1 117 ? 18.359  -0.292  -18.027 1.00 27.50 ? 117 HIS A CD2 1 
ATOM   990  C CE1 . HIS A 1 117 ? 20.249  -0.727  -16.876 1.00 13.97 ? 117 HIS A CE1 1 
ATOM   991  N NE2 . HIS A 1 117 ? 19.330  -1.258  -17.765 1.00 55.51 ? 117 HIS A NE2 1 
ATOM   992  N N   . LEU A 1 118 ? 15.122  3.250   -15.008 1.00 -0.14 ? 118 LEU A N   1 
ATOM   993  C CA  . LEU A 1 118 ? 14.118  4.162   -14.607 1.00 8.14  ? 118 LEU A CA  1 
ATOM   994  C C   . LEU A 1 118 ? 14.147  4.542   -13.124 1.00 24.98 ? 118 LEU A C   1 
ATOM   995  O O   . LEU A 1 118 ? 14.239  3.650   -12.281 1.00 11.38 ? 118 LEU A O   1 
ATOM   996  C CB  . LEU A 1 118 ? 12.694  3.521   -14.820 1.00 17.21 ? 118 LEU A CB  1 
ATOM   997  C CG  . LEU A 1 118 ? 12.349  3.629   -16.255 1.00 13.39 ? 118 LEU A CG  1 
ATOM   998  C CD1 . LEU A 1 118 ? 11.239  2.703   -16.729 1.00 35.35 ? 118 LEU A CD1 1 
ATOM   999  C CD2 . LEU A 1 118 ? 12.105  5.042   -16.763 1.00 19.58 ? 118 LEU A CD2 1 
ATOM   1000 N N   . THR A 1 119 ? 14.074  5.834   -12.903 1.00 10.15 ? 119 THR A N   1 
ATOM   1001 C CA  . THR A 1 119 ? 13.961  6.513   -11.635 1.00 14.11 ? 119 THR A CA  1 
ATOM   1002 C C   . THR A 1 119 ? 12.577  6.997   -11.323 1.00 3.46  ? 119 THR A C   1 
ATOM   1003 O O   . THR A 1 119 ? 12.206  7.127   -10.104 1.00 9.00  ? 119 THR A O   1 
ATOM   1004 C CB  . THR A 1 119 ? 14.995  7.569   -11.389 1.00 17.35 ? 119 THR A CB  1 
ATOM   1005 O OG1 . THR A 1 119 ? 15.166  8.471   -12.425 1.00 14.26 ? 119 THR A OG1 1 
ATOM   1006 C CG2 . THR A 1 119 ? 16.328  6.936   -11.035 1.00 42.05 ? 119 THR A CG2 1 
ATOM   1007 N N   . GLU A 1 120 ? 11.768  7.245   -12.313 1.00 13.75 ? 120 GLU A N   1 
ATOM   1008 C CA  . GLU A 1 120 ? 10.393  7.749   -12.184 1.00 16.06 ? 120 GLU A CA  1 
ATOM   1009 C C   . GLU A 1 120 ? 9.440   7.059   -13.195 1.00 27.36 ? 120 GLU A C   1 
ATOM   1010 O O   . GLU A 1 120 ? 9.904   6.546   -14.206 1.00 8.21  ? 120 GLU A O   1 
ATOM   1011 C CB  . GLU A 1 120 ? 10.453  9.234   -12.587 1.00 15.77 ? 120 GLU A CB  1 
ATOM   1012 C CG  . GLU A 1 120 ? 11.280  10.066  -11.617 1.00 0.79  ? 120 GLU A CG  1 
ATOM   1013 C CD  . GLU A 1 120 ? 11.389  11.488  -12.140 1.00 22.68 ? 120 GLU A CD  1 
ATOM   1014 O OE1 . GLU A 1 120 ? 10.710  11.859  -13.116 1.00 5.47  ? 120 GLU A OE1 1 
ATOM   1015 O OE2 . GLU A 1 120 ? 12.155  12.312  -11.612 1.00 10.08 ? 120 GLU A OE2 1 
ATOM   1016 N N   . VAL A 1 121 ? 8.161   7.108   -12.921 1.00 6.91  ? 121 VAL A N   1 
ATOM   1017 C CA  . VAL A 1 121 ? 7.044   6.586   -13.747 1.00 0.36  ? 121 VAL A CA  1 
ATOM   1018 C C   . VAL A 1 121 ? 5.943   7.630   -13.778 1.00 5.98  ? 121 VAL A C   1 
ATOM   1019 O O   . VAL A 1 121 ? 5.549   8.110   -12.689 1.00 11.95 ? 121 VAL A O   1 
ATOM   1020 C CB  . VAL A 1 121 ? 6.545   5.272   -13.121 1.00 6.62  ? 121 VAL A CB  1 
ATOM   1021 C CG1 . VAL A 1 121 ? 5.180   4.903   -13.757 1.00 14.04 ? 121 VAL A CG1 1 
ATOM   1022 C CG2 . VAL A 1 121 ? 7.512   4.145   -13.416 1.00 8.35  ? 121 VAL A CG2 1 
ATOM   1023 N N   . HIS A 1 122 ? 5.595   8.118   -14.953 1.00 11.02 ? 122 HIS A N   1 
ATOM   1024 C CA  . HIS A 1 122 ? 4.675   9.203   -15.137 1.00 13.25 ? 122 HIS A CA  1 
ATOM   1025 C C   . HIS A 1 122 ? 3.229   8.910   -15.270 1.00 24.05 ? 122 HIS A C   1 
ATOM   1026 O O   . HIS A 1 122 ? 2.408   9.832   -15.144 1.00 5.98  ? 122 HIS A O   1 
ATOM   1027 C CB  . HIS A 1 122 ? 5.164   10.303  -16.016 1.00 5.11  ? 122 HIS A CB  1 
ATOM   1028 C CG  . HIS A 1 122 ? 6.309   11.047  -15.330 1.00 7.63  ? 122 HIS A CG  1 
ATOM   1029 N ND1 . HIS A 1 122 ? 7.620   10.616  -15.227 1.00 16.34 ? 122 HIS A ND1 1 
ATOM   1030 C CD2 . HIS A 1 122 ? 6.195   12.318  -14.786 1.00 5.18  ? 122 HIS A CD2 1 
ATOM   1031 C CE1 . HIS A 1 122 ? 8.318   11.582  -14.542 1.00 13.61 ? 122 HIS A CE1 1 
ATOM   1032 N NE2 . HIS A 1 122 ? 7.452   12.637  -14.278 1.00 78.70 ? 122 HIS A NE2 1 
ATOM   1033 N N   . SER A 1 123 ? 2.887   7.674   -15.560 1.00 23.33 ? 123 SER A N   1 
ATOM   1034 C CA  . SER A 1 123 ? 1.538   7.148   -15.676 1.00 11.30 ? 123 SER A CA  1 
ATOM   1035 C C   . SER A 1 123 ? 1.591   5.627   -15.576 1.00 1.44  ? 123 SER A C   1 
ATOM   1036 O O   . SER A 1 123 ? 2.598   5.052   -15.963 1.00 10.30 ? 123 SER A O   1 
ATOM   1037 C CB  . SER A 1 123 ? 0.761   7.600   -16.831 1.00 3.74  ? 123 SER A CB  1 
ATOM   1038 O OG  . SER A 1 123 ? 1.344   7.369   -18.126 1.00 3.38  ? 123 SER A OG  1 
ATOM   1039 N N   . LEU A 1 124 ? 0.490   5.000   -15.176 1.00 7.06  ? 124 LEU A N   1 
ATOM   1040 C CA  . LEU A 1 124 ? 0.496   3.530   -15.170 1.00 2.16  ? 124 LEU A CA  1 
ATOM   1041 C C   . LEU A 1 124 ? -0.826  2.933   -15.353 1.00 19.37 ? 124 LEU A C   1 
ATOM   1042 O O   . LEU A 1 124 ? -1.886  3.486   -14.961 1.00 11.66 ? 124 LEU A O   1 
ATOM   1043 C CB  . LEU A 1 124 ? 1.313   2.900   -14.053 1.00 7.34  ? 124 LEU A CB  1 
ATOM   1044 C CG  . LEU A 1 124 ? 0.898   3.441   -12.686 1.00 34.20 ? 124 LEU A CG  1 
ATOM   1045 C CD1 . LEU A 1 124 ? -0.434  2.814   -12.270 1.00 11.52 ? 124 LEU A CD1 1 
ATOM   1046 C CD2 . LEU A 1 124 ? 1.960   3.219   -11.617 1.00 8.28  ? 124 LEU A CD2 1 
ATOM   1047 N N   . ASN A 1 125 ? -0.870  1.750   -16.002 1.00 1.22  ? 125 ASN A N   1 
ATOM   1048 C CA  . ASN A 1 125 ? -2.355  1.271   -16.020 1.00 11.52 ? 125 ASN A CA  1 
ATOM   1049 C C   . ASN A 1 125 ? -2.408  -0.010  -15.226 1.00 22.10 ? 125 ASN A C   1 
ATOM   1050 O O   . ASN A 1 125 ? -1.620  -0.920  -15.493 1.00 3.53  ? 125 ASN A O   1 
ATOM   1051 C CB  . ASN A 1 125 ? -2.567  0.941   -17.530 1.00 13.03 ? 125 ASN A CB  1 
ATOM   1052 C CG  . ASN A 1 125 ? -4.070  0.695   -17.740 1.00 2.66  ? 125 ASN A CG  1 
ATOM   1053 O OD1 . ASN A 1 125 ? -4.558  0.589   -18.989 1.00 10.66 ? 125 ASN A OD1 1 
ATOM   1054 N ND2 . ASN A 1 125 ? -4.819  0.568   -16.675 1.00 6.41  ? 125 ASN A ND2 1 
ATOM   1055 N N   . VAL A 1 126 ? -3.238  -0.235  -14.174 1.00 0.50  ? 126 VAL A N   1 
ATOM   1056 C CA  . VAL A 1 126 ? -3.141  -1.670  -13.613 1.00 24.98 ? 126 VAL A CA  1 
ATOM   1057 C C   . VAL A 1 126 ? -4.252  -2.487  -14.296 1.00 3.46  ? 126 VAL A C   1 
ATOM   1058 O O   . VAL A 1 126 ? -5.408  -2.018  -14.263 1.00 7.63  ? 126 VAL A O   1 
ATOM   1059 C CB  . VAL A 1 126 ? -3.516  -1.513  -12.125 1.00 4.39  ? 126 VAL A CB  1 
ATOM   1060 C CG1 . VAL A 1 126 ? -3.716  -2.842  -11.450 1.00 13.03 ? 126 VAL A CG1 1 
ATOM   1061 C CG2 . VAL A 1 126 ? -2.509  -0.582  -11.363 1.00 7.34  ? 126 VAL A CG2 1 
ATOM   1062 N N   . LEU A 1 127 ? -3.990  -3.669  -14.833 1.00 2.74  ? 127 LEU A N   1 
ATOM   1063 C CA  . LEU A 1 127 ? -5.119  -4.407  -15.550 1.00 2.59  ? 127 LEU A CA  1 
ATOM   1064 C C   . LEU A 1 127 ? -5.720  -5.475  -14.656 1.00 6.62  ? 127 LEU A C   1 
ATOM   1065 O O   . LEU A 1 127 ? -6.947  -5.741  -14.748 1.00 9.86  ? 127 LEU A O   1 
ATOM   1066 C CB  . LEU A 1 127 ? -4.431  -5.163  -16.733 1.00 1.22  ? 127 LEU A CB  1 
ATOM   1067 C CG  . LEU A 1 127 ? -4.063  -4.187  -17.830 1.00 12.53 ? 127 LEU A CG  1 
ATOM   1068 C CD1 . LEU A 1 127 ? -3.633  -5.001  -19.062 1.00 12.67 ? 127 LEU A CD1 1 
ATOM   1069 C CD2 . LEU A 1 127 ? -5.163  -3.221  -18.210 1.00 14.62 ? 127 LEU A CD2 1 
ATOM   1070 N N   . GLU A 1 128 ? -4.926  -6.109  -13.808 1.00 15.48 ? 128 GLU A N   1 
ATOM   1071 C CA  . GLU A 1 128 ? -5.448  -7.181  -12.930 1.00 -1.73 ? 128 GLU A CA  1 
ATOM   1072 C C   . GLU A 1 128 ? -4.631  -7.235  -11.640 1.00 10.94 ? 128 GLU A C   1 
ATOM   1073 O O   . GLU A 1 128 ? -3.395  -7.131  -11.713 1.00 3.67  ? 128 GLU A O   1 
ATOM   1074 C CB  . GLU A 1 128 ? -5.258  -8.545  -13.630 1.00 11.45 ? 128 GLU A CB  1 
ATOM   1075 C CG  . GLU A 1 128 ? -6.008  -8.701  -14.901 1.00 13.39 ? 128 GLU A CG  1 
ATOM   1076 C CD  . GLU A 1 128 ? -5.380  -9.666  -15.880 1.00 86.04 ? 128 GLU A CD  1 
ATOM   1077 O OE1 . GLU A 1 128 ? -4.483  -9.291  -16.660 1.00 30.02 ? 128 GLU A OE1 1 
ATOM   1078 O OE2 . GLU A 1 128 ? -5.759  -10.853 -15.921 1.00 34.85 ? 128 GLU A OE2 1 
ATOM   1079 N N   . GLY A 1 129 ? -5.351  -7.439  -10.587 1.00 4.39  ? 129 GLY A N   1 
ATOM   1080 C CA  . GLY A 1 129 ? -4.854  -7.526  -9.199  1.00 6.34  ? 129 GLY A CA  1 
ATOM   1081 C C   . GLY A 1 129 ? -4.438  -6.183  -8.665  1.00 7.13  ? 129 GLY A C   1 
ATOM   1082 O O   . GLY A 1 129 ? -4.264  -5.240  -9.457  1.00 2.45  ? 129 GLY A O   1 
ATOM   1083 N N   . SER A 1 130 ? -4.337  -6.070  -7.364  1.00 0.29  ? 130 SER A N   1 
ATOM   1084 C CA  . SER A 1 130 ? -3.948  -4.818  -6.728  1.00 7.20  ? 130 SER A CA  1 
ATOM   1085 C C   . SER A 1 130 ? -2.421  -4.839  -6.521  1.00 30.82 ? 130 SER A C   1 
ATOM   1086 O O   . SER A 1 130 ? -1.886  -5.925  -6.362  1.00 9.94  ? 130 SER A O   1 
ATOM   1087 C CB  . SER A 1 130 ? -4.562  -4.713  -5.344  1.00 2.95  ? 130 SER A CB  1 
ATOM   1088 O OG  . SER A 1 130 ? -5.925  -4.394  -5.418  1.00 5.54  ? 130 SER A OG  1 
ATOM   1089 N N   . TRP A 1 131 ? -1.823  -3.674  -6.489  1.00 3.10  ? 131 TRP A N   1 
ATOM   1090 C CA  . TRP A 1 131 ? -0.310  -3.752  -6.265  1.00 1.80  ? 131 TRP A CA  1 
ATOM   1091 C C   . TRP A 1 131 ? -0.001  -2.704  -5.229  1.00 7.63  ? 131 TRP A C   1 
ATOM   1092 O O   . TRP A 1 131 ? -0.817  -1.823  -4.813  1.00 5.76  ? 131 TRP A O   1 
ATOM   1093 C CB  . TRP A 1 131 ? 0.406   -3.441  -7.544  1.00 0.07  ? 131 TRP A CB  1 
ATOM   1094 C CG  . TRP A 1 131 ? 0.123   -4.334  -8.768  1.00 10.73 ? 131 TRP A CG  1 
ATOM   1095 C CD1 . TRP A 1 131 ? -1.035  -4.627  -9.369  1.00 2.95  ? 131 TRP A CD1 1 
ATOM   1096 C CD2 . TRP A 1 131 ? 1.149   -5.032  -9.459  1.00 11.02 ? 131 TRP A CD2 1 
ATOM   1097 N NE1 . TRP A 1 131 ? -0.734  -5.508  -10.495 1.00 2.59  ? 131 TRP A NE1 1 
ATOM   1098 C CE2 . TRP A 1 131 ? 0.563   -5.738  -10.489 1.00 4.90  ? 131 TRP A CE2 1 
ATOM   1099 C CE3 . TRP A 1 131 ? 2.565   -5.088  -9.242  1.00 7.27  ? 131 TRP A CE3 1 
ATOM   1100 C CZ2 . TRP A 1 131 ? 1.282   -6.525  -11.362 1.00 4.18  ? 131 TRP A CZ2 1 
ATOM   1101 C CZ3 . TRP A 1 131 ? 3.276   -5.889  -10.130 1.00 21.24 ? 131 TRP A CZ3 1 
ATOM   1102 C CH2 . TRP A 1 131 ? 2.667   -6.586  -11.137 1.00 1.94  ? 131 TRP A CH2 1 
ATOM   1103 N N   . VAL A 1 132 ? 1.222   -2.749  -4.816  1.00 11.30 ? 132 VAL A N   1 
ATOM   1104 C CA  . VAL A 1 132 ? 1.728   -1.755  -3.915  1.00 4.54  ? 132 VAL A CA  1 
ATOM   1105 C C   . VAL A 1 132 ? 2.895   -1.008  -4.555  1.00 20.95 ? 132 VAL A C   1 
ATOM   1106 O O   . VAL A 1 132 ? 3.913   -1.604  -4.949  1.00 3.60  ? 132 VAL A O   1 
ATOM   1107 C CB  . VAL A 1 132 ? 1.936   -2.184  -2.515  1.00 8.71  ? 132 VAL A CB  1 
ATOM   1108 C CG1 . VAL A 1 132 ? 2.497   -1.003  -1.689  1.00 5.76  ? 132 VAL A CG1 1 
ATOM   1109 C CG2 . VAL A 1 132 ? 0.570   -2.551  -1.792  1.00 11.45 ? 132 VAL A CG2 1 
ATOM   1110 N N   . LEU A 1 133 ? 2.790   0.272   -4.737  1.00 3.67  ? 133 LEU A N   1 
ATOM   1111 C CA  . LEU A 1 133 ? 3.897   1.092   -5.369  1.00 4.46  ? 133 LEU A CA  1 
ATOM   1112 C C   . LEU A 1 133 ? 4.683   1.744   -4.210  1.00 9.86  ? 133 LEU A C   1 
ATOM   1113 O O   . LEU A 1 133 ? 4.093   2.310   -3.322  1.00 4.32  ? 133 LEU A O   1 
ATOM   1114 C CB  . LEU A 1 133 ? 3.379   2.089   -6.308  1.00 4.68  ? 133 LEU A CB  1 
ATOM   1115 C CG  . LEU A 1 133 ? 4.306   3.099   -6.930  1.00 6.05  ? 133 LEU A CG  1 
ATOM   1116 C CD1 . LEU A 1 133 ? 3.706   3.684   -8.213  1.00 0.65  ? 133 LEU A CD1 1 
ATOM   1117 C CD2 . LEU A 1 133 ? 4.603   4.291   -6.028  1.00 12.02 ? 133 LEU A CD2 1 
ATOM   1118 N N   . TYR A 1 134 ? 5.967   1.663   -4.294  1.00 5.90  ? 134 TYR A N   1 
ATOM   1119 C CA  . TYR A 1 134 ? 6.939   2.220   -3.365  1.00 8.64  ? 134 TYR A CA  1 
ATOM   1120 C C   . TYR A 1 134 ? 7.861   3.169   -4.148  1.00 1.66  ? 134 TYR A C   1 
ATOM   1121 O O   . TYR A 1 134 ? 8.394   2.938   -5.224  1.00 3.02  ? 134 TYR A O   1 
ATOM   1122 C CB  . TYR A 1 134 ? 7.850   1.175   -2.727  1.00 9.00  ? 134 TYR A CB  1 
ATOM   1123 C CG  . TYR A 1 134 ? 7.089   0.053   -2.053  1.00 2.81  ? 134 TYR A CG  1 
ATOM   1124 C CD1 . TYR A 1 134 ? 6.489   -0.917  -2.788  1.00 1.37  ? 134 TYR A CD1 1 
ATOM   1125 C CD2 . TYR A 1 134 ? 7.033   0.009   -0.630  1.00 9.14  ? 134 TYR A CD2 1 
ATOM   1126 C CE1 . TYR A 1 134 ? 5.818   -1.958  -2.107  1.00 2.95  ? 134 TYR A CE1 1 
ATOM   1127 C CE2 . TYR A 1 134 ? 6.361   -1.044  0.046   1.00 7.27  ? 134 TYR A CE2 1 
ATOM   1128 C CZ  . TYR A 1 134 ? 5.728   -1.996  -0.732  1.00 -0.58 ? 134 TYR A CZ  1 
ATOM   1129 O OH  . TYR A 1 134 ? 5.082   -3.075  -0.173  1.00 0.58  ? 134 TYR A OH  1 
ATOM   1130 N N   . GLU A 1 135 ? 8.025   4.307   -3.502  1.00 8.14  ? 135 GLU A N   1 
ATOM   1131 C CA  . GLU A 1 135 ? 8.778   5.427   -3.875  1.00 3.17  ? 135 GLU A CA  1 
ATOM   1132 C C   . GLU A 1 135 ? 10.258  5.095   -4.123  1.00 13.03 ? 135 GLU A C   1 
ATOM   1133 O O   . GLU A 1 135 ? 10.824  5.665   -5.044  1.00 3.60  ? 135 GLU A O   1 
ATOM   1134 C CB  . GLU A 1 135 ? 8.761   6.426   -2.685  1.00 1.37  ? 135 GLU A CB  1 
ATOM   1135 C CG  . GLU A 1 135 ? 9.689   7.593   -3.061  1.00 10.30 ? 135 GLU A CG  1 
ATOM   1136 C CD  . GLU A 1 135 ? 9.690   8.625   -1.953  1.00 30.17 ? 135 GLU A CD  1 
ATOM   1137 O OE1 . GLU A 1 135 ? 9.336   8.360   -0.809  1.00 8.50  ? 135 GLU A OE1 1 
ATOM   1138 O OE2 . GLU A 1 135 ? 10.109  9.763   -2.190  1.00 11.81 ? 135 GLU A OE2 1 
ATOM   1139 N N   . MET A 1 136 ? 10.842  4.239   -3.315  1.00 8.42  ? 136 MET A N   1 
ATOM   1140 C CA  . MET A 1 136 ? 12.261  3.872   -3.504  1.00 27.43 ? 136 MET A CA  1 
ATOM   1141 C C   . MET A 1 136 ? 12.456  2.385   -3.736  1.00 16.85 ? 136 MET A C   1 
ATOM   1142 O O   . MET A 1 136 ? 11.642  1.572   -3.386  1.00 8.86  ? 136 MET A O   1 
ATOM   1143 C CB  . MET A 1 136 ? 13.000  4.251   -2.232  1.00 10.73 ? 136 MET A CB  1 
ATOM   1144 C CG  . MET A 1 136 ? 12.970  5.725   -1.974  1.00 4.82  ? 136 MET A CG  1 
ATOM   1145 S SD  . MET A 1 136 ? 13.618  5.963   -0.268  1.00 9.07  ? 136 MET A SD  1 
ATOM   1146 C CE  . MET A 1 136 ? 13.148  7.714   0.194   1.00 6.05  ? 136 MET A CE  1 
ATOM   1147 N N   . PRO A 1 137 ? 13.613  1.978   -4.298  1.00 0.00  ? 137 PRO A N   1 
ATOM   1148 C CA  . PRO A 1 137 ? 13.869  0.549   -4.511  1.00 2.45  ? 137 PRO A CA  1 
ATOM   1149 C C   . PRO A 1 137 ? 13.800  -0.221  -3.217  1.00 0.72  ? 137 PRO A C   1 
ATOM   1150 O O   . PRO A 1 137 ? 13.993  0.333   -2.103  1.00 7.06  ? 137 PRO A O   1 
ATOM   1151 C CB  . PRO A 1 137 ? 15.318  0.606   -5.002  1.00 1.58  ? 137 PRO A CB  1 
ATOM   1152 C CG  . PRO A 1 137 ? 15.331  1.917   -5.857  1.00 4.82  ? 137 PRO A CG  1 
ATOM   1153 C CD  . PRO A 1 137 ? 14.543  2.866   -4.906  1.00 5.54  ? 137 PRO A CD  1 
ATOM   1154 N N   . SER A 1 138 ? 13.486  -1.492  -3.423  1.00 7.70  ? 138 SER A N   1 
ATOM   1155 C CA  . SER A 1 138 ? 13.386  -2.506  -2.415  1.00 5.47  ? 138 SER A CA  1 
ATOM   1156 C C   . SER A 1 138 ? 12.271  -2.236  -1.408  1.00 2.95  ? 138 SER A C   1 
ATOM   1157 O O   . SER A 1 138 ? 12.489  -2.387  -0.222  1.00 2.02  ? 138 SER A O   1 
ATOM   1158 C CB  . SER A 1 138 ? 14.697  -2.829  -1.782  1.00 8.64  ? 138 SER A CB  1 
ATOM   1159 O OG  . SER A 1 138 ? 15.616  -3.442  -2.756  1.00 1.44  ? 138 SER A OG  1 
ATOM   1160 N N   . TYR A 1 139 ? 11.130  -1.850  -1.869  1.00 8.35  ? 139 TYR A N   1 
ATOM   1161 C CA  . TYR A 1 139 ? 9.879   -1.568  -1.088  1.00 0.22  ? 139 TYR A CA  1 
ATOM   1162 C C   . TYR A 1 139 ? 10.204  -0.676  0.100   1.00 6.91  ? 139 TYR A C   1 
ATOM   1163 O O   . TYR A 1 139 ? 9.978   -0.971  1.271   1.00 5.98  ? 139 TYR A O   1 
ATOM   1164 C CB  . TYR A 1 139 ? 9.356   -2.955  -0.628  1.00 -1.80 ? 139 TYR A CB  1 
ATOM   1165 C CG  . TYR A 1 139 ? 9.454   -3.956  -1.810  1.00 2.02  ? 139 TYR A CG  1 
ATOM   1166 C CD1 . TYR A 1 139 ? 8.789   -3.732  -2.991  1.00 2.52  ? 139 TYR A CD1 1 
ATOM   1167 C CD2 . TYR A 1 139 ? 10.266  -5.106  -1.685  1.00 12.74 ? 139 TYR A CD2 1 
ATOM   1168 C CE1 . TYR A 1 139 ? 8.890   -4.609  -4.055  1.00 3.96  ? 139 TYR A CE1 1 
ATOM   1169 C CE2 . TYR A 1 139 ? 10.395  -5.996  -2.751  1.00 1.87  ? 139 TYR A CE2 1 
ATOM   1170 C CZ  . TYR A 1 139 ? 9.675   -5.762  -3.921  1.00 22.18 ? 139 TYR A CZ  1 
ATOM   1171 O OH  . TYR A 1 139 ? 9.803   -6.653  -4.947  1.00 14.11 ? 139 TYR A OH  1 
ATOM   1172 N N   . ARG A 1 140 ? 10.777  0.455   -0.152  1.00 7.63  ? 140 ARG A N   1 
ATOM   1173 C CA  . ARG A 1 140 ? 11.240  1.551   0.663   1.00 5.18  ? 140 ARG A CA  1 
ATOM   1174 C C   . ARG A 1 140 ? 10.499  2.835   0.292   1.00 6.84  ? 140 ARG A C   1 
ATOM   1175 O O   . ARG A 1 140 ? 9.850   2.774   -0.766  1.00 8.42  ? 140 ARG A O   1 
ATOM   1176 C CB  . ARG A 1 140 ? 12.736  1.733   0.563   1.00 3.82  ? 140 ARG A CB  1 
ATOM   1177 C CG  . ARG A 1 140 ? 13.373  0.721   1.569   1.00 3.17  ? 140 ARG A CG  1 
ATOM   1178 C CD  . ARG A 1 140 ? 14.837  0.529   1.137   1.00 2.45  ? 140 ARG A CD  1 
ATOM   1179 N NE  . ARG A 1 140 ? 15.578  1.777   1.179   1.00 3.60  ? 140 ARG A NE  1 
ATOM   1180 C CZ  . ARG A 1 140 ? 16.101  2.454   0.155   1.00 0.58  ? 140 ARG A CZ  1 
ATOM   1181 N NH1 . ARG A 1 140 ? 15.997  2.140   -1.096  1.00 -1.15 ? 140 ARG A NH1 1 
ATOM   1182 N NH2 . ARG A 1 140 ? 16.923  3.495   0.447   1.00 5.62  ? 140 ARG A NH2 1 
ATOM   1183 N N   . GLY A 1 141 ? 10.613  3.837   1.099   1.00 6.41  ? 141 GLY A N   1 
ATOM   1184 C CA  . GLY A 1 141 ? 10.069  5.124   1.298   1.00 -0.50 ? 141 GLY A CA  1 
ATOM   1185 C C   . GLY A 1 141 ? 8.531   5.135   1.261   1.00 3.17  ? 141 GLY A C   1 
ATOM   1186 O O   . GLY A 1 141 ? 7.941   4.143   1.672   1.00 10.58 ? 141 GLY A O   1 
ATOM   1187 N N   . ARG A 1 142 ? 7.874   6.166   0.767   1.00 3.17  ? 142 ARG A N   1 
ATOM   1188 C CA  . ARG A 1 142 ? 6.439   6.228   0.699   1.00 6.77  ? 142 ARG A CA  1 
ATOM   1189 C C   . ARG A 1 142 ? 5.739   5.152   -0.043  1.00 13.18 ? 142 ARG A C   1 
ATOM   1190 O O   . ARG A 1 142 ? 6.110   4.818   -1.194  1.00 3.89  ? 142 ARG A O   1 
ATOM   1191 C CB  . ARG A 1 142 ? 5.904   7.608   0.321   1.00 17.86 ? 142 ARG A CB  1 
ATOM   1192 C CG  . ARG A 1 142 ? 6.682   8.703   1.066   1.00 14.83 ? 142 ARG A CG  1 
ATOM   1193 C CD  . ARG A 1 142 ? 5.798   9.993   1.103   1.00 28.80 ? 142 ARG A CD  1 
ATOM   1194 N NE  . ARG A 1 142 ? 4.440   9.596   1.337   1.00 66.53 ? 142 ARG A NE  1 
ATOM   1195 C CZ  . ARG A 1 142 ? 3.391   10.192  1.844   1.00 71.28 ? 142 ARG A CZ  1 
ATOM   1196 N NH1 . ARG A 1 142 ? 3.352   11.345  2.523   1.00 4.25  ? 142 ARG A NH1 1 
ATOM   1197 N NH2 . ARG A 1 142 ? 2.202   9.565   1.668   1.00 14.90 ? 142 ARG A NH2 1 
ATOM   1198 N N   . GLN A 1 143 ? 4.667   4.595   0.518   1.00 8.42  ? 143 GLN A N   1 
ATOM   1199 C CA  . GLN A 1 143 ? 3.913   3.553   -0.093  1.00 -1.22 ? 143 GLN A CA  1 
ATOM   1200 C C   . GLN A 1 143 ? 2.588   4.016   -0.698  1.00 23.26 ? 143 GLN A C   1 
ATOM   1201 O O   . GLN A 1 143 ? 1.947   4.917   -0.162  1.00 2.45  ? 143 GLN A O   1 
ATOM   1202 C CB  . GLN A 1 143 ? 3.623   2.372   0.845   1.00 2.02  ? 143 GLN A CB  1 
ATOM   1203 C CG  . GLN A 1 143 ? 4.895   1.858   1.523   1.00 5.90  ? 143 GLN A CG  1 
ATOM   1204 C CD  . GLN A 1 143 ? 4.446   0.824   2.567   1.00 5.90  ? 143 GLN A CD  1 
ATOM   1205 O OE1 . GLN A 1 143 ? 4.905   0.919   3.816   1.00 16.27 ? 143 GLN A OE1 1 
ATOM   1206 N NE2 . GLN A 1 143 ? 3.488   -0.007  2.253   1.00 -0.07 ? 143 GLN A NE2 1 
ATOM   1207 N N   . TYR A 1 144 ? 2.221   3.409   -1.806  1.00 4.54  ? 144 TYR A N   1 
ATOM   1208 C CA  . TYR A 1 144 ? 0.973   3.712   -2.494  1.00 2.23  ? 144 TYR A CA  1 
ATOM   1209 C C   . TYR A 1 144 ? 0.298   2.461   -3.004  1.00 7.70  ? 144 TYR A C   1 
ATOM   1210 O O   . TYR A 1 144 ? 0.900   1.728   -3.804  1.00 13.10 ? 144 TYR A O   1 
ATOM   1211 C CB  . TYR A 1 144 ? 1.121   4.648   -3.706  1.00 1.87  ? 144 TYR A CB  1 
ATOM   1212 C CG  . TYR A 1 144 ? 1.817   5.910   -3.158  1.00 4.39  ? 144 TYR A CG  1 
ATOM   1213 C CD1 . TYR A 1 144 ? 1.036   6.808   -2.472  1.00 19.58 ? 144 TYR A CD1 1 
ATOM   1214 C CD2 . TYR A 1 144 ? 3.170   6.106   -3.336  1.00 19.44 ? 144 TYR A CD2 1 
ATOM   1215 C CE1 . TYR A 1 144 ? 1.617   7.949   -1.922  1.00 17.06 ? 144 TYR A CE1 1 
ATOM   1216 C CE2 . TYR A 1 144 ? 3.782   7.261   -2.806  1.00 13.46 ? 144 TYR A CE2 1 
ATOM   1217 C CZ  . TYR A 1 144 ? 2.973   8.169   -2.102  1.00 28.37 ? 144 TYR A CZ  1 
ATOM   1218 O OH  . TYR A 1 144 ? 3.500   9.289   -1.521  1.00 19.08 ? 144 TYR A OH  1 
ATOM   1219 N N   . LEU A 1 145 ? -0.924  2.309   -2.585  1.00 6.48  ? 145 LEU A N   1 
ATOM   1220 C CA  . LEU A 1 145 ? -1.795  1.195   -3.029  1.00 7.34  ? 145 LEU A CA  1 
ATOM   1221 C C   . LEU A 1 145 ? -2.335  1.537   -4.460  1.00 2.45  ? 145 LEU A C   1 
ATOM   1222 O O   . LEU A 1 145 ? -2.966  2.564   -4.708  1.00 4.90  ? 145 LEU A O   1 
ATOM   1223 C CB  . LEU A 1 145 ? -3.023  1.134   -2.110  1.00 5.98  ? 145 LEU A CB  1 
ATOM   1224 C CG  . LEU A 1 145 ? -4.038  0.130   -2.641  1.00 6.62  ? 145 LEU A CG  1 
ATOM   1225 C CD1 . LEU A 1 145 ? -3.369  -1.225  -2.746  1.00 3.53  ? 145 LEU A CD1 1 
ATOM   1226 C CD2 . LEU A 1 145 ? -5.198  0.015   -1.579  1.00 3.67  ? 145 LEU A CD2 1 
ATOM   1227 N N   . LEU A 1 146 ? -2.201  0.585   -5.337  1.00 17.93 ? 146 LEU A N   1 
ATOM   1228 C CA  . LEU A 1 146 ? -2.676  0.614   -6.716  1.00 5.90  ? 146 LEU A CA  1 
ATOM   1229 C C   . LEU A 1 146 ? -3.638  -0.589  -6.965  1.00 16.06 ? 146 LEU A C   1 
ATOM   1230 O O   . LEU A 1 146 ? -3.306  -1.800  -6.958  1.00 3.89  ? 146 LEU A O   1 
ATOM   1231 C CB  . LEU A 1 146 ? -1.473  0.448   -7.651  1.00 -0.14 ? 146 LEU A CB  1 
ATOM   1232 C CG  . LEU A 1 146 ? -0.414  1.511   -7.554  1.00 14.54 ? 146 LEU A CG  1 
ATOM   1233 C CD1 . LEU A 1 146 ? 0.782   1.056   -8.462  1.00 9.29  ? 146 LEU A CD1 1 
ATOM   1234 C CD2 . LEU A 1 146 ? -0.838  2.942   -7.962  1.00 2.74  ? 146 LEU A CD2 1 
ATOM   1235 N N   . ARG A 1 147 ? -4.871  -0.265  -7.209  1.00 6.91  ? 147 ARG A N   1 
ATOM   1236 C CA  . ARG A 1 147 ? -5.995  -1.191  -7.504  1.00 10.66 ? 147 ARG A CA  1 
ATOM   1237 C C   . ARG A 1 147 ? -6.246  -1.089  -9.016  1.00 14.83 ? 147 ARG A C   1 
ATOM   1238 O O   . ARG A 1 147 ? -5.781  -0.075  -9.576  1.00 6.48  ? 147 ARG A O   1 
ATOM   1239 C CB  . ARG A 1 147 ? -7.237  -0.752  -6.730  1.00 2.95  ? 147 ARG A CB  1 
ATOM   1240 C CG  . ARG A 1 147 ? -6.920  -0.921  -5.253  1.00 3.67  ? 147 ARG A CG  1 
ATOM   1241 C CD  . ARG A 1 147 ? -8.111  -0.561  -4.388  1.00 10.30 ? 147 ARG A CD  1 
ATOM   1242 N NE  . ARG A 1 147 ? -8.323  0.850   -4.382  1.00 10.30 ? 147 ARG A NE  1 
ATOM   1243 C CZ  . ARG A 1 147 ? -9.428  1.580   -4.390  1.00 18.07 ? 147 ARG A CZ  1 
ATOM   1244 N NH1 . ARG A 1 147 ? -10.586 1.127   -3.883  1.00 8.42  ? 147 ARG A NH1 1 
ATOM   1245 N NH2 . ARG A 1 147 ? -9.436  2.855   -4.808  1.00 7.70  ? 147 ARG A NH2 1 
ATOM   1246 N N   . PRO A 1 148 ? -6.870  -2.037  -9.628  1.00 7.78  ? 148 PRO A N   1 
ATOM   1247 C CA  . PRO A 1 148 ? -7.106  -2.015  -11.072 1.00 21.46 ? 148 PRO A CA  1 
ATOM   1248 C C   . PRO A 1 148 ? -7.850  -0.725  -11.451 1.00 24.26 ? 148 PRO A C   1 
ATOM   1249 O O   . PRO A 1 148 ? -8.858  -0.393  -10.839 1.00 9.86  ? 148 PRO A O   1 
ATOM   1250 C CB  . PRO A 1 148 ? -8.062  -3.200  -11.236 1.00 11.81 ? 148 PRO A CB  1 
ATOM   1251 C CG  . PRO A 1 148 ? -7.704  -4.153  -10.064 1.00 1.08  ? 148 PRO A CG  1 
ATOM   1252 C CD  . PRO A 1 148 ? -7.421  -3.193  -8.946  1.00 3.38  ? 148 PRO A CD  1 
ATOM   1253 N N   . GLY A 1 149 ? -7.289  -0.108  -12.453 1.00 6.12  ? 149 GLY A N   1 
ATOM   1254 C CA  . GLY A 1 149 ? -7.704  1.148   -13.040 1.00 5.62  ? 149 GLY A CA  1 
ATOM   1255 C C   . GLY A 1 149 ? -6.603  1.889   -13.722 1.00 6.62  ? 149 GLY A C   1 
ATOM   1256 O O   . GLY A 1 149 ? -5.451  1.496   -13.769 1.00 8.21  ? 149 GLY A O   1 
ATOM   1257 N N   . GLU A 1 150 ? -6.955  3.030   -14.272 1.00 3.24  ? 150 GLU A N   1 
ATOM   1258 C CA  . GLU A 1 150 ? -5.977  3.893   -14.901 1.00 6.41  ? 150 GLU A CA  1 
ATOM   1259 C C   . GLU A 1 150 ? -5.364  4.889   -13.969 1.00 12.02 ? 150 GLU A C   1 
ATOM   1260 O O   . GLU A 1 150 ? -5.908  5.660   -13.162 1.00 7.78  ? 150 GLU A O   1 
ATOM   1261 C CB  . GLU A 1 150 ? -6.553  4.555   -16.115 1.00 11.16 ? 150 GLU A CB  1 
ATOM   1262 C CG  . GLU A 1 150 ? -7.268  3.585   -17.045 1.00 8.28  ? 150 GLU A CG  1 
ATOM   1263 C CD  . GLU A 1 150 ? -7.627  4.248   -18.356 1.00 11.23 ? 150 GLU A CD  1 
ATOM   1264 O OE1 . GLU A 1 150 ? -7.578  5.488   -18.453 1.00 23.62 ? 150 GLU A OE1 1 
ATOM   1265 O OE2 . GLU A 1 150 ? -7.959  3.584   -19.333 1.00 10.87 ? 150 GLU A OE2 1 
ATOM   1266 N N   . TYR A 1 151 ? -4.016  5.005   -14.029 1.00 1.66  ? 151 TYR A N   1 
ATOM   1267 C CA  . TYR A 1 151 ? -3.472  6.149   -13.253 1.00 -0.07 ? 151 TYR A CA  1 
ATOM   1268 C C   . TYR A 1 151 ? -2.734  7.057   -14.255 1.00 9.00  ? 151 TYR A C   1 
ATOM   1269 O O   . TYR A 1 151 ? -1.564  6.745   -14.528 1.00 9.94  ? 151 TYR A O   1 
ATOM   1270 C CB  . TYR A 1 151 ? -2.500  5.646   -12.203 1.00 11.30 ? 151 TYR A CB  1 
ATOM   1271 C CG  . TYR A 1 151 ? -3.266  4.848   -11.157 1.00 8.93  ? 151 TYR A CG  1 
ATOM   1272 C CD1 . TYR A 1 151 ? -3.682  3.545   -11.497 1.00 10.30 ? 151 TYR A CD1 1 
ATOM   1273 C CD2 . TYR A 1 151 ? -3.553  5.439   -9.898  1.00 0.22  ? 151 TYR A CD2 1 
ATOM   1274 C CE1 . TYR A 1 151 ? -4.331  2.734   -10.582 1.00 3.82  ? 151 TYR A CE1 1 
ATOM   1275 C CE2 . TYR A 1 151 ? -4.234  4.596   -8.981  1.00 11.95 ? 151 TYR A CE2 1 
ATOM   1276 C CZ  . TYR A 1 151 ? -4.628  3.303   -9.291  1.00 3.24  ? 151 TYR A CZ  1 
ATOM   1277 O OH  . TYR A 1 151 ? -5.327  2.525   -8.373  1.00 12.74 ? 151 TYR A OH  1 
ATOM   1278 N N   . ARG A 1 152 ? -3.365  8.047   -14.826 1.00 13.82 ? 152 ARG A N   1 
ATOM   1279 C CA  . ARG A 1 152 ? -2.796  8.958   -15.813 1.00 13.46 ? 152 ARG A CA  1 
ATOM   1280 C C   . ARG A 1 152 ? -1.741  9.915   -15.313 1.00 3.38  ? 152 ARG A C   1 
ATOM   1281 O O   . ARG A 1 152 ? -1.034  10.601  -16.158 1.00 2.38  ? 152 ARG A O   1 
ATOM   1282 C CB  . ARG A 1 152 ? -3.901  9.708   -16.554 1.00 4.82  ? 152 ARG A CB  1 
ATOM   1283 C CG  . ARG A 1 152 ? -4.916  8.736   -17.155 1.00 18.14 ? 152 ARG A CG  1 
ATOM   1284 C CD  . ARG A 1 152 ? -4.307  8.159   -18.445 1.00 5.18  ? 152 ARG A CD  1 
ATOM   1285 N NE  . ARG A 1 152 ? -5.347  7.441   -19.217 1.00 15.26 ? 152 ARG A NE  1 
ATOM   1286 C CZ  . ARG A 1 152 ? -5.282  7.421   -20.540 1.00 27.65 ? 152 ARG A CZ  1 
ATOM   1287 N NH1 . ARG A 1 152 ? -4.736  8.486   -21.164 1.00 17.50 ? 152 ARG A NH1 1 
ATOM   1288 N NH2 . ARG A 1 152 ? -5.791  6.399   -21.197 1.00 10.30 ? 152 ARG A NH2 1 
ATOM   1289 N N   . ARG A 1 153 ? -1.559  10.104  -14.059 1.00 6.19  ? 153 ARG A N   1 
ATOM   1290 C CA  . ARG A 1 153 ? -0.589  10.982  -13.405 1.00 23.47 ? 153 ARG A CA  1 
ATOM   1291 C C   . ARG A 1 153 ? -0.312  10.527  -11.994 1.00 2.09  ? 153 ARG A C   1 
ATOM   1292 O O   . ARG A 1 153 ? -1.134  9.898   -11.348 1.00 6.26  ? 153 ARG A O   1 
ATOM   1293 C CB  . ARG A 1 153 ? -0.806  12.442  -13.469 1.00 10.37 ? 153 ARG A CB  1 
ATOM   1294 C CG  . ARG A 1 153 ? -2.062  13.018  -12.874 1.00 24.98 ? 153 ARG A CG  1 
ATOM   1295 C CD  . ARG A 1 153 ? -2.623  14.010  -13.961 1.00 23.98 ? 153 ARG A CD  1 
ATOM   1296 N NE  . ARG A 1 153 ? -2.555  13.342  -15.256 1.00 85.03 ? 153 ARG A NE  1 
ATOM   1297 C CZ  . ARG A 1 153 ? -2.725  13.994  -16.417 1.00 82.15 ? 153 ARG A CZ  1 
ATOM   1298 N NH1 . ARG A 1 153 ? -3.898  14.538  -16.718 1.00 81.72 ? 153 ARG A NH1 1 
ATOM   1299 N NH2 . ARG A 1 153 ? -1.715  14.092  -17.279 1.00 67.75 ? 153 ARG A NH2 1 
ATOM   1300 N N   . TYR A 1 154 ? 0.882   10.780  -11.481 1.00 7.42  ? 154 TYR A N   1 
ATOM   1301 C CA  . TYR A 1 154 ? 1.222   10.268  -10.160 1.00 9.94  ? 154 TYR A CA  1 
ATOM   1302 C C   . TYR A 1 154 ? 0.280   10.769  -9.098  1.00 6.98  ? 154 TYR A C   1 
ATOM   1303 O O   . TYR A 1 154 ? 0.295   10.362  -7.937  1.00 6.77  ? 154 TYR A O   1 
ATOM   1304 C CB  . TYR A 1 154 ? 2.657   10.553  -9.792  1.00 34.63 ? 154 TYR A CB  1 
ATOM   1305 C CG  . TYR A 1 154 ? 2.966   12.014  -9.456  1.00 6.98  ? 154 TYR A CG  1 
ATOM   1306 C CD1 . TYR A 1 154 ? 2.528   12.614  -8.268  1.00 6.98  ? 154 TYR A CD1 1 
ATOM   1307 C CD2 . TYR A 1 154 ? 3.748   12.721  -10.380 1.00 41.76 ? 154 TYR A CD2 1 
ATOM   1308 C CE1 . TYR A 1 154 ? 2.897   13.984  -8.078  1.00 2.74  ? 154 TYR A CE1 1 
ATOM   1309 C CE2 . TYR A 1 154 ? 4.112   14.051  -10.187 1.00 19.01 ? 154 TYR A CE2 1 
ATOM   1310 C CZ  . TYR A 1 154 ? 3.659   14.667  -8.987  1.00 21.53 ? 154 TYR A CZ  1 
ATOM   1311 O OH  . TYR A 1 154 ? 4.037   15.998  -8.779  1.00 17.21 ? 154 TYR A OH  1 
ATOM   1312 N N   . LEU A 1 155 ? -0.532  11.753  -9.494  1.00 8.93  ? 155 LEU A N   1 
ATOM   1313 C CA  . LEU A 1 155 ? -1.428  12.279  -8.396  1.00 1.73  ? 155 LEU A CA  1 
ATOM   1314 C C   . LEU A 1 155 ? -2.600  11.358  -8.186  1.00 4.82  ? 155 LEU A C   1 
ATOM   1315 O O   . LEU A 1 155 ? -3.165  11.276  -7.087  1.00 17.64 ? 155 LEU A O   1 
ATOM   1316 C CB  . LEU A 1 155 ? -1.856  13.687  -8.852  1.00 11.09 ? 155 LEU A CB  1 
ATOM   1317 C CG  . LEU A 1 155 ? -1.502  14.675  -7.715  1.00 39.53 ? 155 LEU A CG  1 
ATOM   1318 C CD1 . LEU A 1 155 ? -0.837  15.945  -8.214  1.00 33.26 ? 155 LEU A CD1 1 
ATOM   1319 C CD2 . LEU A 1 155 ? -2.738  15.065  -6.885  1.00 25.63 ? 155 LEU A CD2 1 
ATOM   1320 N N   . ASP A 1 156 ? -2.967  10.619  -9.198  1.00 10.22 ? 156 ASP A N   1 
ATOM   1321 C CA  . ASP A 1 156 ? -4.067  9.652   -9.202  1.00 7.63  ? 156 ASP A CA  1 
ATOM   1322 C C   . ASP A 1 156 ? -3.722  8.557   -8.182  1.00 14.98 ? 156 ASP A C   1 
ATOM   1323 O O   . ASP A 1 156 ? -4.704  8.075   -7.638  1.00 3.17  ? 156 ASP A O   1 
ATOM   1324 C CB  . ASP A 1 156 ? -4.242  9.033   -10.597 1.00 2.95  ? 156 ASP A CB  1 
ATOM   1325 C CG  . ASP A 1 156 ? -4.855  10.032  -11.567 1.00 16.85 ? 156 ASP A CG  1 
ATOM   1326 O OD1 . ASP A 1 156 ? -5.450  10.985  -11.085 1.00 21.82 ? 156 ASP A OD1 1 
ATOM   1327 O OD2 . ASP A 1 156 ? -4.854  9.837   -12.815 1.00 8.78  ? 156 ASP A OD2 1 
ATOM   1328 N N   . TRP A 1 157 ? -2.426  8.280   -7.875  1.00 1.01  ? 157 TRP A N   1 
ATOM   1329 C CA  . TRP A 1 157 ? -2.097  7.235   -6.893  1.00 5.76  ? 157 TRP A CA  1 
ATOM   1330 C C   . TRP A 1 157 ? -1.715  7.905   -5.564  1.00 16.13 ? 157 TRP A C   1 
ATOM   1331 O O   . TRP A 1 157 ? -1.289  7.267   -4.627  1.00 3.53  ? 157 TRP A O   1 
ATOM   1332 C CB  . TRP A 1 157 ? -1.085  6.226   -7.298  1.00 7.27  ? 157 TRP A CB  1 
ATOM   1333 C CG  . TRP A 1 157 ? 0.314   6.583   -7.765  1.00 10.73 ? 157 TRP A CG  1 
ATOM   1334 C CD1 . TRP A 1 157 ? 1.379   6.835   -6.934  1.00 2.23  ? 157 TRP A CD1 1 
ATOM   1335 C CD2 . TRP A 1 157 ? 0.809   6.669   -9.091  1.00 3.17  ? 157 TRP A CD2 1 
ATOM   1336 N NE1 . TRP A 1 157 ? 2.523   7.113   -7.748  1.00 18.86 ? 157 TRP A NE1 1 
ATOM   1337 C CE2 . TRP A 1 157 ? 2.164   6.995   -9.022  1.00 39.02 ? 157 TRP A CE2 1 
ATOM   1338 C CE3 . TRP A 1 157 ? 0.234   6.506   -10.365 1.00 4.10  ? 157 TRP A CE3 1 
ATOM   1339 C CZ2 . TRP A 1 157 ? 2.986   7.186   -10.083 1.00 7.99  ? 157 TRP A CZ2 1 
ATOM   1340 C CZ3 . TRP A 1 157 ? 1.073   6.705   -11.504 1.00 7.06  ? 157 TRP A CZ3 1 
ATOM   1341 C CH2 . TRP A 1 157 ? 2.424   7.019   -11.383 1.00 3.24  ? 157 TRP A CH2 1 
ATOM   1342 N N   . GLY A 1 158 ? -1.867  9.186   -5.600  1.00 2.95  ? 158 GLY A N   1 
ATOM   1343 C CA  . GLY A 1 158 ? -1.679  10.203  -4.625  1.00 13.25 ? 158 GLY A CA  1 
ATOM   1344 C C   . GLY A 1 158 ? -0.254  10.363  -4.144  1.00 12.10 ? 158 GLY A C   1 
ATOM   1345 O O   . GLY A 1 158 ? -0.059  10.566  -2.976  1.00 2.02  ? 158 GLY A O   1 
ATOM   1346 N N   . ALA A 1 159 ? 0.745   10.323  -5.051  1.00 4.18  ? 159 ALA A N   1 
ATOM   1347 C CA  . ALA A 1 159 ? 2.134   10.550  -4.483  1.00 11.88 ? 159 ALA A CA  1 
ATOM   1348 C C   . ALA A 1 159 ? 2.416   12.042  -4.577  1.00 5.62  ? 159 ALA A C   1 
ATOM   1349 O O   . ALA A 1 159 ? 1.597   12.883  -5.007  1.00 14.40 ? 159 ALA A O   1 
ATOM   1350 C CB  . ALA A 1 159 ? 3.091   9.717   -5.317  1.00 10.37 ? 159 ALA A CB  1 
ATOM   1351 N N   . MET A 1 160 ? 3.598   12.472  -4.192  1.00 12.24 ? 160 MET A N   1 
ATOM   1352 C CA  . MET A 1 160 ? 3.851   13.938  -4.253  1.00 13.25 ? 160 MET A CA  1 
ATOM   1353 C C   . MET A 1 160 ? 5.000   14.133  -5.273  1.00 18.29 ? 160 MET A C   1 
ATOM   1354 O O   . MET A 1 160 ? 5.529   15.172  -5.475  1.00 12.53 ? 160 MET A O   1 
ATOM   1355 C CB  . MET A 1 160 ? 4.344   14.431  -2.905  1.00 25.13 ? 160 MET A CB  1 
ATOM   1356 C CG  . MET A 1 160 ? 4.236   15.937  -2.798  1.00 85.97 ? 160 MET A CG  1 
ATOM   1357 S SD  . MET A 1 160 ? 3.522   16.385  -1.183  1.00 85.03 ? 160 MET A SD  1 
ATOM   1358 C CE  . MET A 1 160 ? 3.974   18.124  -0.856  1.00 37.44 ? 160 MET A CE  1 
ATOM   1359 N N   . ASN A 1 161 ? 5.288   13.015  -5.902  1.00 14.40 ? 161 ASN A N   1 
ATOM   1360 C CA  . ASN A 1 161 ? 6.272   12.959  -6.935  1.00 2.81  ? 161 ASN A CA  1 
ATOM   1361 C C   . ASN A 1 161 ? 6.108   11.686  -7.785  1.00 5.40  ? 161 ASN A C   1 
ATOM   1362 O O   . ASN A 1 161 ? 5.301   10.849  -7.326  1.00 9.65  ? 161 ASN A O   1 
ATOM   1363 C CB  . ASN A 1 161 ? 7.657   13.169  -6.440  1.00 8.28  ? 161 ASN A CB  1 
ATOM   1364 C CG  . ASN A 1 161 ? 8.070   12.074  -5.461  1.00 20.30 ? 161 ASN A CG  1 
ATOM   1365 O OD1 . ASN A 1 161 ? 7.899   10.787  -5.720  1.00 9.50  ? 161 ASN A OD1 1 
ATOM   1366 N ND2 . ASN A 1 161 ? 8.605   12.453  -4.334  1.00 11.88 ? 161 ASN A ND2 1 
ATOM   1367 N N   . ALA A 1 162 ? 6.806   11.604  -8.893  1.00 3.10  ? 162 ALA A N   1 
ATOM   1368 C CA  . ALA A 1 162 ? 6.821   10.565  -9.904  1.00 26.78 ? 162 ALA A CA  1 
ATOM   1369 C C   . ALA A 1 162 ? 7.861   9.541   -9.642  1.00 20.66 ? 162 ALA A C   1 
ATOM   1370 O O   . ALA A 1 162 ? 8.094   8.568   -10.354 1.00 8.42  ? 162 ALA A O   1 
ATOM   1371 C CB  . ALA A 1 162 ? 6.937   11.158  -11.315 1.00 20.23 ? 162 ALA A CB  1 
ATOM   1372 N N   . LYS A 1 163 ? 8.588   9.702   -8.498  1.00 12.24 ? 163 LYS A N   1 
ATOM   1373 C CA  . LYS A 1 163 ? 9.598   8.678   -8.189  1.00 11.59 ? 163 LYS A CA  1 
ATOM   1374 C C   . LYS A 1 163 ? 8.951   7.325   -7.917  1.00 34.13 ? 163 LYS A C   1 
ATOM   1375 O O   . LYS A 1 163 ? 8.134   7.185   -6.978  1.00 3.02  ? 163 LYS A O   1 
ATOM   1376 C CB  . LYS A 1 163 ? 10.260  9.102   -6.823  1.00 11.16 ? 163 LYS A CB  1 
ATOM   1377 C CG  . LYS A 1 163 ? 11.647  9.555   -7.031  1.00 13.54 ? 163 LYS A CG  1 
ATOM   1378 C CD  . LYS A 1 163 ? 12.205  10.511  -6.023  1.00 85.90 ? 163 LYS A CD  1 
ATOM   1379 C CE  . LYS A 1 163 ? 11.816  10.241  -4.600  1.00 22.18 ? 163 LYS A CE  1 
ATOM   1380 N NZ  . LYS A 1 163 ? 12.902  10.568  -3.647  1.00 14.18 ? 163 LYS A NZ  1 
ATOM   1381 N N   . VAL A 1 164 ? 9.344   6.311   -8.690  1.00 6.98  ? 164 VAL A N   1 
ATOM   1382 C CA  . VAL A 1 164 ? 8.709   4.954   -8.352  1.00 8.64  ? 164 VAL A CA  1 
ATOM   1383 C C   . VAL A 1 164 ? 9.891   3.974   -8.356  1.00 13.18 ? 164 VAL A C   1 
ATOM   1384 O O   . VAL A 1 164 ? 10.524  3.772   -9.391  1.00 3.24  ? 164 VAL A O   1 
ATOM   1385 C CB  . VAL A 1 164 ? 7.679   4.583   -9.333  1.00 12.17 ? 164 VAL A CB  1 
ATOM   1386 C CG1 . VAL A 1 164 ? 7.268   3.133   -9.584  1.00 10.58 ? 164 VAL A CG1 1 
ATOM   1387 C CG2 . VAL A 1 164 ? 6.525   5.588   -9.556  1.00 8.21  ? 164 VAL A CG2 1 
ATOM   1388 N N   . GLY A 1 165 ? 10.253  3.397   -7.209  1.00 12.96 ? 165 GLY A N   1 
ATOM   1389 C CA  . GLY A 1 165 ? 11.463  2.509   -7.306  1.00 9.94  ? 165 GLY A CA  1 
ATOM   1390 C C   . GLY A 1 165 ? 11.177  1.053   -7.231  1.00 10.08 ? 165 GLY A C   1 
ATOM   1391 O O   . GLY A 1 165 ? 12.044  0.247   -7.569  1.00 8.06  ? 165 GLY A O   1 
ATOM   1392 N N   . SER A 1 166 ? 10.025  0.594   -6.799  1.00 3.17  ? 166 SER A N   1 
ATOM   1393 C CA  . SER A 1 166 ? 9.660   -0.800  -6.703  1.00 5.26  ? 166 SER A CA  1 
ATOM   1394 C C   . SER A 1 166 ? 8.196   -1.069  -6.738  1.00 6.19  ? 166 SER A C   1 
ATOM   1395 O O   . SER A 1 166 ? 7.326   -0.198  -6.421  1.00 1.44  ? 166 SER A O   1 
ATOM   1396 C CB  . SER A 1 166 ? 10.359  -1.493  -5.538  1.00 0.86  ? 166 SER A CB  1 
ATOM   1397 O OG  . SER A 1 166 ? 10.149  -0.804  -4.324  1.00 6.19  ? 166 SER A OG  1 
ATOM   1398 N N   . LEU A 1 167 ? 7.853   -2.293  -7.095  1.00 3.96  ? 167 LEU A N   1 
ATOM   1399 C CA  . LEU A 1 167 ? 6.432   -2.668  -7.141  1.00 20.74 ? 167 LEU A CA  1 
ATOM   1400 C C   . LEU A 1 167 ? 6.224   -4.056  -6.523  1.00 6.05  ? 167 LEU A C   1 
ATOM   1401 O O   . LEU A 1 167 ? 7.061   -4.934  -6.734  1.00 9.86  ? 167 LEU A O   1 
ATOM   1402 C CB  . LEU A 1 167 ? 5.939   -2.683  -8.585  1.00 12.74 ? 167 LEU A CB  1 
ATOM   1403 C CG  . LEU A 1 167 ? 5.947   -1.277  -9.178  1.00 13.18 ? 167 LEU A CG  1 
ATOM   1404 C CD1 . LEU A 1 167 ? 6.195   -1.330  -10.669 1.00 10.51 ? 167 LEU A CD1 1 
ATOM   1405 C CD2 . LEU A 1 167 ? 4.577   -0.559  -8.839  1.00 10.51 ? 167 LEU A CD2 1 
ATOM   1406 N N   . ARG A 1 168 ? 5.143   -4.224  -5.759  1.00 10.66 ? 168 ARG A N   1 
ATOM   1407 C CA  . ARG A 1 168 ? 4.832   -5.480  -5.107  1.00 10.08 ? 168 ARG A CA  1 
ATOM   1408 C C   . ARG A 1 168 ? 3.411   -5.897  -5.307  1.00 4.75  ? 168 ARG A C   1 
ATOM   1409 O O   . ARG A 1 168 ? 2.501   -5.110  -5.048  1.00 8.64  ? 168 ARG A O   1 
ATOM   1410 C CB  . ARG A 1 168 ? 5.213   -5.489  -3.623  1.00 7.85  ? 168 ARG A CB  1 
ATOM   1411 C CG  . ARG A 1 168 ? 5.104   -6.929  -3.107  1.00 15.48 ? 168 ARG A CG  1 
ATOM   1412 C CD  . ARG A 1 168 ? 4.724   -6.932  -1.604  1.00 4.03  ? 168 ARG A CD  1 
ATOM   1413 N NE  . ARG A 1 168 ? 5.644   -6.066  -0.881  1.00 6.62  ? 168 ARG A NE  1 
ATOM   1414 C CZ  . ARG A 1 168 ? 6.843   -6.574  -0.491  1.00 5.54  ? 168 ARG A CZ  1 
ATOM   1415 N NH1 . ARG A 1 168 ? 7.209   -7.763  -0.980  1.00 10.08 ? 168 ARG A NH1 1 
ATOM   1416 N NH2 . ARG A 1 168 ? 7.560   -5.872  0.336   1.00 11.09 ? 168 ARG A NH2 1 
ATOM   1417 N N   . ARG A 1 169 ? 3.215   -7.112  -5.787  1.00 19.44 ? 169 ARG A N   1 
ATOM   1418 C CA  . ARG A 1 169 ? 1.851   -7.638  -5.983  1.00 7.06  ? 169 ARG A CA  1 
ATOM   1419 C C   . ARG A 1 169 ? 1.186   -7.831  -4.686  1.00 13.18 ? 169 ARG A C   1 
ATOM   1420 O O   . ARG A 1 169 ? 1.822   -8.266  -3.725  1.00 1.37  ? 169 ARG A O   1 
ATOM   1421 C CB  . ARG A 1 169 ? 1.888   -8.954  -6.759  1.00 11.45 ? 169 ARG A CB  1 
ATOM   1422 C CG  . ARG A 1 169 ? 2.555   -8.649  -8.123  1.00 1.87  ? 169 ARG A CG  1 
ATOM   1423 C CD  . ARG A 1 169 ? 2.651   -10.063 -8.811  1.00 5.26  ? 169 ARG A CD  1 
ATOM   1424 N NE  . ARG A 1 169 ? 3.823   -10.723 -8.146  1.00 3.67  ? 169 ARG A NE  1 
ATOM   1425 C CZ  . ARG A 1 169 ? 3.940   -12.056 -8.308  1.00 12.17 ? 169 ARG A CZ  1 
ATOM   1426 N NH1 . ARG A 1 169 ? 3.384   -12.662 -9.376  1.00 11.74 ? 169 ARG A NH1 1 
ATOM   1427 N NH2 . ARG A 1 169 ? 4.601   -12.768 -7.424  1.00 6.98  ? 169 ARG A NH2 1 
ATOM   1428 N N   . VAL A 1 170 ? -0.117  -7.516  -4.656  1.00 4.10  ? 170 VAL A N   1 
ATOM   1429 C CA  . VAL A 1 170 ? -0.722  -7.730  -3.288  1.00 3.02  ? 170 VAL A CA  1 
ATOM   1430 C C   . VAL A 1 170 ? -1.209  -9.163  -3.203  1.00 9.50  ? 170 VAL A C   1 
ATOM   1431 O O   . VAL A 1 170 ? -2.247  -9.557  -3.758  1.00 9.65  ? 170 VAL A O   1 
ATOM   1432 C CB  . VAL A 1 170 ? -1.820  -6.697  -3.075  1.00 16.92 ? 170 VAL A CB  1 
ATOM   1433 C CG1 . VAL A 1 170 ? -2.784  -7.122  -2.001  1.00 14.54 ? 170 VAL A CG1 1 
ATOM   1434 C CG2 . VAL A 1 170 ? -1.465  -5.202  -2.984  1.00 1.15  ? 170 VAL A CG2 1 
ATOM   1435 N N   . MET A 1 171 ? -0.425  -9.950  -2.510  1.00 7.27  ? 171 MET A N   1 
ATOM   1436 C CA  . MET A 1 171 ? -0.666  -11.383 -2.380  1.00 7.42  ? 171 MET A CA  1 
ATOM   1437 C C   . MET A 1 171 ? -0.472  -11.860 -0.966  1.00 9.58  ? 171 MET A C   1 
ATOM   1438 O O   . MET A 1 171 ? 0.460   -11.433 -0.291  1.00 10.73 ? 171 MET A O   1 
ATOM   1439 C CB  . MET A 1 171 ? 0.120   -12.200 -3.345  1.00 7.56  ? 171 MET A CB  1 
ATOM   1440 C CG  . MET A 1 171 ? 0.161   -11.813 -4.795  1.00 16.06 ? 171 MET A CG  1 
ATOM   1441 S SD  . MET A 1 171 ? 1.668   -12.620 -5.556  1.00 34.13 ? 171 MET A SD  1 
ATOM   1442 C CE  . MET A 1 171 ? 1.531   -14.404 -5.251  1.00 21.31 ? 171 MET A CE  1 
ATOM   1443 N N   . ASP A 1 172 ? -1.338  -12.742 -0.548  1.00 5.69  ? 172 ASP A N   1 
ATOM   1444 C CA  . ASP A 1 172 ? -1.241  -13.345 0.810   1.00 18.29 ? 172 ASP A CA  1 
ATOM   1445 C C   . ASP A 1 172 ? -0.003  -14.159 0.917   1.00 24.91 ? 172 ASP A C   1 
ATOM   1446 O O   . ASP A 1 172 ? 0.801   -14.324 -0.020  1.00 12.74 ? 172 ASP A O   1 
ATOM   1447 C CB  . ASP A 1 172 ? -2.498  -14.217 1.012   1.00 27.72 ? 172 ASP A CB  1 
ATOM   1448 C CG  . ASP A 1 172 ? -2.933  -14.102 2.479   1.00 15.34 ? 172 ASP A CG  1 
ATOM   1449 O OD1 . ASP A 1 172 ? -2.201  -13.486 3.258   1.00 29.52 ? 172 ASP A OD1 1 
ATOM   1450 O OD2 . ASP A 1 172 ? -3.968  -14.658 2.843   1.00 11.09 ? 172 ASP A OD2 1 
ATOM   1451 N N   . PHE A 1 173 ? 0.339   -14.750 2.065   1.00 36.50 ? 173 PHE A N   1 
ATOM   1452 C CA  . PHE A 1 173 ? 1.665   -15.495 1.911   1.00 51.12 ? 173 PHE A CA  1 
ATOM   1453 C C   . PHE A 1 173 ? 1.366   -16.747 1.107   1.00 57.53 ? 173 PHE A C   1 
ATOM   1454 O O   . PHE A 1 173 ? 2.221   -17.424 0.564   1.00 29.74 ? 173 PHE A O   1 
ATOM   1455 C CB  . PHE A 1 173 ? 2.223   -15.801 3.263   1.00 59.40 ? 173 PHE A CB  1 
ATOM   1456 C CG  . PHE A 1 173 ? 2.507   -14.589 4.146   1.00 35.14 ? 173 PHE A CG  1 
ATOM   1457 C CD1 . PHE A 1 173 ? 1.486   -13.983 4.875   1.00 24.77 ? 173 PHE A CD1 1 
ATOM   1458 C CD2 . PHE A 1 173 ? 3.794   -14.089 4.265   1.00 69.05 ? 173 PHE A CD2 1 
ATOM   1459 C CE1 . PHE A 1 173 ? 1.721   -12.901 5.709   1.00 29.45 ? 173 PHE A CE1 1 
ATOM   1460 C CE2 . PHE A 1 173 ? 4.025   -13.002 5.087   1.00 49.97 ? 173 PHE A CE2 1 
ATOM   1461 C CZ  . PHE A 1 173 ? 3.011   -12.400 5.819   1.00 11.88 ? 173 PHE A CZ  1 
ATOM   1462 N N   . TYR A 1 174 ? 0.072   -17.057 1.027   1.00 50.83 ? 174 TYR A N   1 
ATOM   1463 C CA  . TYR A 1 174 ? -0.378  -18.211 0.271   1.00 36.86 ? 174 TYR A CA  1 
ATOM   1464 C C   . TYR A 1 174 ? -1.615  -17.837 -0.580  1.00 32.69 ? 174 TYR A C   1 
ATOM   1465 O O   . TYR A 1 174 ? -2.337  -16.923 -0.166  1.00 41.26 ? 174 TYR A O   1 
ATOM   1466 C CB  . TYR A 1 174 ? -0.719  -19.399 1.147   1.00 66.96 ? 174 TYR A CB  1 
ATOM   1467 C CG  . TYR A 1 174 ? 0.558   -19.946 1.807   1.00 47.95 ? 174 TYR A CG  1 
ATOM   1468 C CD1 . TYR A 1 174 ? 1.301   -19.059 2.587   1.00 29.45 ? 174 TYR A CD1 1 
ATOM   1469 C CD2 . TYR A 1 174 ? 0.970   -21.266 1.656   1.00 33.77 ? 174 TYR A CD2 1 
ATOM   1470 C CE1 . TYR A 1 174 ? 2.465   -19.476 3.210   1.00 49.10 ? 174 TYR A CE1 1 
ATOM   1471 C CE2 . TYR A 1 174 ? 2.147   -21.690 2.295   1.00 8.93  ? 174 TYR A CE2 1 
ATOM   1472 C CZ  . TYR A 1 174 ? 2.888   -20.805 3.061   1.00 35.28 ? 174 TYR A CZ  1 
ATOM   1473 O OH  . TYR A 1 174 ? 4.044   -21.144 3.709   1.00 36.58 ? 174 TYR A OH  1 
ATOM   1474 O OXT . TYR A 1 174 ? -2.204  -18.923 -1.109  1.00 29.23 ? 174 TYR A OXT 1 
HETATM 1475 O O   . HOH B 2 .   ? 7.326   -8.747  -15.336 1.00 2.38  ? 201 HOH A O   1 
HETATM 1476 O O   . HOH B 2 .   ? 18.095  3.320   -3.285  1.00 2.66  ? 202 HOH A O   1 
HETATM 1477 O O   . HOH B 2 .   ? -5.742  -8.848  22.405  1.00 4.39  ? 203 HOH A O   1 
HETATM 1478 O O   . HOH B 2 .   ? 0.678   7.245   10.420  1.00 5.04  ? 204 HOH A O   1 
HETATM 1479 O O   . HOH B 2 .   ? 2.877   17.545  -6.785  1.00 5.47  ? 205 HOH A O   1 
HETATM 1480 O O   . HOH B 2 .   ? 2.394   7.085   1.449   1.00 5.47  ? 206 HOH A O   1 
HETATM 1481 O O   . HOH B 2 .   ? 1.284   -13.787 18.654  1.00 5.69  ? 207 HOH A O   1 
HETATM 1482 O O   . HOH B 2 .   ? 2.815   2.700   23.837  1.00 6.34  ? 208 HOH A O   1 
HETATM 1483 O O   . HOH B 2 .   ? 2.681   12.751  7.730   1.00 6.34  ? 209 HOH A O   1 
HETATM 1484 O O   . HOH B 2 .   ? 5.351   8.180   -7.133  1.00 6.62  ? 210 HOH A O   1 
HETATM 1485 O O   . HOH B 2 .   ? -5.137  -4.651  24.585  1.00 6.70  ? 211 HOH A O   1 
HETATM 1486 O O   . HOH B 2 .   ? -7.077  -0.658  -16.012 1.00 7.34  ? 212 HOH A O   1 
HETATM 1487 O O   . HOH B 2 .   ? 0.500   14.281  -10.952 1.00 7.92  ? 213 HOH A O   1 
HETATM 1488 O O   . HOH B 2 .   ? -4.688  -8.518  -5.125  1.00 7.99  ? 214 HOH A O   1 
HETATM 1489 O O   . HOH B 2 .   ? 2.956   12.068  -13.476 1.00 8.21  ? 215 HOH A O   1 
HETATM 1490 O O   . HOH B 2 .   ? 1.546   -12.254 -11.270 1.00 8.28  ? 216 HOH A O   1 
HETATM 1491 O O   . HOH B 2 .   ? 6.227   6.043   4.552   1.00 8.35  ? 217 HOH A O   1 
HETATM 1492 O O   . HOH B 2 .   ? -14.091 -4.439  16.945  1.00 8.64  ? 218 HOH A O   1 
HETATM 1493 O O   . HOH B 2 .   ? 6.776   9.026   -4.625  1.00 8.78  ? 219 HOH A O   1 
HETATM 1494 O O   . HOH B 2 .   ? -7.897  -7.800  -10.947 1.00 8.78  ? 220 HOH A O   1 
HETATM 1495 O O   . HOH B 2 .   ? 4.157   5.388   3.418   1.00 8.78  ? 221 HOH A O   1 
HETATM 1496 O O   . HOH B 2 .   ? 8.215   2.326   -19.272 1.00 8.93  ? 222 HOH A O   1 
HETATM 1497 O O   . HOH B 2 .   ? 12.067  3.311   3.558   1.00 9.00  ? 223 HOH A O   1 
HETATM 1498 O O   . HOH B 2 .   ? -13.980 -11.232 10.460  1.00 9.22  ? 224 HOH A O   1 
HETATM 1499 O O   . HOH B 2 .   ? -1.847  -11.390 4.917   1.00 9.43  ? 225 HOH A O   1 
HETATM 1500 O O   . HOH B 2 .   ? -2.915  5.204   -3.644  1.00 9.58  ? 226 HOH A O   1 
HETATM 1501 O O   . HOH B 2 .   ? -10.588 -2.056  -0.820  1.00 9.65  ? 227 HOH A O   1 
HETATM 1502 O O   . HOH B 2 .   ? -14.833 -1.332  10.218  1.00 9.86  ? 228 HOH A O   1 
HETATM 1503 O O   . HOH B 2 .   ? 1.593   4.479   11.659  1.00 9.94  ? 229 HOH A O   1 
HETATM 1504 O O   . HOH B 2 .   ? -7.855  1.943   -8.968  1.00 9.94  ? 230 HOH A O   1 
HETATM 1505 O O   . HOH B 2 .   ? 13.387  7.649   -14.818 1.00 9.94  ? 231 HOH A O   1 
HETATM 1506 O O   . HOH B 2 .   ? -7.826  6.483   14.645  1.00 10.08 ? 232 HOH A O   1 
HETATM 1507 O O   . HOH B 2 .   ? -7.020  6.812   23.963  1.00 10.15 ? 233 HOH A O   1 
HETATM 1508 O O   . HOH B 2 .   ? 5.135   -11.110 12.439  1.00 10.37 ? 234 HOH A O   1 
HETATM 1509 O O   . HOH B 2 .   ? -7.069  -9.178  1.398   1.00 10.80 ? 235 HOH A O   1 
HETATM 1510 O O   . HOH B 2 .   ? 10.836  -1.779  10.113  1.00 10.87 ? 236 HOH A O   1 
HETATM 1511 O O   . HOH B 2 .   ? 4.518   -1.295  5.429   1.00 10.87 ? 237 HOH A O   1 
HETATM 1512 O O   . HOH B 2 .   ? -12.425 -5.479  0.747   1.00 10.87 ? 238 HOH A O   1 
HETATM 1513 O O   . HOH B 2 .   ? -2.151  -9.926  22.137  1.00 10.94 ? 239 HOH A O   1 
HETATM 1514 O O   . HOH B 2 .   ? -0.955  -14.032 -17.734 1.00 11.16 ? 240 HOH A O   1 
HETATM 1515 O O   . HOH B 2 .   ? 17.276  6.099   -0.746  1.00 11.45 ? 241 HOH A O   1 
HETATM 1516 O O   . HOH B 2 .   ? 11.445  -10.345 -7.135  1.00 11.45 ? 242 HOH A O   1 
HETATM 1517 O O   . HOH B 2 .   ? 10.487  -10.942 -14.603 1.00 11.95 ? 243 HOH A O   1 
HETATM 1518 O O   . HOH B 2 .   ? 7.607   -3.170  20.692  1.00 11.95 ? 244 HOH A O   1 
HETATM 1519 O O   . HOH B 2 .   ? -15.459 -4.116  9.782   1.00 12.02 ? 245 HOH A O   1 
HETATM 1520 O O   . HOH B 2 .   ? -4.266  9.246   16.148  1.00 12.17 ? 246 HOH A O   1 
HETATM 1521 O O   . HOH B 2 .   ? -11.234 -11.225 3.250   1.00 12.17 ? 247 HOH A O   1 
HETATM 1522 O O   . HOH B 2 .   ? -5.326  -8.301  27.746  1.00 12.24 ? 248 HOH A O   1 
HETATM 1523 O O   . HOH B 2 .   ? 3.856   -10.378 -3.818  1.00 12.31 ? 249 HOH A O   1 
HETATM 1524 O O   . HOH B 2 .   ? 13.448  3.675   -9.877  1.00 12.38 ? 250 HOH A O   1 
HETATM 1525 O O   . HOH B 2 .   ? -3.064  12.178  12.050  1.00 12.46 ? 251 HOH A O   1 
HETATM 1526 O O   . HOH B 2 .   ? -9.823  -5.111  -6.647  1.00 12.74 ? 252 HOH A O   1 
HETATM 1527 O O   . HOH B 2 .   ? -10.208 5.457   23.073  1.00 12.82 ? 253 HOH A O   1 
HETATM 1528 O O   . HOH B 2 .   ? -4.405  9.161   21.780  1.00 12.82 ? 254 HOH A O   1 
HETATM 1529 O O   . HOH B 2 .   ? 5.991   -3.688  21.597  1.00 12.82 ? 255 HOH A O   1 
HETATM 1530 O O   . HOH B 2 .   ? 18.607  1.298   -5.200  1.00 12.96 ? 256 HOH A O   1 
HETATM 1531 O O   . HOH B 2 .   ? -4.953  6.940   14.940  1.00 13.10 ? 257 HOH A O   1 
HETATM 1532 O O   . HOH B 2 .   ? 1.989   11.650  -0.477  1.00 13.25 ? 258 HOH A O   1 
HETATM 1533 O O   . HOH B 2 .   ? 13.502  6.669   -5.419  1.00 13.39 ? 259 HOH A O   1 
HETATM 1534 O O   . HOH B 2 .   ? 4.722   2.037   18.236  1.00 13.54 ? 260 HOH A O   1 
HETATM 1535 O O   . HOH B 2 .   ? 8.739   0.168   3.125   1.00 13.68 ? 261 HOH A O   1 
HETATM 1536 O O   . HOH B 2 .   ? 8.122   2.442   3.770   1.00 13.97 ? 262 HOH A O   1 
HETATM 1537 O O   . HOH B 2 .   ? 5.242   10.715  -2.934  1.00 14.04 ? 263 HOH A O   1 
HETATM 1538 O O   . HOH B 2 .   ? -5.359  2.623   25.352  1.00 14.04 ? 264 HOH A O   1 
HETATM 1539 O O   . HOH B 2 .   ? 4.898   14.067  0.094   1.00 14.11 ? 265 HOH A O   1 
HETATM 1540 O O   . HOH B 2 .   ? 8.286   10.415  12.095  1.00 14.11 ? 266 HOH A O   1 
HETATM 1541 O O   . HOH B 2 .   ? 18.154  -0.687  -6.973  1.00 14.18 ? 267 HOH A O   1 
HETATM 1542 O O   . HOH B 2 .   ? -3.383  -8.346  23.698  1.00 14.26 ? 268 HOH A O   1 
HETATM 1543 O O   . HOH B 2 .   ? 2.637   -1.339  26.097  1.00 14.40 ? 269 HOH A O   1 
HETATM 1544 O O   . HOH B 2 .   ? 7.383   -14.790 16.753  1.00 14.40 ? 270 HOH A O   1 
HETATM 1545 O O   . HOH B 2 .   ? -15.049 0.359   -0.077  1.00 14.62 ? 271 HOH A O   1 
HETATM 1546 O O   . HOH B 2 .   ? -10.807 -10.572 -4.284  1.00 14.62 ? 272 HOH A O   1 
HETATM 1547 O O   . HOH B 2 .   ? 11.097  -9.036  -4.619  1.00 14.90 ? 273 HOH A O   1 
HETATM 1548 O O   . HOH B 2 .   ? -6.945  -9.448  14.114  1.00 14.90 ? 274 HOH A O   1 
HETATM 1549 O O   . HOH B 2 .   ? 2.403   -1.673  28.832  1.00 15.19 ? 275 HOH A O   1 
HETATM 1550 O O   . HOH B 2 .   ? 10.171  8.544   2.004   1.00 15.26 ? 276 HOH A O   1 
HETATM 1551 O O   . HOH B 2 .   ? -10.180 -3.250  -5.548  1.00 15.34 ? 277 HOH A O   1 
HETATM 1552 O O   . HOH B 2 .   ? -2.141  9.162   0.086   1.00 15.34 ? 278 HOH A O   1 
HETATM 1553 O O   . HOH B 2 .   ? 2.340   10.340  16.345  1.00 15.41 ? 279 HOH A O   1 
HETATM 1554 O O   . HOH B 2 .   ? -7.025  7.923   -8.411  1.00 15.55 ? 280 HOH A O   1 
HETATM 1555 O O   . HOH B 2 .   ? 5.304   13.265  -18.551 1.00 15.62 ? 281 HOH A O   1 
HETATM 1556 O O   . HOH B 2 .   ? 17.439  4.772   -7.179  1.00 15.70 ? 282 HOH A O   1 
HETATM 1557 O O   . HOH B 2 .   ? -2.273  -15.955 -7.026  1.00 15.70 ? 283 HOH A O   1 
HETATM 1558 O O   . HOH B 2 .   ? -9.268  -8.972  17.852  1.00 15.84 ? 284 HOH A O   1 
HETATM 1559 O O   . HOH B 2 .   ? 6.332   -4.507  7.656   1.00 15.84 ? 285 HOH A O   1 
HETATM 1560 O O   . HOH B 2 .   ? -5.201  -9.470  18.294  1.00 15.91 ? 286 HOH A O   1 
HETATM 1561 O O   . HOH B 2 .   ? 3.090   12.093  -15.348 1.00 16.20 ? 287 HOH A O   1 
HETATM 1562 O O   . HOH B 2 .   ? -5.142  6.455   -5.148  1.00 16.63 ? 288 HOH A O   1 
HETATM 1563 O O   . HOH B 2 .   ? -4.888  4.519   -1.869  1.00 16.70 ? 289 HOH A O   1 
HETATM 1564 O O   . HOH B 2 .   ? -3.011  -13.599 -2.500  1.00 16.70 ? 290 HOH A O   1 
HETATM 1565 O O   . HOH B 2 .   ? -12.532 -8.943  -6.480  1.00 16.70 ? 291 HOH A O   1 
HETATM 1566 O O   . HOH B 2 .   ? 8.312   15.085  -3.571  1.00 16.85 ? 292 HOH A O   1 
HETATM 1567 O O   . HOH B 2 .   ? -4.466  -11.216 -2.443  1.00 16.85 ? 293 HOH A O   1 
HETATM 1568 O O   . HOH B 2 .   ? 9.899   -6.742  1.981   1.00 16.85 ? 294 HOH A O   1 
HETATM 1569 O O   . HOH B 2 .   ? 9.714   8.550   10.332  1.00 16.99 ? 295 HOH A O   1 
HETATM 1570 O O   . HOH B 2 .   ? -17.015 2.395   8.437   1.00 17.28 ? 296 HOH A O   1 
HETATM 1571 O O   . HOH B 2 .   ? 7.229   -2.035  4.667   1.00 17.42 ? 297 HOH A O   1 
HETATM 1572 O O   . HOH B 2 .   ? 3.577   -7.560  5.990   1.00 17.42 ? 298 HOH A O   1 
HETATM 1573 O O   . HOH B 2 .   ? 17.515  4.780   -4.914  1.00 17.64 ? 299 HOH A O   1 
HETATM 1574 O O   . HOH B 2 .   ? 3.651   6.637   21.314  1.00 17.64 ? 300 HOH A O   1 
HETATM 1575 O O   . HOH B 2 .   ? -5.830  -12.518 24.576  1.00 17.71 ? 301 HOH A O   1 
HETATM 1576 O O   . HOH B 2 .   ? -13.952 -1.761  19.944  1.00 18.07 ? 302 HOH A O   1 
HETATM 1577 O O   . HOH B 2 .   ? -17.741 1.115   4.215   1.00 18.07 ? 303 HOH A O   1 
HETATM 1578 O O   . HOH B 2 .   ? -6.902  8.518   -13.669 1.00 18.14 ? 304 HOH A O   1 
HETATM 1579 O O   . HOH B 2 .   ? -0.597  12.270  11.473  1.00 18.14 ? 305 HOH A O   1 
HETATM 1580 O O   . HOH B 2 .   ? -11.679 5.698   21.414  1.00 18.43 ? 306 HOH A O   1 
HETATM 1581 O O   . HOH B 2 .   ? -14.259 -4.260  2.901   1.00 18.43 ? 307 HOH A O   1 
HETATM 1582 O O   . HOH B 2 .   ? -11.317 7.501   19.878  1.00 18.43 ? 308 HOH A O   1 
HETATM 1583 O O   . HOH B 2 .   ? -11.397 -1.283  -2.441  1.00 18.50 ? 309 HOH A O   1 
HETATM 1584 O O   . HOH B 2 .   ? -2.209  0.156   27.464  1.00 18.65 ? 310 HOH A O   1 
HETATM 1585 O O   . HOH B 2 .   ? 2.277   14.691  -14.928 1.00 18.79 ? 311 HOH A O   1 
HETATM 1586 O O   . HOH B 2 .   ? -8.434  -6.155  -16.963 1.00 18.86 ? 312 HOH A O   1 
HETATM 1587 O O   . HOH B 2 .   ? 13.992  -5.031  -10.137 1.00 19.01 ? 313 HOH A O   1 
HETATM 1588 O O   . HOH B 2 .   ? -10.695 -13.875 9.205   1.00 19.01 ? 314 HOH A O   1 
HETATM 1589 O O   . HOH B 2 .   ? -6.136  -11.380 -13.658 1.00 19.37 ? 315 HOH A O   1 
HETATM 1590 O O   . HOH B 2 .   ? -15.246 -6.365  13.051  1.00 19.44 ? 316 HOH A O   1 
HETATM 1591 O O   . HOH B 2 .   ? -16.363 -0.419  8.635   1.00 19.58 ? 317 HOH A O   1 
HETATM 1592 O O   . HOH B 2 .   ? -1.486  -13.579 12.345  1.00 19.66 ? 318 HOH A O   1 
HETATM 1593 O O   . HOH B 2 .   ? -11.710 -13.624 7.305   1.00 19.73 ? 319 HOH A O   1 
HETATM 1594 O O   . HOH B 2 .   ? -11.778 -12.277 18.278  1.00 19.87 ? 320 HOH A O   1 
HETATM 1595 O O   . HOH B 2 .   ? -16.976 12.157  4.168   1.00 20.02 ? 321 HOH A O   1 
HETATM 1596 O O   . HOH B 2 .   ? -9.238  -6.101  -12.810 1.00 20.38 ? 322 HOH A O   1 
HETATM 1597 O O   . HOH B 2 .   ? -3.259  -6.079  28.741  1.00 20.38 ? 323 HOH A O   1 
HETATM 1598 O O   . HOH B 2 .   ? -14.349 9.469   6.536   1.00 20.52 ? 324 HOH A O   1 
HETATM 1599 O O   . HOH B 2 .   ? -12.090 -8.260  -0.117  1.00 20.59 ? 325 HOH A O   1 
HETATM 1600 O O   . HOH B 2 .   ? 10.976  14.286  -7.395  1.00 20.59 ? 326 HOH A O   1 
HETATM 1601 O O   . HOH B 2 .   ? 16.880  -2.449  -4.867  1.00 20.81 ? 327 HOH A O   1 
HETATM 1602 O O   . HOH B 2 .   ? 6.366   3.165   5.303   1.00 20.95 ? 328 HOH A O   1 
HETATM 1603 O O   . HOH B 2 .   ? -1.841  12.388  16.018  1.00 21.02 ? 329 HOH A O   1 
HETATM 1604 O O   . HOH B 2 .   ? -2.027  -13.646 -5.211  1.00 21.10 ? 330 HOH A O   1 
HETATM 1605 O O   . HOH B 2 .   ? -9.470  -9.737  -7.454  1.00 21.10 ? 331 HOH A O   1 
HETATM 1606 O O   . HOH B 2 .   ? -12.446 -6.633  -6.159  1.00 21.17 ? 332 HOH A O   1 
HETATM 1607 O O   . HOH B 2 .   ? -5.187  -14.694 -14.234 1.00 21.38 ? 333 HOH A O   1 
HETATM 1608 O O   . HOH B 2 .   ? 0.802   4.891   24.863  1.00 21.46 ? 334 HOH A O   1 
HETATM 1609 O O   . HOH B 2 .   ? 4.641   14.104  -15.801 1.00 21.46 ? 335 HOH A O   1 
HETATM 1610 O O   . HOH B 2 .   ? 0.688   14.979  -28.138 1.00 21.53 ? 336 HOH A O   1 
HETATM 1611 O O   . HOH B 2 .   ? -5.404  2.440   -5.221  1.00 21.60 ? 337 HOH A O   1 
HETATM 1612 O O   . HOH B 2 .   ? 2.724   -13.950 9.923   1.00 21.74 ? 338 HOH A O   1 
HETATM 1613 O O   . HOH B 2 .   ? -2.604  0.939   -20.802 1.00 21.74 ? 339 HOH A O   1 
HETATM 1614 O O   . HOH B 2 .   ? 8.579   7.354   3.880   1.00 21.89 ? 340 HOH A O   1 
HETATM 1615 O O   . HOH B 2 .   ? 1.843   12.885  5.237   1.00 22.75 ? 341 HOH A O   1 
HETATM 1616 O O   . HOH B 2 .   ? 9.448   3.447   10.870  1.00 22.82 ? 342 HOH A O   1 
HETATM 1617 O O   . HOH B 2 .   ? -7.842  -6.625  -5.800  1.00 22.97 ? 343 HOH A O   1 
HETATM 1618 O O   . HOH B 2 .   ? -15.583 13.632  6.887   1.00 22.97 ? 344 HOH A O   1 
HETATM 1619 O O   . HOH B 2 .   ? 10.214  12.109  -21.866 1.00 23.47 ? 345 HOH A O   1 
HETATM 1620 O O   . HOH B 2 .   ? 7.500   -6.034  10.007  1.00 23.54 ? 346 HOH A O   1 
HETATM 1621 O O   . HOH B 2 .   ? -2.373  -17.459 9.418   1.00 23.69 ? 347 HOH A O   1 
HETATM 1622 O O   . HOH B 2 .   ? 0.635   -16.661 -1.901  1.00 23.76 ? 348 HOH A O   1 
HETATM 1623 O O   . HOH B 2 .   ? 4.992   -9.604  8.707   1.00 23.76 ? 349 HOH A O   1 
HETATM 1624 O O   . HOH B 2 .   ? -17.372 -1.244  13.402  1.00 23.90 ? 350 HOH A O   1 
HETATM 1625 O O   . HOH B 2 .   ? -1.644  9.784   16.498  1.00 24.12 ? 351 HOH A O   1 
HETATM 1626 O O   . HOH B 2 .   ? 22.153  -2.873  -9.444  1.00 24.12 ? 352 HOH A O   1 
HETATM 1627 O O   . HOH B 2 .   ? 13.720  7.288   -8.337  1.00 24.26 ? 353 HOH A O   1 
HETATM 1628 O O   . HOH B 2 .   ? 5.353   13.986  6.803   1.00 24.34 ? 354 HOH A O   1 
HETATM 1629 O O   . HOH B 2 .   ? 9.933   8.334   -16.885 1.00 24.41 ? 355 HOH A O   1 
HETATM 1630 O O   . HOH B 2 .   ? -1.544  -15.338 16.069  1.00 24.41 ? 356 HOH A O   1 
HETATM 1631 O O   . HOH B 2 .   ? -5.649  -14.024 4.725   1.00 24.48 ? 357 HOH A O   1 
HETATM 1632 O O   . HOH B 2 .   ? -8.234  -7.418  -7.972  1.00 24.55 ? 358 HOH A O   1 
HETATM 1633 O O   . HOH B 2 .   ? -6.124  -11.941 21.998  1.00 25.13 ? 359 HOH A O   1 
HETATM 1634 O O   . HOH B 2 .   ? -16.708 5.082   11.827  1.00 25.20 ? 360 HOH A O   1 
HETATM 1635 O O   . HOH B 2 .   ? 1.778   14.458  1.352   1.00 25.42 ? 361 HOH A O   1 
HETATM 1636 O O   . HOH B 2 .   ? -17.286 9.316   10.198  1.00 25.42 ? 362 HOH A O   1 
HETATM 1637 O O   . HOH B 2 .   ? -10.860 -10.149 -0.287  1.00 25.70 ? 363 HOH A O   1 
HETATM 1638 O O   . HOH B 2 .   ? -12.750 12.728  10.485  1.00 25.78 ? 364 HOH A O   1 
HETATM 1639 O O   . HOH B 2 .   ? -12.469 2.306   -1.367  1.00 26.28 ? 365 HOH A O   1 
HETATM 1640 O O   . HOH B 2 .   ? -10.272 -8.373  -14.287 1.00 26.42 ? 366 HOH A O   1 
HETATM 1641 O O   . HOH B 2 .   ? 10.820  -0.870  17.476  1.00 26.42 ? 367 HOH A O   1 
HETATM 1642 O O   . HOH B 2 .   ? 4.863   -2.410  2.938   1.00 26.42 ? 368 HOH A O   1 
HETATM 1643 O O   . HOH B 2 .   ? -2.647  9.678   -24.457 1.00 26.50 ? 369 HOH A O   1 
HETATM 1644 O O   . HOH B 2 .   ? -0.248  -16.222 -9.254  1.00 26.71 ? 370 HOH A O   1 
HETATM 1645 O O   . HOH B 2 .   ? -9.358  -10.213 1.963   1.00 26.93 ? 371 HOH A O   1 
HETATM 1646 O O   . HOH B 2 .   ? 6.681   9.785   14.781  1.00 27.36 ? 372 HOH A O   1 
HETATM 1647 O O   . HOH B 2 .   ? -17.865 7.660   11.758  1.00 27.36 ? 373 HOH A O   1 
HETATM 1648 O O   . HOH B 2 .   ? -3.062  -8.185  -20.185 1.00 27.58 ? 374 HOH A O   1 
HETATM 1649 O O   . HOH B 2 .   ? 0.846   1.191   28.216  1.00 27.72 ? 375 HOH A O   1 
HETATM 1650 O O   . HOH B 2 .   ? 5.150   -9.843  -2.098  1.00 27.72 ? 376 HOH A O   1 
HETATM 1651 O O   . HOH B 2 .   ? -5.831  -11.334 -0.159  1.00 27.94 ? 377 HOH A O   1 
HETATM 1652 O O   . HOH B 2 .   ? -9.119  9.326   -0.230  1.00 28.37 ? 378 HOH A O   1 
HETATM 1653 O O   . HOH B 2 .   ? -8.481  -13.496 2.520   1.00 28.44 ? 379 HOH A O   1 
HETATM 1654 O O   . HOH B 2 .   ? -14.113 -9.783  6.171   1.00 28.73 ? 380 HOH A O   1 
HETATM 1655 O O   . HOH B 2 .   ? 8.161   13.748  5.856   1.00 29.23 ? 381 HOH A O   1 
HETATM 1656 O O   . HOH B 2 .   ? -17.104 -3.126  14.862  1.00 29.23 ? 382 HOH A O   1 
HETATM 1657 O O   . HOH B 2 .   ? -5.526  8.363   -14.658 1.00 29.45 ? 383 HOH A O   1 
HETATM 1658 O O   . HOH B 2 .   ? 9.830   -10.852 -8.906  1.00 29.52 ? 384 HOH A O   1 
HETATM 1659 O O   . HOH B 2 .   ? -13.365 10.555  16.311  1.00 29.52 ? 385 HOH A O   1 
HETATM 1660 O O   . HOH B 2 .   ? 0.906   17.206  -9.829  1.00 29.59 ? 386 HOH A O   1 
HETATM 1661 O O   . HOH B 2 .   ? 7.134   3.366   17.520  1.00 29.66 ? 387 HOH A O   1 
HETATM 1662 O O   . HOH B 2 .   ? 15.395  9.381   -8.533  1.00 29.88 ? 388 HOH A O   1 
HETATM 1663 O O   . HOH B 2 .   ? -5.315  13.833  9.611   1.00 29.95 ? 389 HOH A O   1 
HETATM 1664 O O   . HOH B 2 .   ? -19.450 4.951   16.948  1.00 30.02 ? 390 HOH A O   1 
HETATM 1665 O O   . HOH B 2 .   ? 4.120   -5.014  5.938   1.00 30.10 ? 391 HOH A O   1 
HETATM 1666 O O   . HOH B 2 .   ? 20.767  -5.683  -8.744  1.00 30.10 ? 392 HOH A O   1 
HETATM 1667 O O   . HOH B 2 .   ? -11.207 -15.872 5.900   1.00 30.46 ? 393 HOH A O   1 
HETATM 1668 O O   . HOH B 2 .   ? 8.878   8.696   -26.603 1.00 30.60 ? 394 HOH A O   1 
HETATM 1669 O O   . HOH B 2 .   ? 10.784  -0.279  4.046   1.00 30.67 ? 395 HOH A O   1 
HETATM 1670 O O   . HOH B 2 .   ? -2.165  13.175  -23.995 1.00 30.67 ? 396 HOH A O   1 
HETATM 1671 O O   . HOH B 2 .   ? -0.175  16.935  -18.167 1.00 30.74 ? 397 HOH A O   1 
HETATM 1672 O O   . HOH B 2 .   ? -14.981 -13.750 7.074   1.00 30.74 ? 398 HOH A O   1 
HETATM 1673 O O   . HOH B 2 .   ? -13.619 -9.165  -3.543  1.00 30.89 ? 399 HOH A O   1 
HETATM 1674 O O   . HOH B 2 .   ? 9.671   1.968   19.884  1.00 30.89 ? 400 HOH A O   1 
HETATM 1675 O O   . HOH B 2 .   ? 10.906  14.911  -2.861  1.00 30.89 ? 401 HOH A O   1 
HETATM 1676 O O   . HOH B 2 .   ? 7.068   -6.684  14.342  1.00 31.03 ? 402 HOH A O   1 
HETATM 1677 O O   . HOH B 2 .   ? -12.909 -14.265 14.442  1.00 31.10 ? 403 HOH A O   1 
HETATM 1678 O O   . HOH B 2 .   ? 18.934  -4.390  -17.247 1.00 31.25 ? 404 HOH A O   1 
HETATM 1679 O O   . HOH B 2 .   ? 6.746   6.695   7.310   1.00 31.39 ? 405 HOH A O   1 
HETATM 1680 O O   . HOH B 2 .   ? -13.572 -10.204 2.340   1.00 31.46 ? 406 HOH A O   1 
HETATM 1681 O O   . HOH B 2 .   ? -7.308  -10.731 -19.587 1.00 31.54 ? 407 HOH A O   1 
HETATM 1682 O O   . HOH B 2 .   ? 6.952   -8.017  -17.049 1.00 31.61 ? 408 HOH A O   1 
HETATM 1683 O O   . HOH B 2 .   ? -0.862  -3.468  29.655  1.00 31.97 ? 409 HOH A O   1 
HETATM 1684 O O   . HOH B 2 .   ? -14.693 1.126   19.578  1.00 32.04 ? 410 HOH A O   1 
HETATM 1685 O O   . HOH B 2 .   ? -5.351  -10.312 21.576  1.00 32.11 ? 411 HOH A O   1 
HETATM 1686 O O   . HOH B 2 .   ? -0.052  11.972  1.955   1.00 32.33 ? 412 HOH A O   1 
HETATM 1687 O O   . HOH B 2 .   ? 10.177  4.139   17.751  1.00 32.54 ? 413 HOH A O   1 
HETATM 1688 O O   . HOH B 2 .   ? -0.710  -13.879 14.734  1.00 32.54 ? 414 HOH A O   1 
HETATM 1689 O O   . HOH B 2 .   ? 6.680   2.795   25.164  1.00 32.69 ? 415 HOH A O   1 
HETATM 1690 O O   . HOH B 2 .   ? -4.639  -14.387 17.005  1.00 32.69 ? 416 HOH A O   1 
HETATM 1691 O O   . HOH B 2 .   ? 1.953   -9.234  -1.043  1.00 33.41 ? 417 HOH A O   1 
HETATM 1692 O O   . HOH B 2 .   ? -12.025 13.248  0.282   1.00 33.41 ? 418 HOH A O   1 
HETATM 1693 O O   . HOH B 2 .   ? 3.602   -13.281 1.422   1.00 33.48 ? 419 HOH A O   1 
HETATM 1694 O O   . HOH B 2 .   ? -15.612 -6.917  4.117   1.00 33.55 ? 420 HOH A O   1 
HETATM 1695 O O   . HOH B 2 .   ? 15.557  6.197   -3.581  1.00 33.70 ? 421 HOH A O   1 
HETATM 1696 O O   . HOH B 2 .   ? 2.217   12.703  -27.757 1.00 33.77 ? 422 HOH A O   1 
HETATM 1697 O O   . HOH B 2 .   ? 9.232   -6.987  -15.902 1.00 33.98 ? 423 HOH A O   1 
HETATM 1698 O O   . HOH B 2 .   ? -7.406  4.051   -6.688  1.00 33.98 ? 424 HOH A O   1 
HETATM 1699 O O   . HOH B 2 .   ? 9.291   11.218  -18.714 1.00 34.13 ? 425 HOH A O   1 
HETATM 1700 O O   . HOH B 2 .   ? 20.558  -0.385  -10.350 1.00 34.34 ? 426 HOH A O   1 
HETATM 1701 O O   . HOH B 2 .   ? -8.626  11.119  15.474  1.00 34.49 ? 427 HOH A O   1 
HETATM 1702 O O   . HOH B 2 .   ? -7.667  6.276   -10.692 1.00 34.56 ? 428 HOH A O   1 
HETATM 1703 O O   . HOH B 2 .   ? 16.736  8.041   -3.075  1.00 34.63 ? 429 HOH A O   1 
HETATM 1704 O O   . HOH B 2 .   ? -15.004 -15.020 8.839   1.00 34.92 ? 430 HOH A O   1 
HETATM 1705 O O   . HOH B 2 .   ? 14.747  -3.343  -19.324 1.00 35.28 ? 431 HOH A O   1 
HETATM 1706 O O   . HOH B 2 .   ? 4.803   9.791   16.805  1.00 35.50 ? 432 HOH A O   1 
HETATM 1707 O O   . HOH B 2 .   ? -5.891  -8.035  -18.386 1.00 35.64 ? 433 HOH A O   1 
HETATM 1708 O O   . HOH B 2 .   ? 3.129   -12.281 -0.338  1.00 35.86 ? 434 HOH A O   1 
HETATM 1709 O O   . HOH B 2 .   ? 15.966  3.979   -19.366 1.00 35.93 ? 435 HOH A O   1 
HETATM 1710 O O   . HOH B 2 .   ? -6.710  12.834  -12.694 1.00 36.07 ? 436 HOH A O   1 
HETATM 1711 O O   . HOH B 2 .   ? -8.995  -13.144 5.853   1.00 36.07 ? 437 HOH A O   1 
HETATM 1712 O O   . HOH B 2 .   ? -8.945  12.742  5.147   1.00 36.43 ? 438 HOH A O   1 
HETATM 1713 O O   . HOH B 2 .   ? 5.292   -14.028 2.085   1.00 36.86 ? 439 HOH A O   1 
HETATM 1714 O O   . HOH B 2 .   ? 8.926   -9.394  -3.217  1.00 37.22 ? 440 HOH A O   1 
HETATM 1715 O O   . HOH B 2 .   ? 3.289   -10.271 6.904   1.00 37.30 ? 441 HOH A O   1 
HETATM 1716 O O   . HOH B 2 .   ? 14.357  4.261   -8.136  1.00 37.80 ? 442 HOH A O   1 
HETATM 1717 O O   . HOH B 2 .   ? -10.193 6.366   -3.659  1.00 37.94 ? 443 HOH A O   1 
HETATM 1718 O O   . HOH B 2 .   ? 7.331   9.998   4.612   1.00 38.66 ? 444 HOH A O   1 
HETATM 1719 O O   . HOH B 2 .   ? -2.018  7.315   -25.046 1.00 39.46 ? 445 HOH A O   1 
HETATM 1720 O O   . HOH B 2 .   ? -15.748 14.371  2.456   1.00 40.03 ? 446 HOH A O   1 
HETATM 1721 O O   . HOH B 2 .   ? -17.378 12.161  10.405  1.00 40.90 ? 447 HOH A O   1 
HETATM 1722 O O   . HOH B 2 .   ? 3.886   13.846  -24.551 1.00 42.70 ? 448 HOH A O   1 
HETATM 1723 O O   . HOH B 2 .   ? 6.802   17.827  -4.588  1.00 43.06 ? 449 HOH A O   1 
HETATM 1724 O O   . HOH B 2 .   ? 16.884  9.737   -5.151  1.00 44.71 ? 450 HOH A O   1 
HETATM 1725 O O   . HOH B 2 .   ? -9.872  -0.271  26.981  1.00 45.36 ? 451 HOH A O   1 
HETATM 1726 O O   . HOH B 2 .   ? -14.556 -10.320 -1.346  1.00 46.51 ? 452 HOH A O   1 
HETATM 1727 O O   . HOH B 2 .   ? 12.219  -13.184 -6.780  1.00 47.09 ? 453 HOH A O   1 
HETATM 1728 O O   . HOH B 2 .   ? -0.494  -15.310 10.967  1.00 47.59 ? 454 HOH A O   1 
HETATM 1729 O O   . HOH B 2 .   ? -16.755 9.504   18.283  1.00 48.10 ? 455 HOH A O   1 
# 
